data_4D8W
#
_entry.id   4D8W
#
_cell.length_a   66.290
_cell.length_b   165.190
_cell.length_c   68.060
_cell.angle_alpha   90.00
_cell.angle_beta   118.71
_cell.angle_gamma   90.00
#
_symmetry.space_group_name_H-M   'P 1 21 1'
#
loop_
_entity.id
_entity.type
_entity.pdbx_description
1 polymer 'D-Cysteine desulfhydrase'
2 non-polymer 'CHLORIDE ION'
3 non-polymer BENZAMIDINE
4 non-polymer 'PYRUVIC ACID'
5 non-polymer 'SULFATE ION'
6 non-polymer 1,2-ETHANEDIOL
7 water water
#
_entity_poly.entity_id   1
_entity_poly.type   'polypeptide(L)'
_entity_poly.pdbx_seq_one_letter_code
;MRGSHHHHHHGMASMPLHHLTRFPRLEFIGAPTPLEYLPRLSDYLGREIYIKRDDVTPIAMGGN(LLP)LRKLEFLVADA
LREGADTLITAGAIQSNHVRQTAAVAAKLGLHCVALLENPIGTTAENYLTNGNRLLLDLFNTQIEMCDALTDPDAQLQTL
ATRIEAQGFRPYVIPVGGSSALGAMGYVESALEIAQQCEEVVGLSSVVVASGSAGTHAGLAVGLEHLMPDVELIGVTVSR
SVAEQKPKVIALQQAIAGQLALTATADIHLWDDYFAPGYGVPNDAGMEAVKLLASLEGVLLDPVYTGKAMAGLIDGISQK
RFNDDGPILFIHTGGAPALFAYHPHV
;
_entity_poly.pdbx_strand_id   A,B,C,D
#
loop_
_chem_comp.id
_chem_comp.type
_chem_comp.name
_chem_comp.formula
BEN non-polymer BENZAMIDINE 'C7 H8 N2'
CL non-polymer 'CHLORIDE ION' 'Cl -1'
EDO non-polymer 1,2-ETHANEDIOL 'C2 H6 O2'
PYR non-polymer 'PYRUVIC ACID' 'C3 H4 O3'
SO4 non-polymer 'SULFATE ION' 'O4 S -2'
#
# COMPACT_ATOMS: atom_id res chain seq x y z
N MET A 15 -22.88 -26.53 33.44
CA MET A 15 -21.95 -27.16 34.43
C MET A 15 -20.90 -28.08 33.78
N PRO A 16 -21.31 -28.96 32.84
CA PRO A 16 -20.36 -29.96 32.36
C PRO A 16 -19.19 -29.38 31.56
N LEU A 17 -19.41 -28.24 30.91
CA LEU A 17 -18.36 -27.59 30.12
C LEU A 17 -17.56 -26.54 30.91
N HIS A 18 -17.51 -26.68 32.23
CA HIS A 18 -16.87 -25.67 33.10
C HIS A 18 -15.38 -25.53 32.95
N HIS A 19 -14.69 -26.60 32.55
CA HIS A 19 -13.23 -26.53 32.33
C HIS A 19 -12.87 -25.68 31.13
N LEU A 20 -13.88 -25.18 30.42
CA LEU A 20 -13.69 -24.25 29.34
C LEU A 20 -13.17 -22.89 29.84
N THR A 21 -13.60 -22.52 31.04
CA THR A 21 -13.20 -21.26 31.68
C THR A 21 -11.70 -21.21 32.00
N ARG A 22 -11.05 -22.37 31.96
CA ARG A 22 -9.62 -22.51 32.23
C ARG A 22 -8.77 -21.83 31.15
N PHE A 23 -9.15 -22.00 29.88
CA PHE A 23 -8.36 -21.48 28.77
C PHE A 23 -8.50 -19.95 28.65
N PRO A 24 -7.36 -19.23 28.63
CA PRO A 24 -7.43 -17.80 28.36
C PRO A 24 -8.00 -17.55 26.97
N ARG A 25 -8.81 -16.52 26.82
CA ARG A 25 -9.32 -16.14 25.51
C ARG A 25 -9.50 -14.64 25.38
N LEU A 26 -9.26 -14.14 24.17
CA LEU A 26 -9.47 -12.73 23.87
C LEU A 26 -10.93 -12.55 23.50
N GLU A 27 -11.42 -11.31 23.61
CA GLU A 27 -12.80 -11.03 23.24
C GLU A 27 -12.85 -10.34 21.88
N PHE A 28 -13.20 -11.11 20.85
CA PHE A 28 -13.31 -10.58 19.49
C PHE A 28 -14.76 -10.45 19.06
N ILE A 29 -15.62 -11.32 19.58
CA ILE A 29 -17.02 -11.33 19.18
C ILE A 29 -17.85 -10.40 20.04
N GLY A 30 -17.71 -10.53 21.35
CA GLY A 30 -18.54 -9.78 22.28
C GLY A 30 -19.79 -10.58 22.61
N ALA A 31 -20.95 -10.01 22.30
CA ALA A 31 -22.24 -10.63 22.61
C ALA A 31 -22.49 -11.90 21.77
N PRO A 32 -23.38 -12.79 22.25
CA PRO A 32 -23.77 -13.95 21.43
C PRO A 32 -24.30 -13.51 20.08
N THR A 33 -23.88 -14.19 19.02
CA THR A 33 -24.36 -13.87 17.67
C THR A 33 -25.84 -14.23 17.53
N PRO A 34 -26.58 -13.54 16.64
CA PRO A 34 -28.01 -13.78 16.51
C PRO A 34 -28.34 -15.21 16.11
N LEU A 35 -29.43 -15.74 16.67
CA LEU A 35 -30.04 -16.97 16.19
C LEU A 35 -31.43 -16.60 15.68
N GLU A 36 -31.63 -16.73 14.38
CA GLU A 36 -32.84 -16.21 13.74
C GLU A 36 -33.68 -17.31 13.10
N TYR A 37 -35.00 -17.12 13.15
CA TYR A 37 -35.90 -17.95 12.36
C TYR A 37 -35.87 -17.48 10.91
N LEU A 38 -35.99 -18.41 9.98
CA LEU A 38 -36.05 -18.07 8.56
C LEU A 38 -37.42 -18.43 8.00
N PRO A 39 -38.40 -17.50 8.11
CA PRO A 39 -39.78 -17.84 7.77
C PRO A 39 -40.01 -18.15 6.28
N ARG A 40 -39.33 -17.46 5.38
CA ARG A 40 -39.55 -17.63 3.94
C ARG A 40 -38.87 -18.90 3.43
N LEU A 41 -37.64 -19.13 3.88
CA LEU A 41 -36.97 -20.38 3.54
C LEU A 41 -37.74 -21.57 4.11
N SER A 42 -38.21 -21.43 5.37
CA SER A 42 -39.01 -22.47 6.03
C SER A 42 -40.30 -22.77 5.26
N ASP A 43 -40.98 -21.70 4.82
CA ASP A 43 -42.17 -21.83 3.98
C ASP A 43 -41.87 -22.61 2.70
N TYR A 44 -40.75 -22.31 2.05
CA TYR A 44 -40.39 -23.00 0.80
C TYR A 44 -39.98 -24.47 1.02
N LEU A 45 -39.21 -24.72 2.08
CA LEU A 45 -38.67 -26.07 2.33
C LEU A 45 -39.65 -26.99 3.04
N GLY A 46 -40.67 -26.41 3.67
CA GLY A 46 -41.70 -27.19 4.34
C GLY A 46 -41.35 -27.68 5.73
N ARG A 47 -40.41 -27.00 6.38
CA ARG A 47 -40.12 -27.23 7.79
C ARG A 47 -39.35 -26.06 8.38
N GLU A 48 -39.29 -26.02 9.71
CA GLU A 48 -38.72 -24.88 10.42
C GLU A 48 -37.20 -24.85 10.28
N ILE A 49 -36.69 -23.74 9.71
CA ILE A 49 -35.25 -23.52 9.61
C ILE A 49 -34.86 -22.30 10.44
N TYR A 50 -33.90 -22.50 11.34
CA TYR A 50 -33.26 -21.42 12.07
C TYR A 50 -31.83 -21.28 11.57
N ILE A 51 -31.21 -20.13 11.85
CA ILE A 51 -29.85 -19.85 11.39
C ILE A 51 -29.03 -19.23 12.54
N LYS A 52 -27.85 -19.79 12.78
CA LYS A 52 -26.92 -19.22 13.74
C LYS A 52 -25.96 -18.31 12.98
N ARG A 53 -26.06 -17.01 13.24
CA ARG A 53 -25.39 -15.99 12.44
C ARG A 53 -23.95 -15.72 12.87
N ASP A 54 -23.09 -16.74 12.77
CA ASP A 54 -21.66 -16.55 13.05
C ASP A 54 -20.94 -15.80 11.92
N ASP A 55 -21.68 -15.48 10.85
CA ASP A 55 -21.18 -14.62 9.79
C ASP A 55 -21.20 -13.15 10.23
N VAL A 56 -21.93 -12.87 11.31
CA VAL A 56 -22.06 -11.52 11.84
C VAL A 56 -21.21 -11.40 13.09
N THR A 57 -19.94 -11.06 12.88
CA THR A 57 -19.03 -10.75 13.98
C THR A 57 -18.31 -9.45 13.59
N PRO A 58 -17.74 -8.73 14.58
CA PRO A 58 -17.33 -7.37 14.30
C PRO A 58 -16.00 -7.23 13.56
N ILE A 59 -15.24 -8.32 13.43
CA ILE A 59 -13.91 -8.19 12.82
C ILE A 59 -13.86 -8.55 11.34
N ALA A 60 -13.55 -7.54 10.52
CA ALA A 60 -13.24 -7.70 9.09
C ALA A 60 -14.12 -8.72 8.35
N MET A 61 -15.42 -8.43 8.35
CA MET A 61 -16.43 -9.20 7.59
C MET A 61 -16.81 -10.57 8.16
N GLY A 62 -16.34 -10.86 9.37
CA GLY A 62 -16.89 -11.95 10.18
C GLY A 62 -16.50 -13.37 9.81
N GLY A 63 -17.06 -14.33 10.55
CA GLY A 63 -16.87 -15.74 10.26
C GLY A 63 -16.56 -16.62 11.44
N ASN A 64 -16.71 -17.93 11.24
CA ASN A 64 -16.47 -18.92 12.28
C ASN A 64 -15.04 -18.93 12.80
N1 LLP A 65 -17.49 -22.08 6.43
C2 LLP A 65 -16.66 -21.03 6.29
C2' LLP A 65 -17.24 -19.75 5.74
C3 LLP A 65 -15.32 -21.13 6.63
O3 LLP A 65 -14.47 -20.06 6.47
C4 LLP A 65 -14.84 -22.34 7.13
C4' LLP A 65 -13.40 -22.46 7.51
C5 LLP A 65 -15.73 -23.41 7.27
C6 LLP A 65 -17.07 -23.25 6.91
C5' LLP A 65 -15.33 -24.77 7.78
OP4 LLP A 65 -14.98 -24.73 9.16
P LLP A 65 -13.85 -25.77 9.65
OP1 LLP A 65 -12.61 -25.37 8.87
OP2 LLP A 65 -13.76 -25.50 11.12
OP3 LLP A 65 -14.37 -27.15 9.29
N LLP A 65 -14.09 -18.59 11.93
CA LLP A 65 -12.66 -18.64 12.27
CB LLP A 65 -11.82 -18.31 11.02
CG LLP A 65 -12.12 -19.23 9.82
CD LLP A 65 -11.93 -20.72 10.12
CE LLP A 65 -11.65 -21.58 8.89
NZ LLP A 65 -12.82 -21.45 8.01
C LLP A 65 -12.32 -17.73 13.42
O LLP A 65 -11.39 -17.99 14.17
N LEU A 66 -13.09 -16.65 13.57
CA LEU A 66 -12.89 -15.70 14.68
C LEU A 66 -13.08 -16.30 16.06
N ARG A 67 -14.04 -17.22 16.19
CA ARG A 67 -14.24 -17.92 17.47
C ARG A 67 -13.00 -18.70 17.87
N LYS A 68 -12.37 -19.36 16.91
CA LYS A 68 -11.16 -20.15 17.16
C LYS A 68 -10.00 -19.25 17.54
N LEU A 69 -9.89 -18.11 16.83
CA LEU A 69 -8.81 -17.16 17.04
C LEU A 69 -8.82 -16.53 18.44
N GLU A 70 -10.00 -16.43 19.03
CA GLU A 70 -10.11 -15.96 20.42
C GLU A 70 -9.22 -16.79 21.35
N PHE A 71 -9.20 -18.10 21.12
CA PHE A 71 -8.40 -19.03 21.94
C PHE A 71 -6.95 -19.16 21.46
N LEU A 72 -6.77 -19.28 20.15
CA LEU A 72 -5.44 -19.43 19.56
C LEU A 72 -4.54 -18.22 19.83
N VAL A 73 -5.09 -17.02 19.67
CA VAL A 73 -4.31 -15.79 19.78
C VAL A 73 -4.00 -15.44 21.25
N ALA A 74 -4.92 -15.76 22.16
CA ALA A 74 -4.67 -15.61 23.59
C ALA A 74 -3.49 -16.52 23.99
N ASP A 75 -3.50 -17.76 23.48
CA ASP A 75 -2.37 -18.68 23.66
C ASP A 75 -1.08 -18.07 23.11
N ALA A 76 -1.16 -17.50 21.91
CA ALA A 76 0.00 -16.84 21.30
C ALA A 76 0.55 -15.73 22.19
N LEU A 77 -0.34 -14.85 22.66
CA LEU A 77 0.07 -13.77 23.57
C LEU A 77 0.65 -14.28 24.88
N ARG A 78 0.02 -15.32 25.45
CA ARG A 78 0.47 -15.94 26.70
C ARG A 78 1.94 -16.33 26.64
N GLU A 79 2.37 -16.87 25.50
CA GLU A 79 3.74 -17.35 25.35
C GLU A 79 4.71 -16.30 24.79
N GLY A 80 4.24 -15.07 24.60
CA GLY A 80 5.09 -13.97 24.15
C GLY A 80 5.35 -13.89 22.65
N ALA A 81 4.55 -14.60 21.86
CA ALA A 81 4.63 -14.53 20.40
C ALA A 81 4.27 -13.13 19.88
N ASP A 82 4.91 -12.70 18.80
CA ASP A 82 4.62 -11.38 18.21
C ASP A 82 4.23 -11.49 16.74
N THR A 83 4.15 -12.74 16.26
CA THR A 83 3.91 -13.03 14.86
C THR A 83 3.02 -14.25 14.73
N LEU A 84 1.97 -14.13 13.93
CA LEU A 84 1.08 -15.26 13.64
C LEU A 84 1.35 -15.79 12.24
N ILE A 85 1.62 -17.09 12.16
CA ILE A 85 1.85 -17.74 10.88
C ILE A 85 0.81 -18.82 10.65
N THR A 86 0.16 -18.75 9.49
CA THR A 86 -0.87 -19.71 9.11
C THR A 86 -0.88 -19.95 7.59
N ALA A 87 -1.75 -20.84 7.15
CA ALA A 87 -1.79 -21.25 5.75
C ALA A 87 -3.22 -21.41 5.26
N GLY A 88 -3.41 -21.28 3.94
CA GLY A 88 -4.71 -21.56 3.33
C GLY A 88 -4.71 -21.25 1.85
N ALA A 89 -5.88 -21.41 1.23
CA ALA A 89 -6.09 -21.00 -0.15
C ALA A 89 -5.93 -19.49 -0.27
N ILE A 90 -5.73 -19.02 -1.50
CA ILE A 90 -5.65 -17.58 -1.78
C ILE A 90 -6.89 -16.87 -1.21
N GLN A 91 -8.05 -17.52 -1.33
CA GLN A 91 -9.32 -16.96 -0.86
C GLN A 91 -9.78 -17.49 0.50
N SER A 92 -8.84 -17.99 1.28
CA SER A 92 -9.08 -18.45 2.65
C SER A 92 -9.71 -17.37 3.53
N ASN A 93 -10.79 -17.73 4.21
CA ASN A 93 -11.41 -16.86 5.21
C ASN A 93 -10.59 -16.76 6.48
N HIS A 94 -9.99 -17.89 6.88
CA HIS A 94 -9.13 -17.96 8.06
C HIS A 94 -7.95 -17.03 7.97
N VAL A 95 -7.23 -17.06 6.85
CA VAL A 95 -6.07 -16.19 6.68
C VAL A 95 -6.49 -14.72 6.84
N ARG A 96 -7.61 -14.35 6.21
CA ARG A 96 -8.13 -12.98 6.28
C ARG A 96 -8.48 -12.56 7.72
N GLN A 97 -9.16 -13.45 8.44
CA GLN A 97 -9.51 -13.18 9.83
C GLN A 97 -8.27 -13.16 10.75
N THR A 98 -7.32 -14.06 10.50
CA THR A 98 -6.05 -14.08 11.25
C THR A 98 -5.26 -12.79 11.03
N ALA A 99 -5.20 -12.34 9.78
CA ALA A 99 -4.47 -11.12 9.42
C ALA A 99 -5.14 -9.89 10.01
N ALA A 100 -6.47 -9.89 10.04
CA ALA A 100 -7.23 -8.79 10.63
C ALA A 100 -6.95 -8.68 12.12
N VAL A 101 -7.00 -9.81 12.81
CA VAL A 101 -6.73 -9.86 14.25
C VAL A 101 -5.28 -9.45 14.55
N ALA A 102 -4.34 -9.93 13.73
CA ALA A 102 -2.93 -9.57 13.90
C ALA A 102 -2.71 -8.07 13.79
N ALA A 103 -3.30 -7.45 12.77
CA ALA A 103 -3.26 -5.99 12.61
C ALA A 103 -3.82 -5.29 13.86
N LYS A 104 -5.03 -5.71 14.28
CA LYS A 104 -5.71 -5.16 15.45
C LYS A 104 -4.81 -5.16 16.70
N LEU A 105 -4.06 -6.26 16.87
CA LEU A 105 -3.23 -6.44 18.06
C LEU A 105 -1.77 -6.01 17.89
N GLY A 106 -1.43 -5.49 16.72
CA GLY A 106 -0.06 -5.08 16.44
C GLY A 106 0.90 -6.26 16.36
N LEU A 107 0.37 -7.43 16.01
CA LEU A 107 1.19 -8.60 15.73
C LEU A 107 1.50 -8.66 14.24
N HIS A 108 2.66 -9.22 13.90
CA HIS A 108 2.98 -9.50 12.51
C HIS A 108 2.20 -10.71 12.06
N CYS A 109 2.00 -10.83 10.75
CA CYS A 109 1.29 -11.99 10.19
C CYS A 109 1.93 -12.45 8.89
N VAL A 110 2.18 -13.75 8.81
CA VAL A 110 2.74 -14.37 7.61
C VAL A 110 1.79 -15.47 7.13
N ALA A 111 1.43 -15.42 5.85
CA ALA A 111 0.44 -16.32 5.26
C ALA A 111 1.03 -17.16 4.14
N LEU A 112 1.01 -18.47 4.32
CA LEU A 112 1.39 -19.41 3.28
C LEU A 112 0.17 -19.74 2.43
N LEU A 113 0.15 -19.26 1.19
CA LEU A 113 -1.02 -19.40 0.33
C LEU A 113 -0.81 -20.34 -0.85
N GLU A 114 -1.86 -21.10 -1.18
CA GLU A 114 -1.87 -21.92 -2.39
C GLU A 114 -3.05 -21.53 -3.27
N ASN A 115 -2.94 -21.83 -4.56
CA ASN A 115 -4.06 -21.77 -5.49
C ASN A 115 -4.59 -23.20 -5.65
N PRO A 116 -5.68 -23.55 -4.93
CA PRO A 116 -6.11 -24.94 -4.89
C PRO A 116 -6.86 -25.42 -6.16
N ILE A 117 -7.28 -24.49 -7.01
CA ILE A 117 -8.12 -24.84 -8.15
C ILE A 117 -7.47 -24.50 -9.50
N GLY A 118 -6.21 -24.05 -9.46
CA GLY A 118 -5.44 -23.72 -10.66
C GLY A 118 -6.03 -22.64 -11.55
N THR A 119 -6.80 -21.74 -10.95
CA THR A 119 -7.44 -20.66 -11.72
C THR A 119 -6.46 -19.55 -12.08
N THR A 120 -6.66 -18.93 -13.24
CA THR A 120 -5.94 -17.72 -13.60
C THR A 120 -6.86 -16.50 -13.58
N ALA A 121 -8.12 -16.70 -13.16
CA ALA A 121 -9.10 -15.61 -13.09
C ALA A 121 -8.64 -14.50 -12.14
N GLU A 122 -8.58 -13.28 -12.66
CA GLU A 122 -8.02 -12.14 -11.94
C GLU A 122 -8.71 -11.80 -10.60
N ASN A 123 -10.04 -11.93 -10.55
CA ASN A 123 -10.75 -11.71 -9.29
C ASN A 123 -10.47 -12.77 -8.23
N TYR A 124 -10.27 -14.01 -8.65
CA TYR A 124 -9.84 -15.02 -7.68
C TYR A 124 -8.44 -14.70 -7.17
N LEU A 125 -7.57 -14.29 -8.09
CA LEU A 125 -6.17 -14.01 -7.75
C LEU A 125 -5.93 -12.77 -6.89
N THR A 126 -6.77 -11.74 -7.03
CA THR A 126 -6.46 -10.42 -6.44
C THR A 126 -7.60 -9.71 -5.71
N ASN A 127 -8.84 -10.19 -5.88
CA ASN A 127 -10.00 -9.55 -5.25
C ASN A 127 -10.42 -10.33 -4.00
N GLY A 128 -11.56 -9.94 -3.40
CA GLY A 128 -12.10 -10.63 -2.23
C GLY A 128 -11.16 -10.69 -1.04
N ASN A 129 -11.07 -11.87 -0.44
CA ASN A 129 -10.22 -12.08 0.74
C ASN A 129 -8.77 -11.68 0.49
N ARG A 130 -8.26 -11.99 -0.71
CA ARG A 130 -6.87 -11.72 -1.09
C ARG A 130 -6.56 -10.22 -1.10
N LEU A 131 -7.51 -9.44 -1.59
CA LEU A 131 -7.43 -7.98 -1.51
C LEU A 131 -7.25 -7.50 -0.06
N LEU A 132 -8.08 -8.02 0.84
CA LEU A 132 -8.07 -7.61 2.24
C LEU A 132 -6.73 -7.91 2.91
N LEU A 133 -6.10 -9.01 2.52
CA LEU A 133 -4.79 -9.39 3.06
C LEU A 133 -3.76 -8.27 2.90
N ASP A 134 -3.76 -7.62 1.74
CA ASP A 134 -2.82 -6.52 1.48
C ASP A 134 -3.11 -5.30 2.38
N LEU A 135 -4.38 -5.05 2.65
CA LEU A 135 -4.77 -3.94 3.53
C LEU A 135 -4.29 -4.16 4.97
N PHE A 136 -4.25 -5.43 5.39
CA PHE A 136 -3.76 -5.80 6.72
C PHE A 136 -2.24 -5.95 6.81
N ASN A 137 -1.53 -5.60 5.74
CA ASN A 137 -0.07 -5.71 5.68
C ASN A 137 0.45 -7.13 5.95
N THR A 138 -0.27 -8.12 5.43
CA THR A 138 0.11 -9.53 5.58
C THR A 138 1.35 -9.83 4.75
N GLN A 139 2.34 -10.48 5.35
CA GLN A 139 3.45 -11.00 4.56
C GLN A 139 2.98 -12.25 3.84
N ILE A 140 3.08 -12.24 2.52
CA ILE A 140 2.57 -13.34 1.68
C ILE A 140 3.70 -14.25 1.22
N GLU A 141 3.57 -15.53 1.55
CA GLU A 141 4.47 -16.57 1.07
C GLU A 141 3.64 -17.49 0.17
N MET A 142 3.91 -17.45 -1.13
CA MET A 142 3.22 -18.35 -2.07
C MET A 142 3.88 -19.72 -2.07
N CYS A 143 3.08 -20.75 -2.34
CA CYS A 143 3.60 -22.10 -2.57
C CYS A 143 2.77 -22.81 -3.64
N ASP A 144 3.39 -23.78 -4.30
CA ASP A 144 2.74 -24.56 -5.35
C ASP A 144 1.51 -25.29 -4.86
N ALA A 145 1.64 -25.95 -3.71
CA ALA A 145 0.55 -26.68 -3.07
C ALA A 145 0.86 -26.88 -1.60
N LEU A 146 -0.19 -26.97 -0.79
CA LEU A 146 -0.05 -27.31 0.62
C LEU A 146 -0.14 -28.83 0.77
N THR A 147 0.93 -29.52 0.39
CA THR A 147 0.97 -30.98 0.46
C THR A 147 1.17 -31.48 1.89
N ASP A 148 2.01 -30.77 2.65
CA ASP A 148 2.24 -31.09 4.05
C ASP A 148 2.22 -29.79 4.84
N PRO A 149 1.03 -29.24 5.11
CA PRO A 149 0.89 -27.90 5.71
C PRO A 149 1.64 -27.74 7.03
N ASP A 150 1.52 -28.72 7.93
CA ASP A 150 2.20 -28.66 9.24
C ASP A 150 3.72 -28.54 9.09
N ALA A 151 4.30 -29.33 8.19
CA ALA A 151 5.75 -29.28 7.94
C ALA A 151 6.14 -27.98 7.23
N GLN A 152 5.35 -27.59 6.24
CA GLN A 152 5.60 -26.37 5.47
C GLN A 152 5.51 -25.11 6.34
N LEU A 153 4.55 -25.10 7.26
CA LEU A 153 4.41 -24.01 8.24
C LEU A 153 5.60 -23.91 9.17
N GLN A 154 6.14 -25.05 9.60
CA GLN A 154 7.31 -25.07 10.50
C GLN A 154 8.59 -24.59 9.80
N THR A 155 8.77 -24.99 8.54
CA THR A 155 9.87 -24.51 7.72
C THR A 155 9.81 -22.98 7.61
N LEU A 156 8.61 -22.47 7.32
CA LEU A 156 8.39 -21.03 7.24
C LEU A 156 8.69 -20.35 8.58
N ALA A 157 8.19 -20.93 9.66
CA ALA A 157 8.39 -20.40 11.01
C ALA A 157 9.86 -20.31 11.40
N THR A 158 10.64 -21.28 10.93
CA THR A 158 12.09 -21.29 11.16
C THR A 158 12.76 -20.10 10.46
N ARG A 159 12.39 -19.88 9.19
CA ARG A 159 12.89 -18.75 8.42
C ARG A 159 12.52 -17.42 9.08
N ILE A 160 11.26 -17.31 9.54
CA ILE A 160 10.75 -16.10 10.18
C ILE A 160 11.45 -15.83 11.52
N GLU A 161 11.66 -16.90 12.31
CA GLU A 161 12.35 -16.83 13.59
C GLU A 161 13.80 -16.33 13.45
N ALA A 162 14.46 -16.73 12.37
CA ALA A 162 15.82 -16.29 12.07
C ALA A 162 15.93 -14.77 11.89
N GLN A 163 14.80 -14.13 11.57
CA GLN A 163 14.75 -12.67 11.44
C GLN A 163 14.54 -11.97 12.78
N GLY A 164 14.35 -12.77 13.84
CA GLY A 164 14.18 -12.22 15.17
C GLY A 164 12.73 -12.10 15.63
N PHE A 165 11.79 -12.44 14.74
CA PHE A 165 10.37 -12.52 15.12
C PHE A 165 10.15 -13.69 16.07
N ARG A 166 9.10 -13.61 16.88
CA ARG A 166 8.69 -14.71 17.75
C ARG A 166 7.38 -15.31 17.23
N PRO A 167 7.48 -16.32 16.35
CA PRO A 167 6.31 -16.83 15.62
C PRO A 167 5.41 -17.77 16.43
N TYR A 168 4.11 -17.72 16.12
CA TYR A 168 3.14 -18.68 16.64
C TYR A 168 2.44 -19.29 15.43
N VAL A 169 2.58 -20.60 15.28
CA VAL A 169 2.01 -21.30 14.14
C VAL A 169 0.57 -21.66 14.43
N ILE A 170 -0.32 -21.23 13.54
CA ILE A 170 -1.74 -21.60 13.59
C ILE A 170 -2.01 -22.56 12.44
N PRO A 171 -2.50 -23.78 12.74
CA PRO A 171 -2.74 -24.75 11.67
C PRO A 171 -3.81 -24.27 10.69
N VAL A 172 -3.90 -24.95 9.55
CA VAL A 172 -4.91 -24.70 8.52
C VAL A 172 -6.30 -24.61 9.16
N GLY A 173 -7.03 -23.54 8.82
CA GLY A 173 -8.38 -23.32 9.29
C GLY A 173 -8.53 -23.07 10.77
N GLY A 174 -7.40 -22.88 11.47
CA GLY A 174 -7.38 -22.74 12.93
C GLY A 174 -7.85 -23.97 13.70
N SER A 175 -7.87 -25.12 13.01
CA SER A 175 -8.44 -26.33 13.59
C SER A 175 -7.49 -27.18 14.43
N SER A 176 -7.22 -26.72 15.65
CA SER A 176 -6.62 -27.54 16.68
C SER A 176 -7.67 -27.73 17.75
N ALA A 177 -7.42 -28.62 18.71
CA ALA A 177 -8.34 -28.82 19.84
C ALA A 177 -8.59 -27.50 20.58
N LEU A 178 -7.53 -26.70 20.70
CA LEU A 178 -7.64 -25.40 21.35
C LEU A 178 -8.48 -24.41 20.53
N GLY A 179 -8.21 -24.31 19.22
CA GLY A 179 -9.04 -23.48 18.34
C GLY A 179 -10.50 -23.89 18.38
N ALA A 180 -10.73 -25.20 18.35
CA ALA A 180 -12.08 -25.77 18.37
C ALA A 180 -12.89 -25.44 19.63
N MET A 181 -12.22 -25.03 20.71
CA MET A 181 -12.91 -24.58 21.92
C MET A 181 -13.88 -23.43 21.63
N GLY A 182 -13.56 -22.62 20.62
CA GLY A 182 -14.45 -21.57 20.15
C GLY A 182 -15.84 -22.08 19.83
N TYR A 183 -15.93 -23.30 19.27
CA TYR A 183 -17.23 -23.87 18.92
C TYR A 183 -17.91 -24.70 20.02
N VAL A 184 -17.14 -25.09 21.03
CA VAL A 184 -17.73 -25.60 22.27
C VAL A 184 -18.48 -24.44 22.91
N GLU A 185 -17.85 -23.26 22.89
CA GLU A 185 -18.45 -22.02 23.37
C GLU A 185 -19.72 -21.65 22.58
N SER A 186 -19.65 -21.79 21.26
CA SER A 186 -20.79 -21.51 20.39
C SER A 186 -22.01 -22.39 20.73
N ALA A 187 -21.73 -23.66 21.08
CA ALA A 187 -22.78 -24.60 21.47
C ALA A 187 -23.52 -24.15 22.73
N LEU A 188 -22.77 -23.58 23.68
CA LEU A 188 -23.38 -22.98 24.86
C LEU A 188 -24.38 -21.89 24.49
N GLU A 189 -23.95 -20.97 23.62
CA GLU A 189 -24.81 -19.89 23.11
C GLU A 189 -26.08 -20.47 22.49
N ILE A 190 -25.90 -21.44 21.60
CA ILE A 190 -27.00 -22.09 20.91
C ILE A 190 -27.99 -22.71 21.91
N ALA A 191 -27.49 -23.48 22.86
CA ALA A 191 -28.33 -24.12 23.87
C ALA A 191 -29.15 -23.09 24.65
N GLN A 192 -28.49 -22.01 25.09
CA GLN A 192 -29.17 -20.95 25.84
C GLN A 192 -30.21 -20.20 24.98
N GLN A 193 -29.84 -19.93 23.73
CA GLN A 193 -30.71 -19.24 22.78
C GLN A 193 -31.94 -20.06 22.40
N CYS A 194 -31.78 -21.38 22.34
CA CYS A 194 -32.90 -22.28 22.02
C CYS A 194 -33.79 -22.59 23.21
N GLU A 195 -33.25 -22.40 24.43
CA GLU A 195 -33.94 -22.77 25.67
C GLU A 195 -35.30 -22.09 25.79
N GLU A 196 -36.33 -22.89 26.03
CA GLU A 196 -37.73 -22.44 26.11
C GLU A 196 -38.23 -21.70 24.86
N VAL A 197 -37.47 -21.77 23.77
CA VAL A 197 -37.82 -21.07 22.52
C VAL A 197 -38.10 -22.06 21.37
N VAL A 198 -37.17 -22.97 21.12
CA VAL A 198 -37.33 -23.94 20.03
C VAL A 198 -36.76 -25.31 20.39
N GLY A 199 -37.54 -26.35 20.10
CA GLY A 199 -37.09 -27.74 20.26
C GLY A 199 -36.37 -28.21 19.01
N LEU A 200 -35.05 -28.06 19.01
CA LEU A 200 -34.23 -28.37 17.84
C LEU A 200 -34.11 -29.87 17.61
N SER A 201 -34.16 -30.28 16.35
CA SER A 201 -33.98 -31.68 15.99
CA SER A 201 -33.96 -31.68 16.01
C SER A 201 -32.60 -31.94 15.38
N SER A 202 -32.18 -31.02 14.50
CA SER A 202 -30.93 -31.18 13.77
C SER A 202 -30.14 -29.89 13.66
N VAL A 203 -28.83 -30.02 13.51
CA VAL A 203 -27.93 -28.89 13.26
C VAL A 203 -27.08 -29.23 12.04
N VAL A 204 -26.96 -28.29 11.11
CA VAL A 204 -26.13 -28.46 9.91
C VAL A 204 -24.99 -27.44 9.88
N VAL A 205 -23.77 -27.94 9.67
CA VAL A 205 -22.60 -27.08 9.52
C VAL A 205 -21.69 -27.64 8.40
N ALA A 206 -21.04 -26.74 7.65
CA ALA A 206 -20.01 -27.15 6.71
C ALA A 206 -18.85 -27.79 7.49
N SER A 207 -18.28 -28.85 6.95
CA SER A 207 -17.19 -29.56 7.60
C SER A 207 -15.95 -29.56 6.72
N GLY A 208 -14.97 -28.73 7.06
CA GLY A 208 -13.78 -28.53 6.24
C GLY A 208 -12.55 -29.00 6.99
N SER A 209 -11.81 -28.07 7.59
CA SER A 209 -10.64 -28.42 8.41
C SER A 209 -11.06 -29.06 9.75
N ALA A 210 -12.36 -29.05 10.03
CA ALA A 210 -13.01 -29.91 11.04
C ALA A 210 -13.16 -29.34 12.46
N GLY A 211 -12.51 -28.22 12.76
CA GLY A 211 -12.57 -27.60 14.09
C GLY A 211 -13.96 -27.16 14.52
N THR A 212 -14.72 -26.56 13.60
CA THR A 212 -16.08 -26.11 13.90
C THR A 212 -16.99 -27.30 14.23
N HIS A 213 -16.99 -28.28 13.34
CA HIS A 213 -17.76 -29.52 13.51
C HIS A 213 -17.44 -30.19 14.82
N ALA A 214 -16.14 -30.35 15.12
CA ALA A 214 -15.71 -31.07 16.31
C ALA A 214 -16.09 -30.33 17.60
N GLY A 215 -15.89 -29.02 17.62
CA GLY A 215 -16.30 -28.18 18.74
C GLY A 215 -17.78 -28.29 19.04
N LEU A 216 -18.60 -28.10 18.01
CA LEU A 216 -20.05 -28.25 18.12
C LEU A 216 -20.45 -29.66 18.56
N ALA A 217 -19.75 -30.67 18.03
CA ALA A 217 -20.02 -32.06 18.40
C ALA A 217 -19.89 -32.30 19.91
N VAL A 218 -18.82 -31.79 20.51
CA VAL A 218 -18.58 -31.96 21.94
C VAL A 218 -19.61 -31.16 22.75
N GLY A 219 -19.77 -29.89 22.40
CA GLY A 219 -20.72 -29.02 23.08
C GLY A 219 -22.14 -29.56 23.04
N LEU A 220 -22.60 -29.94 21.86
CA LEU A 220 -23.97 -30.40 21.66
C LEU A 220 -24.25 -31.76 22.30
N GLU A 221 -23.24 -32.64 22.31
CA GLU A 221 -23.39 -33.92 23.03
C GLU A 221 -23.73 -33.67 24.51
N HIS A 222 -23.13 -32.66 25.10
CA HIS A 222 -23.31 -32.41 26.54
C HIS A 222 -24.45 -31.50 26.89
N LEU A 223 -24.78 -30.58 25.99
CA LEU A 223 -25.85 -29.62 26.25
C LEU A 223 -27.19 -30.01 25.63
N MET A 224 -27.15 -30.60 24.44
CA MET A 224 -28.39 -30.97 23.73
C MET A 224 -28.25 -32.37 23.13
N PRO A 225 -28.19 -33.41 23.99
CA PRO A 225 -27.79 -34.76 23.54
C PRO A 225 -28.69 -35.40 22.48
N ASP A 226 -29.95 -34.97 22.40
CA ASP A 226 -30.90 -35.56 21.45
C ASP A 226 -30.87 -34.89 20.07
N VAL A 227 -30.09 -33.81 19.96
CA VAL A 227 -29.96 -33.10 18.70
C VAL A 227 -28.98 -33.85 17.77
N GLU A 228 -29.38 -34.01 16.51
CA GLU A 228 -28.53 -34.62 15.49
C GLU A 228 -27.66 -33.60 14.78
N LEU A 229 -26.34 -33.71 14.95
CA LEU A 229 -25.37 -32.82 14.28
C LEU A 229 -24.90 -33.41 12.95
N ILE A 230 -25.17 -32.70 11.87
CA ILE A 230 -24.78 -33.12 10.52
C ILE A 230 -23.70 -32.18 9.95
N GLY A 231 -22.55 -32.75 9.61
CA GLY A 231 -21.52 -32.03 8.88
C GLY A 231 -21.62 -32.30 7.38
N VAL A 232 -21.66 -31.23 6.58
CA VAL A 232 -21.63 -31.37 5.12
C VAL A 232 -20.19 -31.09 4.69
N THR A 233 -19.53 -32.11 4.13
CA THR A 233 -18.12 -31.94 3.74
C THR A 233 -17.99 -30.96 2.59
N VAL A 234 -16.89 -30.21 2.59
CA VAL A 234 -16.64 -29.21 1.53
C VAL A 234 -15.38 -29.54 0.74
N SER A 235 -14.64 -30.55 1.19
CA SER A 235 -13.35 -30.86 0.57
C SER A 235 -13.01 -32.36 0.48
N ARG A 236 -13.69 -33.19 1.28
CA ARG A 236 -13.35 -34.61 1.40
C ARG A 236 -14.57 -35.51 1.46
N SER A 237 -14.35 -36.80 1.20
CA SER A 237 -15.37 -37.81 1.39
C SER A 237 -15.53 -38.11 2.89
N VAL A 238 -16.63 -38.77 3.25
CA VAL A 238 -16.86 -39.24 4.62
C VAL A 238 -15.64 -40.03 5.14
N ALA A 239 -15.15 -40.97 4.32
CA ALA A 239 -14.02 -41.82 4.72
C ALA A 239 -12.77 -41.03 5.10
N GLU A 240 -12.43 -40.02 4.32
CA GLU A 240 -11.27 -39.17 4.61
C GLU A 240 -11.54 -38.17 5.75
N GLN A 241 -12.74 -37.60 5.77
CA GLN A 241 -13.08 -36.55 6.73
C GLN A 241 -13.34 -37.06 8.15
N LYS A 242 -14.06 -38.17 8.27
CA LYS A 242 -14.54 -38.63 9.58
C LYS A 242 -13.43 -38.83 10.62
N PRO A 243 -12.30 -39.50 10.25
CA PRO A 243 -11.22 -39.60 11.23
C PRO A 243 -10.68 -38.24 11.71
N LYS A 244 -10.66 -37.24 10.84
CA LYS A 244 -10.19 -35.90 11.23
C LYS A 244 -11.12 -35.28 12.27
N VAL A 245 -12.43 -35.38 12.04
CA VAL A 245 -13.41 -34.85 12.98
C VAL A 245 -13.32 -35.59 14.32
N ILE A 246 -13.29 -36.93 14.26
CA ILE A 246 -13.19 -37.76 15.45
C ILE A 246 -11.96 -37.42 16.29
N ALA A 247 -10.80 -37.32 15.64
CA ALA A 247 -9.54 -36.99 16.33
C ALA A 247 -9.69 -35.72 17.15
N LEU A 248 -10.29 -34.68 16.55
CA LEU A 248 -10.47 -33.40 17.23
C LEU A 248 -11.49 -33.49 18.34
N GLN A 249 -12.62 -34.15 18.08
CA GLN A 249 -13.67 -34.38 19.08
C GLN A 249 -13.10 -34.98 20.36
N GLN A 250 -12.29 -36.03 20.20
CA GLN A 250 -11.69 -36.72 21.33
C GLN A 250 -10.65 -35.86 22.06
N ALA A 251 -9.81 -35.16 21.29
CA ALA A 251 -8.82 -34.26 21.88
C ALA A 251 -9.49 -33.13 22.66
N ILE A 252 -10.56 -32.56 22.09
CA ILE A 252 -11.37 -31.53 22.77
C ILE A 252 -11.95 -32.06 24.09
N ALA A 253 -12.63 -33.22 24.02
CA ALA A 253 -13.23 -33.84 25.20
C ALA A 253 -12.19 -34.09 26.30
N GLY A 254 -11.03 -34.64 25.91
CA GLY A 254 -9.91 -34.84 26.81
C GLY A 254 -9.45 -33.57 27.51
N GLN A 255 -9.32 -32.49 26.73
CA GLN A 255 -8.89 -31.19 27.28
C GLN A 255 -9.91 -30.62 28.27
N LEU A 256 -11.16 -31.07 28.16
CA LEU A 256 -12.24 -30.56 29.01
C LEU A 256 -12.60 -31.51 30.16
N ALA A 257 -11.83 -32.60 30.30
CA ALA A 257 -12.10 -33.66 31.28
C ALA A 257 -13.49 -34.29 31.07
N LEU A 258 -13.84 -34.51 29.80
CA LEU A 258 -15.14 -35.08 29.43
C LEU A 258 -14.94 -36.28 28.54
N THR A 259 -15.99 -37.10 28.41
CA THR A 259 -16.03 -38.13 27.40
C THR A 259 -16.91 -37.66 26.26
N ALA A 260 -16.69 -38.20 25.07
CA ALA A 260 -17.52 -37.90 23.90
C ALA A 260 -17.80 -39.20 23.18
N THR A 261 -19.01 -39.72 23.37
CA THR A 261 -19.38 -41.02 22.82
C THR A 261 -20.24 -40.90 21.54
N ALA A 262 -20.60 -39.68 21.18
CA ALA A 262 -21.47 -39.47 20.02
C ALA A 262 -20.78 -39.85 18.72
N ASP A 263 -21.56 -40.45 17.84
CA ASP A 263 -21.11 -40.76 16.47
C ASP A 263 -21.09 -39.46 15.68
N ILE A 264 -20.02 -39.26 14.91
CA ILE A 264 -19.92 -38.11 14.01
C ILE A 264 -20.73 -38.43 12.76
N HIS A 265 -21.52 -37.46 12.29
CA HIS A 265 -22.28 -37.65 11.05
C HIS A 265 -21.84 -36.70 9.98
N LEU A 266 -21.56 -37.26 8.80
CA LEU A 266 -21.09 -36.49 7.65
C LEU A 266 -21.80 -36.89 6.36
N TRP A 267 -22.12 -35.89 5.54
CA TRP A 267 -22.63 -36.14 4.19
C TRP A 267 -21.65 -35.56 3.21
N ASP A 268 -21.18 -36.38 2.28
CA ASP A 268 -20.16 -35.95 1.34
C ASP A 268 -20.64 -35.74 -0.10
N ASP A 269 -21.95 -35.69 -0.30
CA ASP A 269 -22.50 -35.65 -1.67
C ASP A 269 -22.57 -34.26 -2.31
N TYR A 270 -22.06 -33.24 -1.62
CA TYR A 270 -22.42 -31.87 -2.01
C TYR A 270 -21.26 -30.94 -2.34
N PHE A 271 -20.05 -31.49 -2.43
CA PHE A 271 -18.88 -30.65 -2.67
C PHE A 271 -18.23 -30.85 -4.04
N ALA A 272 -18.62 -31.91 -4.75
CA ALA A 272 -18.05 -32.22 -6.08
C ALA A 272 -18.21 -31.01 -7.01
N PRO A 273 -17.23 -30.77 -7.90
CA PRO A 273 -16.04 -31.59 -8.21
C PRO A 273 -14.83 -31.41 -7.29
N GLY A 274 -14.98 -30.67 -6.19
CA GLY A 274 -13.88 -30.55 -5.23
C GLY A 274 -13.81 -29.24 -4.48
N TYR A 275 -12.88 -29.17 -3.54
CA TYR A 275 -12.72 -27.97 -2.71
C TYR A 275 -12.53 -26.71 -3.54
N GLY A 276 -13.28 -25.66 -3.17
CA GLY A 276 -13.12 -24.35 -3.82
C GLY A 276 -13.70 -24.25 -5.22
N VAL A 277 -14.31 -25.33 -5.69
CA VAL A 277 -14.96 -25.33 -6.99
C VAL A 277 -16.48 -25.24 -6.79
N PRO A 278 -17.10 -24.17 -7.33
CA PRO A 278 -18.54 -23.99 -7.20
C PRO A 278 -19.27 -25.11 -7.93
N ASN A 279 -20.45 -25.47 -7.43
CA ASN A 279 -21.32 -26.38 -8.17
C ASN A 279 -22.74 -25.82 -8.27
N ASP A 280 -23.56 -26.44 -9.11
CA ASP A 280 -24.90 -25.92 -9.43
C ASP A 280 -25.82 -25.85 -8.21
N ALA A 281 -25.82 -26.90 -7.40
CA ALA A 281 -26.66 -26.94 -6.20
C ALA A 281 -26.21 -25.91 -5.17
N GLY A 282 -24.89 -25.71 -5.06
CA GLY A 282 -24.33 -24.67 -4.20
C GLY A 282 -24.76 -23.28 -4.63
N MET A 283 -24.66 -23.02 -5.94
CA MET A 283 -25.08 -21.74 -6.52
C MET A 283 -26.57 -21.49 -6.33
N GLU A 284 -27.38 -22.54 -6.53
CA GLU A 284 -28.81 -22.44 -6.33
C GLU A 284 -29.15 -22.17 -4.86
N ALA A 285 -28.41 -22.77 -3.94
CA ALA A 285 -28.59 -22.50 -2.51
C ALA A 285 -28.25 -21.05 -2.16
N VAL A 286 -27.17 -20.52 -2.74
CA VAL A 286 -26.78 -19.12 -2.55
C VAL A 286 -27.91 -18.19 -3.04
N LYS A 287 -28.42 -18.46 -4.25
CA LYS A 287 -29.49 -17.65 -4.84
C LYS A 287 -30.79 -17.74 -4.05
N LEU A 288 -31.05 -18.90 -3.46
CA LEU A 288 -32.26 -19.12 -2.66
C LEU A 288 -32.23 -18.33 -1.36
N LEU A 289 -31.13 -18.42 -0.63
CA LEU A 289 -31.00 -17.69 0.63
C LEU A 289 -31.00 -16.17 0.43
N ALA A 290 -30.36 -15.70 -0.63
CA ALA A 290 -30.33 -14.27 -0.91
C ALA A 290 -31.73 -13.75 -1.28
N SER A 291 -32.43 -14.45 -2.17
CA SER A 291 -33.71 -13.98 -2.69
C SER A 291 -34.89 -14.15 -1.73
N LEU A 292 -34.82 -15.17 -0.88
CA LEU A 292 -35.88 -15.43 0.11
C LEU A 292 -35.65 -14.78 1.48
N GLU A 293 -34.39 -14.65 1.88
CA GLU A 293 -34.07 -14.20 3.25
C GLU A 293 -33.13 -13.00 3.31
N GLY A 294 -32.59 -12.59 2.16
CA GLY A 294 -31.61 -11.51 2.11
C GLY A 294 -30.34 -11.87 2.87
N VAL A 295 -30.02 -13.17 2.88
CA VAL A 295 -28.84 -13.71 3.57
C VAL A 295 -27.80 -14.10 2.52
N LEU A 296 -26.54 -13.76 2.77
CA LEU A 296 -25.47 -14.06 1.83
C LEU A 296 -24.68 -15.29 2.24
N LEU A 297 -24.74 -16.34 1.41
CA LEU A 297 -23.89 -17.51 1.57
C LEU A 297 -22.64 -17.35 0.69
N ASP A 298 -21.91 -18.45 0.47
CA ASP A 298 -20.68 -18.39 -0.33
C ASP A 298 -20.52 -19.68 -1.16
N PRO A 299 -19.79 -19.60 -2.28
CA PRO A 299 -19.69 -20.77 -3.17
C PRO A 299 -18.79 -21.90 -2.65
N VAL A 300 -17.90 -21.60 -1.70
CA VAL A 300 -16.95 -22.62 -1.22
C VAL A 300 -17.50 -23.44 -0.06
N TYR A 301 -18.09 -22.78 0.93
CA TYR A 301 -18.51 -23.44 2.17
C TYR A 301 -20.01 -23.51 2.40
N THR A 302 -20.62 -22.36 2.69
CA THR A 302 -22.01 -22.32 3.17
C THR A 302 -23.04 -22.64 2.09
N GLY A 303 -22.77 -22.22 0.86
CA GLY A 303 -23.62 -22.59 -0.28
C GLY A 303 -23.72 -24.10 -0.42
N LYS A 304 -22.58 -24.78 -0.30
CA LYS A 304 -22.54 -26.24 -0.36
C LYS A 304 -23.19 -26.90 0.85
N ALA A 305 -22.95 -26.36 2.05
CA ALA A 305 -23.58 -26.87 3.26
C ALA A 305 -25.11 -26.71 3.21
N MET A 306 -25.59 -25.58 2.68
CA MET A 306 -27.04 -25.34 2.57
C MET A 306 -27.69 -26.26 1.53
N ALA A 307 -27.01 -26.47 0.41
CA ALA A 307 -27.44 -27.45 -0.58
C ALA A 307 -27.62 -28.83 0.06
N GLY A 308 -26.73 -29.18 0.99
CA GLY A 308 -26.83 -30.44 1.75
C GLY A 308 -28.06 -30.50 2.64
N LEU A 309 -28.33 -29.40 3.34
CA LEU A 309 -29.50 -29.27 4.18
C LEU A 309 -30.77 -29.46 3.33
N ILE A 310 -30.85 -28.76 2.22
CA ILE A 310 -32.02 -28.78 1.35
C ILE A 310 -32.27 -30.20 0.83
N ASP A 311 -31.23 -30.83 0.30
CA ASP A 311 -31.34 -32.20 -0.20
C ASP A 311 -31.65 -33.22 0.90
N GLY A 312 -31.09 -33.00 2.09
CA GLY A 312 -31.39 -33.82 3.26
C GLY A 312 -32.87 -33.81 3.58
N ILE A 313 -33.50 -32.64 3.50
CA ILE A 313 -34.95 -32.52 3.67
C ILE A 313 -35.66 -33.25 2.52
N SER A 314 -35.21 -33.00 1.29
CA SER A 314 -35.80 -33.60 0.11
C SER A 314 -35.79 -35.13 0.15
N GLN A 315 -34.68 -35.71 0.62
CA GLN A 315 -34.49 -37.17 0.64
C GLN A 315 -34.80 -37.80 2.00
N LYS A 316 -35.34 -37.01 2.93
CA LYS A 316 -35.61 -37.43 4.32
C LYS A 316 -34.38 -38.07 4.95
N ARG A 317 -33.24 -37.39 4.84
CA ARG A 317 -31.97 -37.88 5.37
C ARG A 317 -31.82 -37.67 6.87
N PHE A 318 -32.51 -36.67 7.41
CA PHE A 318 -32.41 -36.36 8.84
C PHE A 318 -33.09 -37.42 9.70
N ASN A 319 -32.68 -37.50 10.97
CA ASN A 319 -33.26 -38.45 11.93
C ASN A 319 -34.75 -38.27 12.15
N ASP A 320 -35.23 -37.02 12.11
CA ASP A 320 -36.68 -36.74 12.08
C ASP A 320 -37.05 -35.41 11.42
N ASP A 321 -38.36 -35.15 11.34
CA ASP A 321 -38.92 -34.00 10.63
C ASP A 321 -38.79 -32.64 11.34
N GLY A 322 -38.18 -32.60 12.51
CA GLY A 322 -38.17 -31.40 13.34
C GLY A 322 -37.31 -30.23 12.86
N PRO A 323 -37.32 -29.12 13.62
CA PRO A 323 -36.57 -27.91 13.28
C PRO A 323 -35.08 -28.15 13.05
N ILE A 324 -34.53 -27.44 12.06
CA ILE A 324 -33.12 -27.53 11.73
C ILE A 324 -32.46 -26.17 11.96
N LEU A 325 -31.32 -26.18 12.64
CA LEU A 325 -30.48 -24.99 12.77
C LEU A 325 -29.31 -25.07 11.79
N PHE A 326 -29.21 -24.07 10.92
CA PHE A 326 -28.05 -23.94 10.03
C PHE A 326 -27.03 -23.01 10.68
N ILE A 327 -25.79 -23.48 10.78
CA ILE A 327 -24.70 -22.65 11.29
C ILE A 327 -24.12 -21.85 10.13
N HIS A 328 -24.37 -20.56 10.12
CA HIS A 328 -23.75 -19.73 9.10
C HIS A 328 -22.37 -19.38 9.54
N THR A 329 -21.39 -20.03 8.93
CA THR A 329 -19.98 -19.88 9.27
C THR A 329 -19.28 -18.72 8.55
N GLY A 330 -20.00 -18.07 7.64
CA GLY A 330 -19.50 -16.88 6.95
C GLY A 330 -19.20 -17.10 5.48
N GLY A 331 -18.11 -16.47 5.02
CA GLY A 331 -17.56 -16.77 3.69
C GLY A 331 -17.91 -15.84 2.54
N ALA A 332 -18.88 -14.94 2.76
CA ALA A 332 -19.38 -14.04 1.71
C ALA A 332 -18.34 -13.23 0.91
N PRO A 333 -17.20 -12.84 1.54
CA PRO A 333 -16.25 -12.06 0.73
C PRO A 333 -15.75 -12.81 -0.52
N ALA A 334 -15.84 -14.14 -0.49
CA ALA A 334 -15.44 -14.96 -1.63
C ALA A 334 -16.35 -14.77 -2.85
N LEU A 335 -17.61 -14.40 -2.61
CA LEU A 335 -18.53 -14.05 -3.69
C LEU A 335 -17.89 -13.09 -4.71
N PHE A 336 -17.12 -12.14 -4.22
CA PHE A 336 -16.53 -11.11 -5.06
C PHE A 336 -15.27 -11.60 -5.78
N ALA A 337 -14.66 -12.65 -5.23
CA ALA A 337 -13.50 -13.28 -5.84
C ALA A 337 -13.90 -14.28 -6.91
N TYR A 338 -15.03 -14.96 -6.70
CA TYR A 338 -15.52 -15.96 -7.65
C TYR A 338 -16.28 -15.38 -8.84
N HIS A 339 -16.65 -14.12 -8.74
CA HIS A 339 -17.35 -13.44 -9.83
C HIS A 339 -16.36 -12.87 -10.82
N PRO A 340 -16.65 -12.98 -12.13
CA PRO A 340 -17.82 -13.64 -12.76
C PRO A 340 -17.69 -15.16 -12.91
N HIS A 341 -16.45 -15.67 -12.91
CA HIS A 341 -16.18 -17.10 -12.96
C HIS A 341 -14.76 -17.42 -12.57
N VAL A 342 -14.54 -18.71 -12.32
N VAL A 342 -14.47 -18.69 -12.34
CA VAL A 342 -13.25 -19.33 -12.00
CA VAL A 342 -13.10 -19.11 -11.99
C VAL A 342 -12.47 -18.62 -10.90
C VAL A 342 -12.53 -20.10 -12.99
N MET B 15 -37.90 10.93 29.18
CA MET B 15 -37.05 11.05 27.96
C MET B 15 -37.48 12.26 27.11
N PRO B 16 -36.51 13.12 26.75
CA PRO B 16 -36.81 14.24 25.84
C PRO B 16 -37.09 13.76 24.41
N LEU B 17 -36.62 12.56 24.09
CA LEU B 17 -36.78 11.98 22.76
C LEU B 17 -37.89 10.92 22.71
N HIS B 18 -38.89 11.07 23.59
CA HIS B 18 -39.96 10.10 23.75
C HIS B 18 -40.76 9.79 22.51
N HIS B 19 -40.97 10.80 21.66
CA HIS B 19 -41.77 10.66 20.43
C HIS B 19 -41.23 9.68 19.42
N LEU B 20 -40.01 9.18 19.64
CA LEU B 20 -39.39 8.18 18.76
C LEU B 20 -40.12 6.83 18.79
N THR B 21 -40.62 6.44 19.95
CA THR B 21 -41.35 5.18 20.11
C THR B 21 -42.75 5.22 19.50
N ARG B 22 -43.19 6.42 19.12
CA ARG B 22 -44.48 6.60 18.45
C ARG B 22 -44.41 6.21 16.98
N PHE B 23 -43.19 6.16 16.43
CA PHE B 23 -42.98 5.74 15.05
C PHE B 23 -42.90 4.23 14.94
N PRO B 24 -43.71 3.63 14.04
CA PRO B 24 -43.56 2.21 13.76
C PRO B 24 -42.17 1.95 13.19
N ARG B 25 -41.50 0.92 13.72
CA ARG B 25 -40.18 0.52 13.25
CA ARG B 25 -40.21 0.51 13.19
C ARG B 25 -40.03 -1.00 13.28
N LEU B 26 -39.36 -1.55 12.26
CA LEU B 26 -39.05 -2.96 12.22
C LEU B 26 -37.71 -3.13 12.92
N GLU B 27 -37.51 -4.28 13.55
CA GLU B 27 -36.22 -4.58 14.15
C GLU B 27 -35.35 -5.29 13.12
N PHE B 28 -34.38 -4.56 12.58
CA PHE B 28 -33.39 -5.13 11.66
C PHE B 28 -32.02 -5.31 12.31
N ILE B 29 -31.77 -4.57 13.39
CA ILE B 29 -30.44 -4.58 14.02
C ILE B 29 -30.41 -5.33 15.34
N GLY B 30 -31.36 -5.01 16.23
CA GLY B 30 -31.37 -5.60 17.56
C GLY B 30 -30.54 -4.79 18.55
N ALA B 31 -29.53 -5.43 19.13
CA ALA B 31 -28.67 -4.81 20.13
C ALA B 31 -27.93 -3.58 19.58
N PRO B 32 -27.54 -2.64 20.46
CA PRO B 32 -26.73 -1.52 20.00
C PRO B 32 -25.43 -1.99 19.36
N THR B 33 -25.01 -1.33 18.29
CA THR B 33 -23.73 -1.63 17.64
C THR B 33 -22.58 -1.27 18.58
N PRO B 34 -21.44 -2.00 18.48
CA PRO B 34 -20.29 -1.70 19.35
C PRO B 34 -19.81 -0.25 19.24
N LEU B 35 -19.32 0.29 20.35
CA LEU B 35 -18.56 1.54 20.34
C LEU B 35 -17.20 1.18 20.93
N GLU B 36 -16.16 1.38 20.13
CA GLU B 36 -14.85 0.81 20.46
C GLU B 36 -13.77 1.88 20.55
N TYR B 37 -12.80 1.63 21.41
CA TYR B 37 -11.57 2.42 21.44
C TYR B 37 -10.63 1.89 20.37
N LEU B 38 -9.90 2.80 19.73
CA LEU B 38 -8.90 2.44 18.73
C LEU B 38 -7.50 2.80 19.25
N PRO B 39 -6.91 1.92 20.09
CA PRO B 39 -5.64 2.24 20.77
C PRO B 39 -4.46 2.44 19.83
N ARG B 40 -4.42 1.68 18.72
CA ARG B 40 -3.27 1.75 17.82
C ARG B 40 -3.34 2.99 16.93
N LEU B 41 -4.52 3.25 16.37
CA LEU B 41 -4.74 4.50 15.64
C LEU B 41 -4.51 5.70 16.57
N SER B 42 -5.05 5.61 17.78
CA SER B 42 -4.90 6.65 18.80
C SER B 42 -3.44 6.97 19.11
N ASP B 43 -2.64 5.91 19.28
CA ASP B 43 -1.21 6.03 19.52
C ASP B 43 -0.50 6.69 18.35
N TYR B 44 -0.86 6.29 17.13
CA TYR B 44 -0.23 6.82 15.93
C TYR B 44 -0.56 8.30 15.71
N LEU B 45 -1.80 8.70 15.95
CA LEU B 45 -2.21 10.08 15.74
C LEU B 45 -1.95 10.99 16.94
N GLY B 46 -1.60 10.40 18.08
CA GLY B 46 -1.43 11.15 19.32
C GLY B 46 -2.74 11.79 19.78
N ARG B 47 -3.84 11.10 19.50
CA ARG B 47 -5.18 11.58 19.84
C ARG B 47 -6.08 10.41 20.18
N GLU B 48 -6.97 10.60 21.14
CA GLU B 48 -7.91 9.54 21.51
C GLU B 48 -9.01 9.41 20.46
N ILE B 49 -9.04 8.27 19.77
CA ILE B 49 -10.07 8.00 18.75
C ILE B 49 -10.94 6.79 19.12
N TYR B 50 -12.24 6.99 19.05
CA TYR B 50 -13.23 5.94 19.23
C TYR B 50 -13.99 5.75 17.92
N ILE B 51 -14.68 4.62 17.81
CA ILE B 51 -15.41 4.30 16.60
C ILE B 51 -16.78 3.70 16.94
N LYS B 52 -17.81 4.24 16.27
CA LYS B 52 -19.16 3.68 16.33
C LYS B 52 -19.32 2.72 15.17
N ARG B 53 -19.45 1.43 15.49
CA ARG B 53 -19.41 0.38 14.49
C ARG B 53 -20.75 0.12 13.81
N ASP B 54 -21.29 1.13 13.14
CA ASP B 54 -22.55 0.94 12.41
C ASP B 54 -22.36 0.20 11.11
N ASP B 55 -21.12 -0.19 10.83
CA ASP B 55 -20.77 -1.10 9.74
C ASP B 55 -21.10 -2.55 10.11
N VAL B 56 -21.30 -2.80 11.40
CA VAL B 56 -21.64 -4.11 11.92
C VAL B 56 -23.13 -4.17 12.21
N THR B 57 -23.91 -4.40 11.16
CA THR B 57 -25.33 -4.66 11.30
C THR B 57 -25.59 -5.99 10.59
N PRO B 58 -26.60 -6.76 11.04
CA PRO B 58 -26.67 -8.16 10.61
C PRO B 58 -27.14 -8.42 9.17
N ILE B 59 -27.68 -7.40 8.49
CA ILE B 59 -28.28 -7.61 7.17
C ILE B 59 -27.34 -7.28 6.02
N ALA B 60 -27.05 -8.31 5.22
CA ALA B 60 -26.30 -8.22 3.96
C ALA B 60 -25.10 -7.29 3.97
N MET B 61 -24.17 -7.56 4.88
CA MET B 61 -22.89 -6.86 5.02
C MET B 61 -22.98 -5.45 5.63
N GLY B 62 -24.15 -5.13 6.18
CA GLY B 62 -24.30 -4.02 7.11
C GLY B 62 -24.29 -2.61 6.56
N GLY B 63 -24.33 -1.64 7.48
CA GLY B 63 -24.25 -0.23 7.12
C GLY B 63 -25.30 0.65 7.76
N ASN B 64 -25.10 1.96 7.61
CA ASN B 64 -25.95 2.98 8.21
C ASN B 64 -27.37 3.00 7.66
N1 LLP B 65 -21.24 6.03 4.55
C2 LLP B 65 -21.80 5.00 3.87
C2' LLP B 65 -21.08 3.69 3.82
C3 LLP B 65 -23.03 5.15 3.23
O3 LLP B 65 -23.58 4.11 2.56
C4 LLP B 65 -23.67 6.38 3.29
C4' LLP B 65 -24.99 6.51 2.61
C5 LLP B 65 -23.08 7.43 3.99
C6 LLP B 65 -21.84 7.22 4.61
C5' LLP B 65 -23.67 8.81 4.11
OP4 LLP B 65 -24.90 8.81 4.81
P LLP B 65 -26.06 9.84 4.35
OP1 LLP B 65 -26.48 9.36 2.98
OP2 LLP B 65 -27.10 9.63 5.41
OP3 LLP B 65 -25.39 11.21 4.34
N LLP B 65 -27.52 2.63 6.38
CA LLP B 65 -28.81 2.71 5.70
CB LLP B 65 -28.67 2.39 4.21
CG LLP B 65 -27.63 3.28 3.50
CD LLP B 65 -27.90 4.78 3.66
CE LLP B 65 -27.24 5.63 2.58
NZ LLP B 65 -25.80 5.54 2.75
C LLP B 65 -29.86 1.85 6.36
O LLP B 65 -31.05 2.18 6.32
N LEU B 66 -29.43 0.76 6.98
CA LEU B 66 -30.34 -0.16 7.65
C LEU B 66 -31.13 0.48 8.79
N ARG B 67 -30.48 1.38 9.54
CA ARG B 67 -31.14 2.12 10.63
C ARG B 67 -32.31 2.94 10.07
N LYS B 68 -32.10 3.54 8.91
CA LYS B 68 -33.15 4.32 8.24
C LYS B 68 -34.28 3.41 7.77
N LEU B 69 -33.90 2.26 7.21
CA LEU B 69 -34.87 1.33 6.64
C LEU B 69 -35.82 0.74 7.68
N GLU B 70 -35.37 0.65 8.94
CA GLU B 70 -36.24 0.20 10.04
C GLU B 70 -37.54 1.02 10.08
N PHE B 71 -37.45 2.32 9.87
CA PHE B 71 -38.60 3.22 9.88
C PHE B 71 -39.29 3.27 8.51
N LEU B 72 -38.50 3.41 7.45
CA LEU B 72 -39.04 3.52 6.10
C LEU B 72 -39.86 2.29 5.68
N VAL B 73 -39.33 1.10 5.98
CA VAL B 73 -40.00 -0.14 5.57
C VAL B 73 -41.20 -0.46 6.47
N ALA B 74 -41.11 -0.07 7.74
CA ALA B 74 -42.27 -0.18 8.63
C ALA B 74 -43.44 0.62 8.06
N ASP B 75 -43.14 1.84 7.59
CA ASP B 75 -44.11 2.71 6.93
C ASP B 75 -44.66 2.07 5.65
N ALA B 76 -43.77 1.45 4.88
CA ALA B 76 -44.13 0.76 3.65
C ALA B 76 -45.17 -0.33 3.90
N LEU B 77 -44.95 -1.15 4.93
CA LEU B 77 -45.89 -2.20 5.29
C LEU B 77 -47.21 -1.65 5.83
N ARG B 78 -47.14 -0.53 6.55
CA ARG B 78 -48.34 0.14 7.06
C ARG B 78 -49.24 0.62 5.93
N GLU B 79 -48.63 1.04 4.83
CA GLU B 79 -49.36 1.45 3.63
C GLU B 79 -49.76 0.25 2.78
N GLY B 80 -49.37 -0.94 3.20
CA GLY B 80 -49.69 -2.19 2.49
C GLY B 80 -48.96 -2.36 1.17
N ALA B 81 -47.75 -1.81 1.07
CA ALA B 81 -46.95 -1.91 -0.15
C ALA B 81 -46.44 -3.33 -0.38
N ASP B 82 -46.29 -3.71 -1.64
CA ASP B 82 -45.67 -4.99 -2.00
C ASP B 82 -44.36 -4.80 -2.75
N THR B 83 -43.99 -3.54 -2.97
CA THR B 83 -42.80 -3.21 -3.76
C THR B 83 -42.08 -2.02 -3.14
N LEU B 84 -40.75 -2.14 -3.02
CA LEU B 84 -39.92 -1.01 -2.63
C LEU B 84 -39.16 -0.50 -3.85
N ILE B 85 -39.21 0.83 -4.05
CA ILE B 85 -38.50 1.47 -5.16
C ILE B 85 -37.55 2.53 -4.59
N THR B 86 -36.29 2.45 -4.98
CA THR B 86 -35.30 3.45 -4.58
C THR B 86 -34.27 3.71 -5.69
N ALA B 87 -33.30 4.58 -5.43
CA ALA B 87 -32.35 5.01 -6.45
C ALA B 87 -30.95 5.21 -5.86
N GLY B 88 -29.94 5.19 -6.72
CA GLY B 88 -28.56 5.43 -6.29
C GLY B 88 -27.59 5.10 -7.40
N ALA B 89 -26.30 5.25 -7.11
CA ALA B 89 -25.24 4.80 -8.02
C ALA B 89 -25.30 3.28 -8.19
N ILE B 90 -24.66 2.78 -9.24
CA ILE B 90 -24.52 1.33 -9.44
C ILE B 90 -24.00 0.66 -8.16
N GLN B 91 -23.05 1.30 -7.49
CA GLN B 91 -22.43 0.74 -6.28
C GLN B 91 -23.03 1.24 -4.96
N SER B 92 -24.27 1.72 -5.04
CA SER B 92 -24.99 2.24 -3.86
C SER B 92 -25.12 1.19 -2.76
N ASN B 93 -24.70 1.57 -1.55
CA ASN B 93 -24.90 0.73 -0.36
C ASN B 93 -26.36 0.70 0.03
N HIS B 94 -27.02 1.84 -0.08
CA HIS B 94 -28.46 1.95 0.21
C HIS B 94 -29.31 1.05 -0.63
N VAL B 95 -29.05 0.99 -1.93
CA VAL B 95 -29.83 0.11 -2.82
C VAL B 95 -29.63 -1.35 -2.43
N ARG B 96 -28.38 -1.71 -2.09
CA ARG B 96 -28.07 -3.08 -1.69
C ARG B 96 -28.81 -3.49 -0.43
N GLN B 97 -28.83 -2.60 0.57
CA GLN B 97 -29.50 -2.89 1.83
C GLN B 97 -31.03 -2.90 1.72
N THR B 98 -31.56 -2.04 0.85
CA THR B 98 -33.00 -2.03 0.56
C THR B 98 -33.43 -3.33 -0.14
N ALA B 99 -32.60 -3.78 -1.07
CA ALA B 99 -32.88 -5.02 -1.82
C ALA B 99 -32.83 -6.25 -0.92
N ALA B 100 -31.86 -6.28 0.00
CA ALA B 100 -31.76 -7.35 0.98
C ALA B 100 -33.00 -7.39 1.88
N VAL B 101 -33.41 -6.21 2.37
CA VAL B 101 -34.58 -6.09 3.24
C VAL B 101 -35.87 -6.51 2.51
N ALA B 102 -36.02 -6.07 1.26
CA ALA B 102 -37.18 -6.45 0.45
C ALA B 102 -37.27 -7.97 0.26
N ALA B 103 -36.14 -8.58 -0.08
CA ALA B 103 -36.07 -10.03 -0.24
C ALA B 103 -36.50 -10.75 1.04
N LYS B 104 -35.93 -10.31 2.16
CA LYS B 104 -36.23 -10.86 3.49
C LYS B 104 -37.72 -10.80 3.82
N LEU B 105 -38.36 -9.68 3.46
CA LEU B 105 -39.78 -9.47 3.74
C LEU B 105 -40.73 -9.90 2.62
N GLY B 106 -40.18 -10.43 1.53
CA GLY B 106 -40.99 -10.95 0.41
C GLY B 106 -41.60 -9.84 -0.44
N LEU B 107 -40.94 -8.69 -0.44
CA LEU B 107 -41.36 -7.54 -1.23
C LEU B 107 -40.54 -7.49 -2.50
N HIS B 108 -41.15 -7.04 -3.59
CA HIS B 108 -40.41 -6.75 -4.81
C HIS B 108 -39.53 -5.56 -4.57
N CYS B 109 -38.45 -5.46 -5.32
CA CYS B 109 -37.57 -4.28 -5.23
C CYS B 109 -37.19 -3.79 -6.62
N VAL B 110 -37.40 -2.50 -6.85
CA VAL B 110 -37.03 -1.87 -8.11
C VAL B 110 -36.00 -0.77 -7.82
N ALA B 111 -34.86 -0.85 -8.50
CA ALA B 111 -33.78 0.10 -8.30
C ALA B 111 -33.52 0.93 -9.56
N LEU B 112 -33.50 2.24 -9.38
CA LEU B 112 -33.13 3.17 -10.44
C LEU B 112 -31.65 3.52 -10.28
N LEU B 113 -30.82 3.02 -11.19
CA LEU B 113 -29.36 3.16 -11.05
C LEU B 113 -28.74 4.08 -12.09
N GLU B 114 -27.74 4.84 -11.66
CA GLU B 114 -26.90 5.63 -12.55
C GLU B 114 -25.42 5.29 -12.37
N ASN B 115 -24.63 5.55 -13.41
CA ASN B 115 -23.18 5.46 -13.36
C ASN B 115 -22.64 6.89 -13.18
N PRO B 116 -22.29 7.26 -11.94
CA PRO B 116 -21.97 8.66 -11.65
C PRO B 116 -20.58 9.09 -12.12
N ILE B 117 -19.76 8.13 -12.55
CA ILE B 117 -18.34 8.39 -12.79
C ILE B 117 -17.88 8.05 -14.22
N GLY B 118 -18.82 7.59 -15.04
CA GLY B 118 -18.57 7.29 -16.44
C GLY B 118 -17.60 6.16 -16.69
N THR B 119 -17.46 5.27 -15.71
CA THR B 119 -16.50 4.17 -15.85
C THR B 119 -17.08 3.00 -16.65
N THR B 120 -16.20 2.31 -17.36
CA THR B 120 -16.55 1.03 -17.99
C THR B 120 -15.82 -0.14 -17.32
N ALA B 121 -15.17 0.11 -16.18
CA ALA B 121 -14.48 -0.94 -15.41
C ALA B 121 -15.46 -2.04 -14.97
N GLU B 122 -15.08 -3.29 -15.26
CA GLU B 122 -15.96 -4.45 -15.06
CA GLU B 122 -16.01 -4.41 -15.06
C GLU B 122 -16.39 -4.65 -13.60
N ASN B 123 -15.45 -4.50 -12.68
CA ASN B 123 -15.78 -4.68 -11.27
C ASN B 123 -16.74 -3.63 -10.74
N TYR B 124 -16.56 -2.38 -11.17
CA TYR B 124 -17.54 -1.34 -10.84
C TYR B 124 -18.92 -1.69 -11.41
N LEU B 125 -18.94 -2.09 -12.68
CA LEU B 125 -20.20 -2.39 -13.35
C LEU B 125 -20.93 -3.65 -12.87
N THR B 126 -20.18 -4.65 -12.37
CA THR B 126 -20.77 -5.98 -12.12
C THR B 126 -20.44 -6.66 -10.77
N ASN B 127 -19.41 -6.17 -10.07
CA ASN B 127 -18.99 -6.78 -8.80
C ASN B 127 -19.52 -5.96 -7.61
N GLY B 128 -19.02 -6.26 -6.42
CA GLY B 128 -19.40 -5.52 -5.19
C GLY B 128 -20.90 -5.45 -4.95
N ASN B 129 -21.39 -4.26 -4.60
CA ASN B 129 -22.82 -4.07 -4.31
C ASN B 129 -23.76 -4.46 -5.45
N ARG B 130 -23.34 -4.17 -6.69
CA ARG B 130 -24.12 -4.51 -7.88
C ARG B 130 -24.33 -6.03 -8.04
N LEU B 131 -23.29 -6.80 -7.75
CA LEU B 131 -23.41 -8.26 -7.74
C LEU B 131 -24.50 -8.73 -6.76
N LEU B 132 -24.50 -8.14 -5.57
CA LEU B 132 -25.46 -8.51 -4.54
C LEU B 132 -26.90 -8.21 -4.98
N LEU B 133 -27.09 -7.13 -5.74
CA LEU B 133 -28.42 -6.78 -6.27
C LEU B 133 -29.02 -7.92 -7.07
N ASP B 134 -28.20 -8.55 -7.90
CA ASP B 134 -28.65 -9.69 -8.70
C ASP B 134 -29.03 -10.88 -7.83
N LEU B 135 -28.23 -11.14 -6.80
CA LEU B 135 -28.53 -12.19 -5.83
C LEU B 135 -29.88 -11.96 -5.16
N PHE B 136 -30.17 -10.70 -4.83
CA PHE B 136 -31.43 -10.33 -4.18
C PHE B 136 -32.62 -10.19 -5.15
N ASN B 137 -32.40 -10.53 -6.42
CA ASN B 137 -33.45 -10.47 -7.46
CA ASN B 137 -33.46 -10.49 -7.43
C ASN B 137 -34.04 -9.07 -7.62
N THR B 138 -33.17 -8.08 -7.60
CA THR B 138 -33.58 -6.69 -7.79
C THR B 138 -33.93 -6.44 -9.27
N GLN B 139 -35.05 -5.79 -9.52
CA GLN B 139 -35.34 -5.32 -10.86
C GLN B 139 -34.55 -4.03 -11.06
N ILE B 140 -33.69 -4.02 -12.08
CA ILE B 140 -32.79 -2.91 -12.33
C ILE B 140 -33.28 -2.03 -13.47
N GLU B 141 -33.33 -0.72 -13.22
CA GLU B 141 -33.66 0.25 -14.25
C GLU B 141 -32.53 1.28 -14.36
N MET B 142 -31.81 1.25 -15.48
CA MET B 142 -30.70 2.17 -15.69
C MET B 142 -31.18 3.53 -16.19
N CYS B 143 -30.64 4.60 -15.64
CA CYS B 143 -30.90 5.95 -16.16
C CYS B 143 -29.59 6.69 -16.40
N ASP B 144 -29.62 7.61 -17.36
CA ASP B 144 -28.44 8.39 -17.74
C ASP B 144 -27.88 9.20 -16.58
N ALA B 145 -28.77 9.80 -15.80
CA ALA B 145 -28.39 10.63 -14.66
C ALA B 145 -29.56 10.84 -13.73
N LEU B 146 -29.28 10.78 -12.43
CA LEU B 146 -30.27 11.12 -11.41
C LEU B 146 -30.25 12.63 -11.17
N THR B 147 -30.68 13.37 -12.18
CA THR B 147 -30.74 14.84 -12.15
C THR B 147 -31.83 15.34 -11.20
N ASP B 148 -32.99 14.68 -11.20
CA ASP B 148 -34.06 14.97 -10.27
C ASP B 148 -34.62 13.68 -9.67
N PRO B 149 -33.87 13.06 -8.73
CA PRO B 149 -34.21 11.74 -8.20
C PRO B 149 -35.64 11.61 -7.67
N ASP B 150 -36.06 12.53 -6.80
CA ASP B 150 -37.42 12.51 -6.23
C ASP B 150 -38.50 12.47 -7.32
N ALA B 151 -38.30 13.28 -8.36
CA ALA B 151 -39.23 13.30 -9.50
C ALA B 151 -39.16 12.02 -10.34
N GLN B 152 -37.94 11.54 -10.59
CA GLN B 152 -37.73 10.34 -11.40
C GLN B 152 -38.27 9.08 -10.70
N LEU B 153 -38.11 9.02 -9.38
CA LEU B 153 -38.65 7.92 -8.59
C LEU B 153 -40.18 7.89 -8.63
N GLN B 154 -40.80 9.07 -8.59
CA GLN B 154 -42.25 9.19 -8.61
C GLN B 154 -42.85 8.68 -9.93
N THR B 155 -42.26 9.13 -11.04
CA THR B 155 -42.63 8.64 -12.38
C THR B 155 -42.58 7.12 -12.44
N LEU B 156 -41.46 6.55 -12.02
CA LEU B 156 -41.28 5.09 -12.01
C LEU B 156 -42.35 4.41 -11.14
N ALA B 157 -42.62 4.99 -9.97
CA ALA B 157 -43.63 4.45 -9.06
C ALA B 157 -45.02 4.43 -9.68
N THR B 158 -45.39 5.52 -10.35
CA THR B 158 -46.69 5.60 -11.02
C THR B 158 -46.79 4.60 -12.17
N ARG B 159 -45.69 4.42 -12.91
CA ARG B 159 -45.62 3.39 -13.94
C ARG B 159 -45.82 1.98 -13.35
N ILE B 160 -45.09 1.68 -12.27
CA ILE B 160 -45.17 0.37 -11.60
C ILE B 160 -46.56 0.13 -10.98
N GLU B 161 -47.14 1.18 -10.40
CA GLU B 161 -48.50 1.13 -9.86
C GLU B 161 -49.53 0.86 -10.97
N ALA B 162 -49.29 1.44 -12.14
CA ALA B 162 -50.14 1.19 -13.31
C ALA B 162 -49.97 -0.23 -13.85
N GLN B 163 -48.80 -0.83 -13.60
CA GLN B 163 -48.53 -2.21 -13.99
C GLN B 163 -49.19 -3.24 -13.08
N GLY B 164 -49.82 -2.77 -12.00
CA GLY B 164 -50.54 -3.65 -11.08
C GLY B 164 -49.79 -4.00 -9.80
N PHE B 165 -48.97 -3.07 -9.31
CA PHE B 165 -48.27 -3.25 -8.05
C PHE B 165 -48.62 -2.15 -7.06
N ARG B 166 -48.22 -2.32 -5.81
CA ARG B 166 -48.38 -1.30 -4.79
C ARG B 166 -47.00 -0.83 -4.33
N PRO B 167 -46.42 0.16 -5.04
CA PRO B 167 -45.06 0.59 -4.70
C PRO B 167 -44.98 1.55 -3.52
N TYR B 168 -43.83 1.52 -2.84
CA TYR B 168 -43.48 2.51 -1.83
C TYR B 168 -42.13 3.11 -2.20
N VAL B 169 -42.09 4.43 -2.31
CA VAL B 169 -40.86 5.13 -2.73
C VAL B 169 -40.00 5.47 -1.52
N ILE B 170 -38.73 5.04 -1.59
CA ILE B 170 -37.70 5.43 -0.64
C ILE B 170 -36.75 6.38 -1.35
N PRO B 171 -36.56 7.60 -0.82
CA PRO B 171 -35.67 8.57 -1.47
C PRO B 171 -34.20 8.14 -1.45
N VAL B 172 -33.40 8.77 -2.31
CA VAL B 172 -31.96 8.49 -2.40
C VAL B 172 -31.32 8.48 -1.01
N GLY B 173 -30.58 7.42 -0.72
CA GLY B 173 -29.88 7.28 0.56
C GLY B 173 -30.79 7.07 1.75
N GLY B 174 -32.09 6.91 1.50
CA GLY B 174 -33.09 6.76 2.55
C GLY B 174 -33.24 8.03 3.38
N SER B 175 -32.76 9.14 2.84
CA SER B 175 -32.71 10.41 3.57
C SER B 175 -33.99 11.24 3.49
N SER B 176 -34.95 10.87 4.33
CA SER B 176 -36.11 11.70 4.62
C SER B 176 -36.11 11.90 6.13
N ALA B 177 -36.98 12.76 6.63
CA ALA B 177 -37.08 12.99 8.07
C ALA B 177 -37.37 11.68 8.82
N LEU B 178 -38.26 10.86 8.25
CA LEU B 178 -38.60 9.55 8.80
C LEU B 178 -37.40 8.60 8.81
N GLY B 179 -36.70 8.51 7.68
CA GLY B 179 -35.49 7.69 7.57
C GLY B 179 -34.42 8.13 8.55
N ALA B 180 -34.21 9.44 8.66
CA ALA B 180 -33.22 10.00 9.56
C ALA B 180 -33.48 9.72 11.05
N MET B 181 -34.69 9.25 11.39
CA MET B 181 -35.00 8.84 12.76
C MET B 181 -34.06 7.73 13.23
N GLY B 182 -33.59 6.93 12.28
CA GLY B 182 -32.61 5.89 12.54
C GLY B 182 -31.34 6.44 13.16
N TYR B 183 -30.96 7.65 12.77
CA TYR B 183 -29.75 8.26 13.34
C TYR B 183 -29.95 9.11 14.61
N VAL B 184 -31.20 9.42 14.93
CA VAL B 184 -31.53 9.87 16.27
C VAL B 184 -31.35 8.67 17.20
N GLU B 185 -31.74 7.49 16.72
CA GLU B 185 -31.59 6.24 17.46
C GLU B 185 -30.13 5.88 17.72
N SER B 186 -29.27 6.07 16.72
CA SER B 186 -27.84 5.83 16.87
C SER B 186 -27.23 6.76 17.91
N ALA B 187 -27.68 8.02 17.93
CA ALA B 187 -27.23 9.02 18.89
C ALA B 187 -27.51 8.60 20.35
N LEU B 188 -28.68 8.02 20.58
CA LEU B 188 -29.03 7.45 21.89
C LEU B 188 -28.06 6.37 22.35
N GLU B 189 -27.65 5.52 21.41
CA GLU B 189 -26.64 4.49 21.67
C GLU B 189 -25.31 5.13 22.01
N ILE B 190 -24.90 6.11 21.21
CA ILE B 190 -23.65 6.84 21.41
C ILE B 190 -23.60 7.42 22.83
N ALA B 191 -24.65 8.16 23.19
CA ALA B 191 -24.76 8.79 24.52
C ALA B 191 -24.68 7.78 25.66
N GLN B 192 -25.35 6.64 25.50
CA GLN B 192 -25.31 5.55 26.48
C GLN B 192 -23.90 5.00 26.61
N GLN B 193 -23.25 4.76 25.48
CA GLN B 193 -21.95 4.08 25.42
C GLN B 193 -20.77 4.97 25.81
N CYS B 194 -20.95 6.28 25.72
CA CYS B 194 -19.87 7.25 25.98
C CYS B 194 -19.77 7.73 27.43
N GLU B 195 -20.51 7.10 28.33
CA GLU B 195 -20.46 7.42 29.76
C GLU B 195 -19.12 7.01 30.39
N GLU B 196 -18.42 6.08 29.72
CA GLU B 196 -17.10 5.63 30.16
C GLU B 196 -15.96 6.46 29.52
N VAL B 197 -16.29 7.19 28.46
CA VAL B 197 -15.28 7.98 27.72
C VAL B 197 -14.92 9.27 28.45
N LEU B 200 -15.32 13.26 25.72
CA LEU B 200 -15.49 13.30 24.26
C LEU B 200 -15.69 14.74 23.79
N SER B 201 -14.94 15.12 22.78
CA SER B 201 -14.98 16.49 22.26
CA SER B 201 -14.97 16.49 22.24
C SER B 201 -15.65 16.61 20.88
N SER B 202 -15.42 15.63 20.01
CA SER B 202 -15.92 15.71 18.64
C SER B 202 -16.43 14.39 18.07
N VAL B 203 -17.36 14.50 17.11
CA VAL B 203 -17.88 13.38 16.34
C VAL B 203 -17.65 13.68 14.86
N VAL B 204 -17.19 12.69 14.10
CA VAL B 204 -16.99 12.84 12.65
C VAL B 204 -17.83 11.81 11.88
N VAL B 205 -18.58 12.27 10.89
CA VAL B 205 -19.38 11.39 10.04
C VAL B 205 -19.34 11.87 8.59
N ALA B 206 -19.42 10.94 7.63
CA ALA B 206 -19.58 11.31 6.23
C ALA B 206 -20.96 11.93 6.05
N SER B 207 -21.00 12.98 5.25
CA SER B 207 -22.25 13.69 4.99
C SER B 207 -22.55 13.64 3.50
N GLY B 208 -23.47 12.77 3.10
CA GLY B 208 -23.85 12.62 1.68
C GLY B 208 -25.28 13.08 1.41
N SER B 209 -26.22 12.13 1.44
CA SER B 209 -27.63 12.44 1.26
C SER B 209 -28.21 13.13 2.50
N ALA B 210 -27.42 13.16 3.57
CA ALA B 210 -27.61 14.07 4.73
C ALA B 210 -28.46 13.57 5.91
N GLY B 211 -29.18 12.47 5.71
CA GLY B 211 -30.00 11.88 6.78
C GLY B 211 -29.24 11.45 8.03
N THR B 212 -28.06 10.87 7.84
CA THR B 212 -27.21 10.46 8.97
C THR B 212 -26.71 11.66 9.77
N HIS B 213 -26.17 12.66 9.07
CA HIS B 213 -25.68 13.90 9.68
C HIS B 213 -26.79 14.58 10.46
N ALA B 214 -27.93 14.76 9.80
CA ALA B 214 -29.07 15.48 10.38
C ALA B 214 -29.66 14.75 11.60
N GLY B 215 -29.83 13.44 11.47
CA GLY B 215 -30.33 12.62 12.58
C GLY B 215 -29.42 12.66 13.78
N LEU B 216 -28.11 12.57 13.55
CA LEU B 216 -27.12 12.71 14.62
C LEU B 216 -27.13 14.13 15.18
N ALA B 217 -27.32 15.13 14.31
CA ALA B 217 -27.37 16.53 14.75
C ALA B 217 -28.46 16.74 15.81
N VAL B 218 -29.68 16.29 15.51
CA VAL B 218 -30.83 16.44 16.41
C VAL B 218 -30.60 15.67 17.72
N GLY B 219 -30.17 14.42 17.59
CA GLY B 219 -29.91 13.57 18.74
C GLY B 219 -28.84 14.11 19.65
N LEU B 220 -27.71 14.49 19.08
CA LEU B 220 -26.55 14.93 19.85
C LEU B 220 -26.74 16.29 20.51
N GLU B 221 -27.52 17.16 19.88
CA GLU B 221 -27.91 18.44 20.50
C GLU B 221 -28.56 18.21 21.87
N HIS B 222 -29.47 17.25 21.94
CA HIS B 222 -30.19 16.98 23.17
C HIS B 222 -29.50 16.07 24.13
N LEU B 223 -28.65 15.18 23.62
CA LEU B 223 -28.01 14.16 24.45
C LEU B 223 -26.59 14.50 24.90
N MET B 224 -25.84 15.20 24.04
CA MET B 224 -24.44 15.54 24.34
C MET B 224 -24.11 16.93 23.77
N PRO B 225 -24.73 17.99 24.35
CA PRO B 225 -24.65 19.33 23.76
C PRO B 225 -23.25 19.93 23.67
N ASP B 226 -22.31 19.43 24.46
CA ASP B 226 -20.93 19.95 24.48
C ASP B 226 -20.07 19.41 23.34
N VAL B 227 -20.59 18.43 22.59
CA VAL B 227 -19.83 17.76 21.53
C VAL B 227 -20.01 18.45 20.18
N GLU B 228 -18.92 18.59 19.45
CA GLU B 228 -18.94 19.15 18.10
C GLU B 228 -19.12 18.05 17.07
N LEU B 229 -20.22 18.11 16.31
CA LEU B 229 -20.47 17.17 15.23
C LEU B 229 -20.01 17.73 13.89
N ILE B 230 -19.04 17.04 13.27
CA ILE B 230 -18.50 17.43 11.97
C ILE B 230 -18.90 16.46 10.87
N GLY B 231 -19.56 16.98 9.85
CA GLY B 231 -19.90 16.21 8.66
C GLY B 231 -18.85 16.45 7.60
N VAL B 232 -18.19 15.37 7.16
CA VAL B 232 -17.25 15.47 6.05
C VAL B 232 -18.00 15.15 4.76
N THR B 233 -18.11 16.13 3.86
CA THR B 233 -18.90 15.94 2.64
C THR B 233 -18.24 14.96 1.68
N VAL B 234 -19.06 14.17 0.99
CA VAL B 234 -18.57 13.15 0.07
C VAL B 234 -19.03 13.41 -1.36
N SER B 235 -19.84 14.45 -1.55
CA SER B 235 -20.42 14.76 -2.86
C SER B 235 -20.58 16.25 -3.20
N ARG B 236 -20.58 17.12 -2.18
CA ARG B 236 -20.89 18.54 -2.38
C ARG B 236 -20.04 19.51 -1.58
N SER B 237 -19.99 20.76 -2.03
CA SER B 237 -19.38 21.85 -1.27
C SER B 237 -20.22 22.16 -0.02
N VAL B 238 -19.64 22.87 0.94
CA VAL B 238 -20.36 23.28 2.14
C VAL B 238 -21.61 24.09 1.75
N ALA B 239 -21.45 25.01 0.80
CA ALA B 239 -22.55 25.86 0.31
C ALA B 239 -23.75 25.05 -0.21
N GLU B 240 -23.46 23.96 -0.92
CA GLU B 240 -24.50 23.11 -1.51
C GLU B 240 -25.11 22.15 -0.49
N GLN B 241 -24.31 21.74 0.49
CA GLN B 241 -24.72 20.70 1.44
C GLN B 241 -25.43 21.25 2.68
N LYS B 242 -24.99 22.41 3.17
CA LYS B 242 -25.53 22.97 4.41
C LYS B 242 -27.06 23.13 4.44
N PRO B 243 -27.66 23.68 3.36
CA PRO B 243 -29.12 23.80 3.36
C PRO B 243 -29.86 22.46 3.40
N LYS B 244 -29.30 21.44 2.76
CA LYS B 244 -29.89 20.09 2.80
C LYS B 244 -29.91 19.54 4.23
N VAL B 245 -28.79 19.66 4.93
CA VAL B 245 -28.66 19.13 6.30
C VAL B 245 -29.55 19.91 7.28
N ILE B 246 -29.60 21.23 7.16
CA ILE B 246 -30.43 22.07 8.02
C ILE B 246 -31.91 21.72 7.86
N ALA B 247 -32.37 21.65 6.62
CA ALA B 247 -33.76 21.32 6.31
C ALA B 247 -34.21 20.00 6.93
N LEU B 248 -33.37 18.97 6.85
CA LEU B 248 -33.68 17.68 7.48
C LEU B 248 -33.64 17.79 8.99
N GLN B 249 -32.63 18.48 9.52
CA GLN B 249 -32.51 18.76 10.94
C GLN B 249 -33.82 19.35 11.50
N GLN B 250 -34.33 20.38 10.81
CA GLN B 250 -35.56 21.06 11.21
C GLN B 250 -36.79 20.16 11.09
N ALA B 251 -36.85 19.38 10.02
CA ALA B 251 -37.96 18.45 9.80
C ALA B 251 -38.01 17.36 10.87
N ILE B 252 -36.86 16.75 11.16
CA ILE B 252 -36.74 15.72 12.20
C ILE B 252 -37.20 16.28 13.56
N ALA B 253 -36.62 17.41 13.96
CA ALA B 253 -36.92 18.04 15.24
C ALA B 253 -38.40 18.34 15.38
N GLY B 254 -38.99 18.89 14.33
CA GLY B 254 -40.42 19.20 14.28
C GLY B 254 -41.28 17.97 14.54
N GLN B 255 -40.93 16.86 13.90
CA GLN B 255 -41.70 15.61 14.03
C GLN B 255 -41.50 14.92 15.37
N LEU B 256 -40.43 15.31 16.10
CA LEU B 256 -40.15 14.78 17.42
C LEU B 256 -40.56 15.76 18.53
N ALA B 257 -41.16 16.88 18.12
CA ALA B 257 -41.56 17.97 19.02
C ALA B 257 -40.35 18.54 19.77
N LEU B 258 -39.28 18.79 19.04
CA LEU B 258 -38.07 19.37 19.61
C LEU B 258 -37.68 20.62 18.86
N THR B 259 -36.84 21.43 19.51
CA THR B 259 -36.18 22.54 18.83
C THR B 259 -34.77 22.12 18.46
N ALA B 260 -34.31 22.57 17.30
CA ALA B 260 -32.96 22.30 16.83
C ALA B 260 -32.32 23.62 16.42
N THR B 261 -31.46 24.13 17.29
CA THR B 261 -30.81 25.42 17.04
C THR B 261 -29.33 25.28 16.72
N ALA B 262 -28.73 24.15 17.11
CA ALA B 262 -27.30 23.88 16.89
C ALA B 262 -26.86 24.15 15.45
N ASP B 263 -25.67 24.72 15.30
CA ASP B 263 -25.11 24.98 13.97
C ASP B 263 -24.71 23.66 13.31
N ILE B 264 -24.79 23.62 11.98
CA ILE B 264 -24.32 22.47 11.20
C ILE B 264 -22.90 22.74 10.72
N HIS B 265 -21.99 21.80 11.03
CA HIS B 265 -20.59 21.93 10.64
C HIS B 265 -20.24 20.98 9.53
N LEU B 266 -19.66 21.53 8.46
CA LEU B 266 -19.29 20.76 7.28
C LEU B 266 -17.89 21.08 6.77
N TRP B 267 -17.12 20.03 6.44
CA TRP B 267 -15.82 20.17 5.80
C TRP B 267 -15.87 19.55 4.44
N ASP B 268 -15.58 20.34 3.41
CA ASP B 268 -15.72 19.88 2.02
C ASP B 268 -14.41 19.64 1.26
N ASP B 269 -13.30 19.60 2.00
CA ASP B 269 -11.97 19.55 1.39
C ASP B 269 -11.49 18.15 1.01
N TYR B 270 -12.34 17.14 1.25
CA TYR B 270 -11.84 15.76 1.28
C TYR B 270 -12.53 14.79 0.32
N PHE B 271 -13.21 15.31 -0.69
CA PHE B 271 -13.94 14.42 -1.60
C PHE B 271 -13.57 14.54 -3.08
N ALA B 272 -12.69 15.50 -3.40
CA ALA B 272 -12.24 15.73 -4.78
C ALA B 272 -11.70 14.44 -5.41
N PRO B 273 -11.99 14.20 -6.70
CA PRO B 273 -12.63 15.12 -7.63
C PRO B 273 -14.15 15.00 -7.71
N GLY B 274 -14.75 14.25 -6.80
CA GLY B 274 -16.21 14.14 -6.76
C GLY B 274 -16.76 12.85 -6.18
N TYR B 275 -18.08 12.79 -6.05
CA TYR B 275 -18.76 11.62 -5.54
C TYR B 275 -18.37 10.33 -6.26
N GLY B 276 -18.05 9.30 -5.48
CA GLY B 276 -17.82 7.96 -6.00
C GLY B 276 -16.48 7.78 -6.68
N VAL B 277 -15.63 8.79 -6.60
CA VAL B 277 -14.27 8.69 -7.11
C VAL B 277 -13.32 8.61 -5.93
N PRO B 278 -12.51 7.54 -5.85
CA PRO B 278 -11.53 7.49 -4.76
C PRO B 278 -10.48 8.58 -4.90
N ASN B 279 -9.95 9.04 -3.78
CA ASN B 279 -8.76 9.88 -3.80
C ASN B 279 -7.69 9.29 -2.90
N ASP B 280 -6.46 9.80 -3.01
CA ASP B 280 -5.31 9.23 -2.29
C ASP B 280 -5.43 9.30 -0.77
N ALA B 281 -5.80 10.47 -0.24
CA ALA B 281 -6.02 10.63 1.20
C ALA B 281 -7.05 9.62 1.71
N GLY B 282 -8.13 9.45 0.96
CA GLY B 282 -9.20 8.51 1.32
C GLY B 282 -8.71 7.08 1.37
N MET B 283 -8.04 6.65 0.29
CA MET B 283 -7.47 5.30 0.20
C MET B 283 -6.37 5.04 1.22
N GLU B 284 -5.59 6.07 1.51
CA GLU B 284 -4.58 5.96 2.57
C GLU B 284 -5.21 5.84 3.96
N ALA B 285 -6.36 6.50 4.17
CA ALA B 285 -7.13 6.33 5.41
C ALA B 285 -7.64 4.90 5.54
N VAL B 286 -8.10 4.33 4.42
CA VAL B 286 -8.51 2.92 4.39
C VAL B 286 -7.34 2.01 4.82
N LYS B 287 -6.17 2.22 4.22
CA LYS B 287 -4.97 1.44 4.55
C LYS B 287 -4.57 1.57 6.02
N LEU B 288 -4.61 2.81 6.52
CA LEU B 288 -4.26 3.09 7.92
C LEU B 288 -5.14 2.32 8.91
N LEU B 289 -6.45 2.39 8.71
CA LEU B 289 -7.41 1.73 9.61
C LEU B 289 -7.34 0.20 9.51
N ALA B 290 -7.14 -0.29 8.29
CA ALA B 290 -6.94 -1.74 8.08
C ALA B 290 -5.69 -2.24 8.78
N SER B 291 -4.57 -1.55 8.55
CA SER B 291 -3.28 -2.02 9.04
C SER B 291 -3.09 -1.80 10.54
N LEU B 292 -3.74 -0.76 11.08
CA LEU B 292 -3.56 -0.46 12.51
C LEU B 292 -4.62 -1.08 13.39
N GLU B 293 -5.82 -1.28 12.85
CA GLU B 293 -6.96 -1.68 13.67
C GLU B 293 -7.72 -2.91 13.16
N GLY B 294 -7.37 -3.40 11.98
CA GLY B 294 -8.11 -4.51 11.34
C GLY B 294 -9.52 -4.11 10.93
N VAL B 295 -9.73 -2.81 10.74
CA VAL B 295 -11.04 -2.24 10.39
C VAL B 295 -11.07 -1.88 8.91
N LEU B 296 -12.17 -2.25 8.24
CA LEU B 296 -12.34 -1.95 6.83
C LEU B 296 -13.26 -0.75 6.59
N LEU B 297 -12.68 0.31 6.02
CA LEU B 297 -13.44 1.46 5.52
C LEU B 297 -13.75 1.24 4.05
N ASP B 298 -14.14 2.31 3.34
CA ASP B 298 -14.49 2.20 1.92
C ASP B 298 -14.00 3.41 1.12
N PRO B 299 -13.87 3.26 -0.22
CA PRO B 299 -13.35 4.32 -1.08
C PRO B 299 -14.26 5.53 -1.26
N VAL B 300 -15.57 5.34 -1.07
CA VAL B 300 -16.55 6.37 -1.43
C VAL B 300 -16.93 7.28 -0.26
N TYR B 301 -17.08 6.69 0.92
CA TYR B 301 -17.62 7.39 2.08
C TYR B 301 -16.65 7.48 3.26
N THR B 302 -16.49 6.37 3.98
CA THR B 302 -15.77 6.36 5.26
C THR B 302 -14.28 6.67 5.12
N GLY B 303 -13.66 6.23 4.03
CA GLY B 303 -12.27 6.57 3.74
C GLY B 303 -12.04 8.08 3.64
N LYS B 304 -12.97 8.76 2.96
CA LYS B 304 -12.89 10.22 2.82
C LYS B 304 -13.19 10.95 4.12
N ALA B 305 -14.19 10.46 4.86
CA ALA B 305 -14.52 11.03 6.17
C ALA B 305 -13.38 10.86 7.15
N MET B 306 -12.72 9.70 7.14
CA MET B 306 -11.55 9.46 7.99
C MET B 306 -10.37 10.33 7.56
N ALA B 307 -10.21 10.54 6.26
CA ALA B 307 -9.20 11.45 5.74
C ALA B 307 -9.40 12.85 6.32
N GLY B 308 -10.66 13.29 6.37
CA GLY B 308 -11.03 14.55 7.00
C GLY B 308 -10.69 14.61 8.48
N LEU B 309 -11.05 13.56 9.22
CA LEU B 309 -10.73 13.46 10.64
C LEU B 309 -9.23 13.64 10.88
N ILE B 310 -8.41 12.92 10.12
CA ILE B 310 -6.96 12.95 10.26
C ILE B 310 -6.39 14.34 9.94
N ASP B 311 -6.90 14.95 8.87
CA ASP B 311 -6.48 16.31 8.52
C ASP B 311 -6.93 17.32 9.57
N GLY B 312 -8.09 17.07 10.18
CA GLY B 312 -8.59 17.91 11.26
C GLY B 312 -7.64 17.95 12.44
N ILE B 313 -6.98 16.82 12.70
CA ILE B 313 -5.95 16.73 13.72
C ILE B 313 -4.73 17.58 13.34
N SER B 314 -4.17 17.31 12.16
CA SER B 314 -2.93 17.98 11.73
C SER B 314 -3.10 19.47 11.44
N GLN B 315 -4.32 19.90 11.14
CA GLN B 315 -4.60 21.31 10.91
C GLN B 315 -5.24 21.98 12.12
N LYS B 316 -5.36 21.23 13.22
CA LYS B 316 -5.97 21.71 14.47
C LYS B 316 -7.34 22.33 14.19
N ARG B 317 -8.16 21.59 13.44
CA ARG B 317 -9.41 22.12 12.90
C ARG B 317 -10.61 21.93 13.84
N PHE B 318 -10.53 20.96 14.75
CA PHE B 318 -11.59 20.74 15.74
C PHE B 318 -11.64 21.88 16.77
N ASN B 319 -12.77 22.03 17.46
CA ASN B 319 -12.95 23.08 18.46
C ASN B 319 -11.95 23.01 19.63
N ASP B 320 -11.60 21.78 20.03
CA ASP B 320 -10.51 21.54 20.99
C ASP B 320 -9.84 20.17 20.81
N ASP B 321 -8.86 19.87 21.66
CA ASP B 321 -7.92 18.76 21.43
C ASP B 321 -8.36 17.40 21.99
N GLY B 322 -9.61 17.29 22.43
CA GLY B 322 -10.06 16.09 23.13
C GLY B 322 -10.42 14.92 22.23
N PRO B 323 -10.88 13.80 22.84
CA PRO B 323 -11.24 12.56 22.14
C PRO B 323 -12.22 12.76 20.98
N ILE B 324 -12.03 12.00 19.90
CA ILE B 324 -12.88 12.05 18.72
C ILE B 324 -13.58 10.71 18.49
N LEU B 325 -14.87 10.77 18.13
CA LEU B 325 -15.61 9.57 17.76
C LEU B 325 -15.88 9.56 16.26
N PHE B 326 -15.42 8.51 15.59
CA PHE B 326 -15.71 8.33 14.17
C PHE B 326 -16.92 7.42 14.03
N ILE B 327 -17.89 7.86 13.21
CA ILE B 327 -19.07 7.04 12.90
C ILE B 327 -18.76 6.19 11.67
N HIS B 328 -18.56 4.89 11.89
CA HIS B 328 -18.40 3.98 10.77
C HIS B 328 -19.75 3.67 10.19
N THR B 329 -20.01 4.26 9.03
CA THR B 329 -21.30 4.10 8.38
C THR B 329 -21.34 2.90 7.41
N GLY B 330 -20.20 2.22 7.26
CA GLY B 330 -20.13 1.00 6.45
C GLY B 330 -19.43 1.16 5.11
N GLY B 331 -19.97 0.51 4.09
CA GLY B 331 -19.53 0.72 2.71
C GLY B 331 -18.47 -0.22 2.16
N ALA B 332 -17.89 -1.06 3.02
CA ALA B 332 -16.75 -1.91 2.62
C ALA B 332 -16.94 -2.84 1.41
N PRO B 333 -18.17 -3.33 1.16
CA PRO B 333 -18.35 -4.13 -0.06
C PRO B 333 -17.93 -3.42 -1.35
N ALA B 334 -17.89 -2.08 -1.34
CA ALA B 334 -17.43 -1.31 -2.51
C ALA B 334 -15.94 -1.48 -2.80
N LEU B 335 -15.15 -1.89 -1.80
CA LEU B 335 -13.72 -2.17 -2.01
C LEU B 335 -13.52 -3.13 -3.18
N PHE B 336 -14.41 -4.11 -3.27
CA PHE B 336 -14.30 -5.18 -4.28
C PHE B 336 -14.75 -4.72 -5.66
N ALA B 337 -15.52 -3.64 -5.71
CA ALA B 337 -15.99 -3.08 -6.97
C ALA B 337 -15.01 -2.05 -7.52
N TYR B 338 -14.29 -1.38 -6.63
CA TYR B 338 -13.33 -0.35 -7.00
C TYR B 338 -11.95 -0.92 -7.35
N HIS B 339 -11.69 -2.14 -6.88
CA HIS B 339 -10.46 -2.86 -7.24
C HIS B 339 -10.56 -3.41 -8.64
N PRO B 340 -9.49 -3.28 -9.45
CA PRO B 340 -8.20 -2.63 -9.11
C PRO B 340 -8.22 -1.12 -9.34
N HIS B 341 -9.10 -0.68 -10.22
CA HIS B 341 -9.28 0.73 -10.54
C HIS B 341 -10.61 0.92 -11.21
N VAL B 342 -11.06 2.16 -11.29
CA VAL B 342 -12.23 2.50 -12.09
C VAL B 342 -11.84 3.45 -13.22
N THR C 21 37.69 20.59 10.04
CA THR C 21 38.72 19.50 10.05
C THR C 21 39.88 19.84 9.10
N ARG C 22 41.09 19.44 9.49
CA ARG C 22 42.30 19.71 8.70
C ARG C 22 42.83 18.44 8.05
N PHE C 23 42.07 17.35 8.15
CA PHE C 23 42.47 16.04 7.61
C PHE C 23 42.43 16.03 6.08
N PRO C 24 43.29 15.18 5.45
CA PRO C 24 43.22 15.02 3.99
C PRO C 24 41.87 14.45 3.55
N ARG C 25 41.31 15.00 2.48
CA ARG C 25 39.96 14.66 2.05
C ARG C 25 39.82 14.67 0.53
N LEU C 26 39.38 13.56 -0.04
CA LEU C 26 39.08 13.49 -1.47
C LEU C 26 37.73 14.11 -1.74
N GLU C 27 37.53 14.60 -2.96
CA GLU C 27 36.28 15.28 -3.31
C GLU C 27 35.38 14.33 -4.12
N PHE C 28 34.50 13.63 -3.41
CA PHE C 28 33.56 12.69 -4.03
C PHE C 28 32.18 13.28 -4.26
N ILE C 29 31.84 14.35 -3.53
CA ILE C 29 30.49 14.90 -3.60
C ILE C 29 30.44 16.21 -4.37
N GLY C 30 31.37 17.11 -4.07
CA GLY C 30 31.39 18.43 -4.68
C GLY C 30 30.56 19.41 -3.89
N ALA C 31 29.49 19.90 -4.50
CA ALA C 31 28.63 20.92 -3.89
C ALA C 31 27.91 20.39 -2.65
N PRO C 32 27.51 21.28 -1.73
CA PRO C 32 26.69 20.83 -0.60
C PRO C 32 25.40 20.19 -1.10
N THR C 33 25.00 19.07 -0.49
CA THR C 33 23.75 18.38 -0.86
C THR C 33 22.55 19.26 -0.53
N PRO C 34 21.44 19.12 -1.30
CA PRO C 34 20.28 19.95 -1.04
C PRO C 34 19.73 19.80 0.39
N LEU C 35 19.22 20.90 0.92
CA LEU C 35 18.45 20.87 2.14
C LEU C 35 17.12 21.48 1.75
N GLU C 36 16.05 20.69 1.85
CA GLU C 36 14.76 21.07 1.28
C GLU C 36 13.67 21.04 2.32
N TYR C 37 12.71 21.96 2.16
CA TYR C 37 11.48 21.91 2.94
C TYR C 37 10.57 20.86 2.33
N LEU C 38 9.83 20.16 3.19
CA LEU C 38 8.86 19.17 2.73
C LEU C 38 7.43 19.63 2.99
N PRO C 39 6.86 20.42 2.06
CA PRO C 39 5.59 21.11 2.31
C PRO C 39 4.40 20.17 2.50
N ARG C 40 4.36 19.06 1.75
CA ARG C 40 3.23 18.14 1.80
C ARG C 40 3.25 17.27 3.05
N LEU C 41 4.42 16.71 3.38
CA LEU C 41 4.61 15.98 4.63
C LEU C 41 4.38 16.89 5.84
N SER C 42 4.88 18.13 5.76
CA SER C 42 4.73 19.10 6.84
C SER C 42 3.24 19.38 7.08
N ASP C 43 2.52 19.63 6.00
CA ASP C 43 1.07 19.86 6.06
C ASP C 43 0.33 18.67 6.68
N TYR C 44 0.79 17.46 6.33
CA TYR C 44 0.17 16.24 6.83
C TYR C 44 0.46 16.02 8.32
N LEU C 45 1.68 16.35 8.75
CA LEU C 45 2.09 16.13 10.13
C LEU C 45 1.80 17.29 11.08
N GLY C 46 1.42 18.44 10.52
CA GLY C 46 1.17 19.65 11.30
C GLY C 46 2.42 20.18 11.99
N ARG C 47 3.55 20.02 11.31
CA ARG C 47 4.87 20.36 11.86
C ARG C 47 5.79 20.64 10.68
N GLU C 48 6.63 21.65 10.80
CA GLU C 48 7.62 21.93 9.75
C GLU C 48 8.67 20.83 9.69
N ILE C 49 8.76 20.16 8.54
CA ILE C 49 9.79 19.14 8.32
C ILE C 49 10.69 19.55 7.16
N TYR C 50 11.99 19.49 7.40
CA TYR C 50 13.00 19.74 6.39
C TYR C 50 13.80 18.46 6.17
N ILE C 51 14.45 18.34 5.02
CA ILE C 51 15.22 17.14 4.71
C ILE C 51 16.62 17.47 4.17
N LYS C 52 17.63 16.84 4.76
CA LYS C 52 19.01 16.96 4.29
C LYS C 52 19.28 15.80 3.34
N ARG C 53 19.46 16.11 2.06
CA ARG C 53 19.47 15.09 1.01
C ARG C 53 20.84 14.45 0.78
N ASP C 54 21.36 13.75 1.77
CA ASP C 54 22.64 13.06 1.62
C ASP C 54 22.52 11.79 0.78
N ASP C 55 21.29 11.54 0.31
CA ASP C 55 21.01 10.45 -0.62
C ASP C 55 21.31 10.81 -2.09
N VAL C 56 21.44 12.10 -2.43
CA VAL C 56 21.56 12.52 -3.84
C VAL C 56 22.99 12.60 -4.41
N THR C 57 23.96 12.33 -3.56
CA THR C 57 25.37 12.11 -3.90
C THR C 57 25.60 11.46 -5.28
N PRO C 58 26.61 11.94 -6.05
CA PRO C 58 26.79 11.48 -7.43
C PRO C 58 27.38 10.07 -7.63
N ILE C 59 27.95 9.46 -6.60
CA ILE C 59 28.60 8.17 -6.77
C ILE C 59 27.71 6.97 -6.47
N ALA C 60 27.46 6.17 -7.51
CA ALA C 60 26.78 4.87 -7.41
C ALA C 60 25.55 4.83 -6.50
N MET C 61 24.61 5.72 -6.78
CA MET C 61 23.29 5.77 -6.11
C MET C 61 23.31 6.39 -4.70
N GLY C 62 24.44 6.99 -4.34
CA GLY C 62 24.50 7.93 -3.22
C GLY C 62 24.50 7.34 -1.82
N GLY C 63 24.46 8.21 -0.83
CA GLY C 63 24.41 7.78 0.57
C GLY C 63 25.38 8.49 1.49
N ASN C 64 25.11 8.35 2.79
CA ASN C 64 25.94 8.95 3.83
C ASN C 64 27.37 8.39 3.89
N1 LLP C 65 21.22 5.14 6.69
C2 LLP C 65 21.82 4.51 5.66
C2' LLP C 65 21.15 4.51 4.31
C3 LLP C 65 23.05 3.90 5.84
O3 LLP C 65 23.66 3.27 4.79
C4 LLP C 65 23.66 3.91 7.09
C4' LLP C 65 24.98 3.25 7.24
C5 LLP C 65 23.01 4.57 8.14
C6 LLP C 65 21.77 5.17 7.91
C5' LLP C 65 23.57 4.64 9.54
OP4 LLP C 65 24.78 5.39 9.59
P LLP C 65 25.92 4.97 10.63
OP1 LLP C 65 26.37 3.60 10.22
OP2 LLP C 65 25.23 5.01 11.99
OP3 LLP C 65 26.94 6.07 10.45
N LLP C 65 27.52 7.13 3.50
CA LLP C 65 28.82 6.46 3.58
CB LLP C 65 28.68 4.96 3.27
CG LLP C 65 27.64 4.26 4.15
CD LLP C 65 27.90 4.38 5.66
CE LLP C 65 27.26 3.24 6.47
NZ LLP C 65 25.82 3.36 6.30
C LLP C 65 29.88 7.13 2.73
O LLP C 65 31.07 7.06 3.05
N LEU C 66 29.46 7.79 1.65
CA LEU C 66 30.39 8.55 0.81
C LEU C 66 31.08 9.69 1.56
N ARG C 67 30.34 10.41 2.41
CA ARG C 67 30.93 11.46 3.25
C ARG C 67 32.11 10.94 4.08
N LYS C 68 31.99 9.72 4.59
CA LYS C 68 33.05 9.09 5.38
C LYS C 68 34.20 8.63 4.48
N LEU C 69 33.85 8.09 3.32
CA LEU C 69 34.86 7.56 2.38
C LEU C 69 35.81 8.62 1.85
N GLU C 70 35.35 9.87 1.79
CA GLU C 70 36.20 10.99 1.39
C GLU C 70 37.46 11.07 2.27
N PHE C 71 37.26 10.96 3.58
CA PHE C 71 38.35 10.99 4.53
C PHE C 71 39.09 9.66 4.57
N LEU C 72 38.34 8.56 4.58
CA LEU C 72 38.92 7.22 4.70
C LEU C 72 39.82 6.84 3.53
N VAL C 73 39.34 7.05 2.31
CA VAL C 73 40.07 6.67 1.10
C VAL C 73 41.25 7.60 0.84
N ALA C 74 41.13 8.87 1.26
CA ALA C 74 42.25 9.81 1.22
C ALA C 74 43.39 9.29 2.07
N ASP C 75 43.05 8.77 3.24
CA ASP C 75 44.03 8.16 4.14
C ASP C 75 44.68 6.94 3.49
N ALA C 76 43.87 6.12 2.83
CA ALA C 76 44.34 4.94 2.12
C ALA C 76 45.37 5.27 1.04
N LEU C 77 45.13 6.36 0.32
CA LEU C 77 46.02 6.80 -0.75
C LEU C 77 47.35 7.30 -0.18
N ARG C 78 47.28 8.06 0.91
CA ARG C 78 48.46 8.53 1.62
C ARG C 78 49.33 7.37 2.12
N GLU C 79 48.69 6.22 2.38
CA GLU C 79 49.40 5.02 2.82
C GLU C 79 49.87 4.16 1.66
N GLY C 80 49.58 4.60 0.43
CA GLY C 80 49.98 3.88 -0.77
C GLY C 80 49.29 2.55 -0.95
N ALA C 81 48.08 2.43 -0.40
CA ALA C 81 47.28 1.22 -0.53
C ALA C 81 46.77 1.03 -1.96
N ASP C 82 46.70 -0.23 -2.40
CA ASP C 82 46.15 -0.58 -3.71
C ASP C 82 44.85 -1.39 -3.60
N THR C 83 44.45 -1.67 -2.37
CA THR C 83 43.28 -2.49 -2.09
C THR C 83 42.48 -1.90 -0.93
N LEU C 84 41.16 -1.87 -1.08
CA LEU C 84 40.28 -1.48 0.01
C LEU C 84 39.54 -2.71 0.51
N ILE C 85 39.58 -2.93 1.83
CA ILE C 85 38.92 -4.06 2.46
C ILE C 85 37.93 -3.56 3.50
N THR C 86 36.68 -4.02 3.40
CA THR C 86 35.67 -3.68 4.40
C THR C 86 34.67 -4.82 4.60
N ALA C 87 33.68 -4.58 5.45
CA ALA C 87 32.72 -5.61 5.83
C ALA C 87 31.32 -5.04 6.03
N GLY C 88 30.31 -5.90 5.92
CA GLY C 88 28.93 -5.51 6.18
C GLY C 88 27.96 -6.61 5.82
N ALA C 89 26.67 -6.33 5.94
CA ALA C 89 25.64 -7.27 5.50
C ALA C 89 25.70 -7.41 3.99
N ILE C 90 25.09 -8.47 3.46
CA ILE C 90 25.00 -8.68 2.01
C ILE C 90 24.44 -7.44 1.30
N GLN C 91 23.52 -6.74 1.96
CA GLN C 91 22.89 -5.56 1.37
C GLN C 91 23.44 -4.23 1.91
N SER C 92 24.64 -4.27 2.48
CA SER C 92 25.31 -3.07 2.99
C SER C 92 25.42 -1.97 1.95
N ASN C 93 25.05 -0.75 2.36
CA ASN C 93 25.24 0.43 1.51
C ASN C 93 26.70 0.86 1.48
N HIS C 94 27.37 0.70 2.62
CA HIS C 94 28.78 1.06 2.79
C HIS C 94 29.66 0.28 1.86
N VAL C 95 29.43 -1.03 1.79
CA VAL C 95 30.21 -1.92 0.94
C VAL C 95 30.05 -1.53 -0.53
N ARG C 96 28.81 -1.23 -0.93
CA ARG C 96 28.50 -0.83 -2.31
C ARG C 96 29.25 0.45 -2.69
N GLN C 97 29.18 1.45 -1.82
CA GLN C 97 29.81 2.75 -2.07
C GLN C 97 31.34 2.67 -2.04
N THR C 98 31.86 1.80 -1.17
CA THR C 98 33.29 1.51 -1.10
C THR C 98 33.77 0.85 -2.40
N ALA C 99 33.04 -0.16 -2.86
CA ALA C 99 33.36 -0.85 -4.11
C ALA C 99 33.35 0.09 -5.30
N ALA C 100 32.36 1.00 -5.32
CA ALA C 100 32.24 2.01 -6.38
C ALA C 100 33.47 2.93 -6.41
N VAL C 101 33.82 3.46 -5.25
CA VAL C 101 34.99 4.34 -5.10
C VAL C 101 36.29 3.63 -5.48
N ALA C 102 36.46 2.39 -5.03
CA ALA C 102 37.62 1.57 -5.38
C ALA C 102 37.76 1.41 -6.89
N ALA C 103 36.64 1.11 -7.54
CA ALA C 103 36.59 0.96 -9.00
C ALA C 103 37.02 2.25 -9.70
N LYS C 104 36.45 3.37 -9.25
CA LYS C 104 36.75 4.70 -9.79
C LYS C 104 38.24 5.02 -9.69
N LEU C 105 38.86 4.66 -8.56
CA LEU C 105 40.24 5.02 -8.29
C LEU C 105 41.25 3.94 -8.68
N GLY C 106 40.77 2.88 -9.33
CA GLY C 106 41.63 1.78 -9.77
C GLY C 106 42.23 0.96 -8.64
N LEU C 107 41.48 0.86 -7.54
CA LEU C 107 41.88 0.07 -6.38
C LEU C 107 41.05 -1.20 -6.38
N HIS C 108 41.66 -2.31 -5.95
CA HIS C 108 40.92 -3.54 -5.73
C HIS C 108 40.02 -3.37 -4.55
N CYS C 109 38.91 -4.13 -4.52
CA CYS C 109 38.02 -4.12 -3.37
C CYS C 109 37.71 -5.53 -2.91
N VAL C 110 37.86 -5.76 -1.61
CA VAL C 110 37.52 -7.05 -0.99
C VAL C 110 36.43 -6.80 0.05
N ALA C 111 35.35 -7.58 -0.04
CA ALA C 111 34.19 -7.39 0.84
C ALA C 111 33.96 -8.63 1.70
N LEU C 112 33.93 -8.42 3.02
CA LEU C 112 33.62 -9.48 3.96
C LEU C 112 32.14 -9.37 4.32
N LEU C 113 31.34 -10.32 3.84
CA LEU C 113 29.89 -10.22 3.93
C LEU C 113 29.21 -11.31 4.74
N GLU C 114 28.20 -10.89 5.52
CA GLU C 114 27.35 -11.81 6.28
C GLU C 114 25.88 -11.66 5.90
N ASN C 115 25.13 -12.75 6.09
CA ASN C 115 23.69 -12.75 5.99
C ASN C 115 23.12 -12.63 7.42
N PRO C 116 22.74 -11.41 7.83
CA PRO C 116 22.41 -11.15 9.23
C PRO C 116 21.00 -11.57 9.63
N ILE C 117 20.18 -11.97 8.66
CA ILE C 117 18.76 -12.25 8.92
C ILE C 117 18.35 -13.68 8.56
N GLY C 118 19.30 -14.46 8.06
CA GLY C 118 19.10 -15.88 7.75
C GLY C 118 18.18 -16.19 6.59
N THR C 119 18.04 -15.25 5.66
CA THR C 119 17.10 -15.40 4.55
C THR C 119 17.66 -16.23 3.39
N THR C 120 16.77 -16.91 2.68
CA THR C 120 17.14 -17.58 1.42
C THR C 120 16.51 -16.90 0.21
N ALA C 121 15.83 -15.77 0.44
CA ALA C 121 15.16 -15.03 -0.64
C ALA C 121 16.15 -14.54 -1.68
N GLU C 122 15.83 -14.78 -2.95
CA GLU C 122 16.78 -14.54 -4.04
C GLU C 122 17.14 -13.06 -4.22
N ASN C 123 16.17 -12.17 -4.07
CA ASN C 123 16.44 -10.74 -4.20
C ASN C 123 17.35 -10.18 -3.11
N TYR C 124 17.23 -10.68 -1.88
CA TYR C 124 18.18 -10.30 -0.84
C TYR C 124 19.58 -10.82 -1.15
N LEU C 125 19.67 -12.07 -1.59
CA LEU C 125 20.96 -12.71 -1.82
C LEU C 125 21.71 -12.17 -3.05
N THR C 126 20.97 -11.74 -4.08
CA THR C 126 21.61 -11.44 -5.37
C THR C 126 21.26 -10.08 -5.99
N ASN C 127 20.15 -9.49 -5.59
CA ASN C 127 19.71 -8.23 -6.21
C ASN C 127 20.18 -7.01 -5.41
N GLY C 128 19.67 -5.83 -5.73
CA GLY C 128 19.99 -4.60 -4.98
C GLY C 128 21.47 -4.28 -4.90
N ASN C 129 21.93 -3.97 -3.68
CA ASN C 129 23.34 -3.64 -3.44
C ASN C 129 24.31 -4.76 -3.83
N ARG C 130 23.91 -6.00 -3.54
CA ARG C 130 24.74 -7.17 -3.85
C ARG C 130 24.98 -7.32 -5.35
N LEU C 131 23.96 -7.01 -6.15
CA LEU C 131 24.09 -6.98 -7.60
C LEU C 131 25.16 -5.96 -8.02
N LEU C 132 25.08 -4.77 -7.43
CA LEU C 132 26.03 -3.70 -7.71
C LEU C 132 27.47 -4.10 -7.41
N LEU C 133 27.66 -4.91 -6.37
CA LEU C 133 29.00 -5.42 -6.03
C LEU C 133 29.63 -6.23 -7.18
N ASP C 134 28.83 -7.07 -7.82
CA ASP C 134 29.28 -7.87 -8.96
CA ASP C 134 29.27 -7.87 -8.95
C ASP C 134 29.70 -6.99 -10.13
N LEU C 135 28.90 -5.96 -10.41
CA LEU C 135 29.20 -5.01 -11.48
C LEU C 135 30.50 -4.24 -11.20
N PHE C 136 30.72 -3.89 -9.94
CA PHE C 136 31.95 -3.19 -9.51
C PHE C 136 33.16 -4.13 -9.35
N ASN C 137 32.97 -5.39 -9.73
CA ASN C 137 34.03 -6.40 -9.69
C ASN C 137 34.63 -6.59 -8.29
N THR C 138 33.76 -6.61 -7.27
CA THR C 138 34.19 -6.77 -5.89
C THR C 138 34.52 -8.23 -5.61
N GLN C 139 35.66 -8.47 -4.98
CA GLN C 139 35.98 -9.81 -4.49
C GLN C 139 35.19 -10.04 -3.20
N ILE C 140 34.35 -11.07 -3.21
CA ILE C 140 33.41 -11.32 -2.11
C ILE C 140 33.91 -12.46 -1.22
N GLU C 141 34.02 -12.17 0.08
CA GLU C 141 34.35 -13.17 1.08
C GLU C 141 33.19 -13.35 2.07
N MET C 142 32.52 -14.50 1.99
CA MET C 142 31.41 -14.81 2.91
C MET C 142 31.92 -15.30 4.26
N CYS C 143 31.12 -15.05 5.30
CA CYS C 143 31.37 -15.61 6.63
C CYS C 143 30.06 -15.87 7.35
N ASP C 144 30.09 -16.78 8.32
CA ASP C 144 28.92 -17.12 9.14
C ASP C 144 28.31 -15.89 9.82
N ALA C 145 29.12 -15.16 10.57
CA ALA C 145 28.68 -13.99 11.32
C ALA C 145 29.84 -13.02 11.56
N LEU C 146 29.52 -11.74 11.60
CA LEU C 146 30.52 -10.70 11.91
C LEU C 146 30.54 -10.42 13.41
N THR C 147 30.89 -11.44 14.18
CA THR C 147 30.94 -11.34 15.65
C THR C 147 32.05 -10.39 16.12
N ASP C 148 33.21 -10.49 15.48
CA ASP C 148 34.35 -9.63 15.77
C ASP C 148 34.82 -8.96 14.48
N PRO C 149 34.20 -7.82 14.11
CA PRO C 149 34.43 -7.17 12.81
C PRO C 149 35.84 -6.60 12.64
N ASP C 150 36.27 -5.75 13.59
CA ASP C 150 37.61 -5.15 13.54
C ASP C 150 38.73 -6.18 13.41
N ALA C 151 38.57 -7.32 14.09
CA ALA C 151 39.57 -8.38 14.08
C ALA C 151 39.47 -9.30 12.86
N GLN C 152 38.25 -9.60 12.42
CA GLN C 152 38.05 -10.42 11.22
C GLN C 152 38.59 -9.71 9.97
N LEU C 153 38.50 -8.38 9.98
CA LEU C 153 39.06 -7.55 8.92
C LEU C 153 40.59 -7.56 8.94
N GLN C 154 41.17 -7.48 10.14
CA GLN C 154 42.63 -7.52 10.30
C GLN C 154 43.25 -8.80 9.78
N THR C 155 42.58 -9.93 10.04
CA THR C 155 43.03 -11.24 9.54
C THR C 155 42.95 -11.29 8.03
N LEU C 156 41.86 -10.77 7.47
CA LEU C 156 41.68 -10.68 6.02
C LEU C 156 42.75 -9.79 5.41
N ALA C 157 43.03 -8.66 6.07
CA ALA C 157 44.02 -7.69 5.60
C ALA C 157 45.44 -8.22 5.60
N THR C 158 45.80 -8.95 6.66
CA THR C 158 47.13 -9.55 6.77
C THR C 158 47.28 -10.69 5.76
N ARG C 159 46.19 -11.42 5.52
CA ARG C 159 46.15 -12.46 4.49
C ARG C 159 46.38 -11.84 3.11
N ILE C 160 45.66 -10.77 2.81
CA ILE C 160 45.77 -10.06 1.53
C ILE C 160 47.14 -9.40 1.39
N GLU C 161 47.64 -8.81 2.48
CA GLU C 161 48.97 -8.19 2.51
C GLU C 161 50.08 -9.18 2.20
N ALA C 162 49.91 -10.42 2.69
CA ALA C 162 50.88 -11.50 2.44
C ALA C 162 50.78 -12.04 1.01
N GLN C 163 49.64 -11.83 0.36
CA GLN C 163 49.41 -12.34 -0.99
C GLN C 163 49.92 -11.39 -2.08
N GLY C 164 50.66 -10.36 -1.67
CA GLY C 164 51.29 -9.44 -2.62
C GLY C 164 50.47 -8.20 -2.95
N PHE C 165 49.53 -7.86 -2.07
CA PHE C 165 48.75 -6.64 -2.22
C PHE C 165 49.04 -5.67 -1.08
N ARG C 166 48.62 -4.43 -1.22
CA ARG C 166 48.76 -3.42 -0.19
C ARG C 166 47.38 -2.96 0.27
N PRO C 167 46.78 -3.68 1.23
CA PRO C 167 45.39 -3.41 1.63
C PRO C 167 45.25 -2.31 2.67
N TYR C 168 44.08 -1.65 2.67
CA TYR C 168 43.71 -0.67 3.69
C TYR C 168 42.34 -1.05 4.25
N VAL C 169 42.29 -1.21 5.57
CA VAL C 169 41.06 -1.65 6.24
C VAL C 169 40.14 -0.48 6.53
N ILE C 170 38.90 -0.59 6.05
CA ILE C 170 37.85 0.34 6.42
C ILE C 170 36.89 -0.40 7.36
N PRO C 171 36.62 0.17 8.54
CA PRO C 171 35.75 -0.49 9.51
C PRO C 171 34.29 -0.52 9.08
N VAL C 172 33.51 -1.44 9.67
CA VAL C 172 32.09 -1.59 9.36
C VAL C 172 31.36 -0.24 9.37
N GLY C 173 30.63 0.02 8.29
CA GLY C 173 29.88 1.28 8.14
C GLY C 173 30.75 2.51 7.98
N GLY C 174 32.04 2.30 7.78
CA GLY C 174 33.02 3.38 7.71
C GLY C 174 33.16 4.16 9.01
N SER C 175 32.73 3.57 10.11
CA SER C 175 32.57 4.31 11.37
C SER C 175 33.78 4.26 12.32
N SER C 176 34.95 4.59 11.79
CA SER C 176 36.09 4.93 12.63
C SER C 176 35.95 6.41 12.99
N ALA C 177 36.85 6.92 13.85
CA ALA C 177 36.84 8.33 14.22
C ALA C 177 37.11 9.23 13.01
N LEU C 178 38.02 8.78 12.14
CA LEU C 178 38.37 9.49 10.91
C LEU C 178 37.20 9.52 9.92
N GLY C 179 36.56 8.37 9.72
CA GLY C 179 35.37 8.27 8.87
C GLY C 179 34.31 9.27 9.29
N ALA C 180 34.07 9.36 10.58
CA ALA C 180 33.02 10.22 11.13
C ALA C 180 33.23 11.71 10.90
N MET C 181 34.46 12.08 10.54
CA MET C 181 34.80 13.48 10.22
C MET C 181 33.90 14.06 9.13
N GLY C 182 33.51 13.21 8.18
CA GLY C 182 32.57 13.60 7.12
C GLY C 182 31.30 14.22 7.63
N TYR C 183 30.80 13.70 8.75
CA TYR C 183 29.57 14.24 9.32
C TYR C 183 29.74 15.42 10.27
N VAL C 184 30.96 15.61 10.77
CA VAL C 184 31.31 16.88 11.42
C VAL C 184 31.20 18.00 10.38
N GLU C 185 31.83 17.78 9.22
CA GLU C 185 31.80 18.74 8.12
C GLU C 185 30.38 18.99 7.63
N SER C 186 29.59 17.92 7.55
CA SER C 186 28.18 17.99 7.16
C SER C 186 27.38 18.94 8.04
N ALA C 187 27.74 19.00 9.32
CA ALA C 187 27.10 19.90 10.28
C ALA C 187 27.27 21.36 9.89
N LEU C 188 28.44 21.69 9.33
CA LEU C 188 28.72 23.04 8.82
C LEU C 188 27.83 23.40 7.61
N GLU C 189 27.67 22.44 6.69
CA GLU C 189 26.73 22.59 5.57
C GLU C 189 25.34 22.92 6.07
N ILE C 190 24.84 22.09 6.99
CA ILE C 190 23.52 22.26 7.56
C ILE C 190 23.38 23.63 8.20
N ALA C 191 24.37 24.01 9.01
CA ALA C 191 24.39 25.31 9.69
C ALA C 191 24.26 26.48 8.70
N GLN C 192 25.03 26.40 7.62
CA GLN C 192 25.05 27.43 6.59
C GLN C 192 23.76 27.47 5.79
N GLN C 193 23.20 26.29 5.51
CA GLN C 193 21.96 26.18 4.76
C GLN C 193 20.74 26.64 5.55
N CYS C 194 20.81 26.50 6.88
CA CYS C 194 19.69 26.89 7.75
C CYS C 194 19.65 28.37 8.14
N GLU C 195 20.81 29.04 8.10
CA GLU C 195 20.88 30.49 8.36
C GLU C 195 19.94 31.27 7.45
N GLU C 196 19.15 32.16 8.06
CA GLU C 196 18.15 33.00 7.37
C GLU C 196 17.07 32.21 6.61
N VAL C 197 17.01 30.91 6.84
CA VAL C 197 15.98 30.05 6.23
C VAL C 197 15.06 29.46 7.29
N VAL C 198 15.65 28.77 8.28
CA VAL C 198 14.88 28.10 9.33
C VAL C 198 15.61 28.00 10.67
N GLY C 199 14.87 28.26 11.75
CA GLY C 199 15.35 27.99 13.10
C GLY C 199 14.95 26.58 13.54
N LEU C 200 15.88 25.63 13.39
CA LEU C 200 15.63 24.24 13.72
C LEU C 200 15.53 23.98 15.23
N SER C 201 14.60 23.09 15.60
CA SER C 201 14.47 22.63 16.97
CA SER C 201 14.48 22.62 16.98
C SER C 201 15.15 21.27 17.14
N SER C 202 14.93 20.38 16.15
CA SER C 202 15.43 19.02 16.23
C SER C 202 16.04 18.53 14.92
N VAL C 203 16.92 17.54 15.04
CA VAL C 203 17.46 16.81 13.90
C VAL C 203 17.28 15.32 14.18
N VAL C 204 16.80 14.58 13.17
CA VAL C 204 16.61 13.14 13.28
C VAL C 204 17.52 12.41 12.29
N VAL C 205 18.23 11.40 12.78
CA VAL C 205 19.09 10.58 11.94
C VAL C 205 19.04 9.13 12.41
N ALA C 206 19.18 8.19 11.47
CA ALA C 206 19.34 6.78 11.82
C ALA C 206 20.69 6.59 12.53
N SER C 207 20.67 5.77 13.58
CA SER C 207 21.89 5.48 14.35
C SER C 207 22.22 3.99 14.31
N GLY C 208 23.26 3.64 13.55
CA GLY C 208 23.68 2.25 13.37
C GLY C 208 25.10 2.02 13.83
N SER C 209 26.03 1.92 12.88
CA SER C 209 27.46 1.80 13.20
C SER C 209 27.98 3.07 13.90
N ALA C 210 27.14 4.10 13.93
CA ALA C 210 27.27 5.25 14.84
C ALA C 210 28.12 6.44 14.35
N GLY C 211 28.90 6.23 13.30
CA GLY C 211 29.73 7.30 12.72
C GLY C 211 28.97 8.57 12.40
N THR C 212 27.83 8.42 11.71
CA THR C 212 26.99 9.54 11.31
C THR C 212 26.42 10.27 12.52
N HIS C 213 25.88 9.50 13.46
CA HIS C 213 25.35 10.05 14.71
C HIS C 213 26.41 10.81 15.46
N ALA C 214 27.54 10.15 15.71
CA ALA C 214 28.62 10.74 16.51
C ALA C 214 29.29 11.94 15.82
N GLY C 215 29.49 11.84 14.51
CA GLY C 215 30.00 12.96 13.72
C GLY C 215 29.09 14.18 13.77
N LEU C 216 27.79 13.95 13.58
CA LEU C 216 26.81 15.02 13.70
C LEU C 216 26.75 15.56 15.13
N ALA C 217 26.89 14.67 16.11
CA ALA C 217 26.86 15.06 17.52
C ALA C 217 27.96 16.08 17.82
N VAL C 218 29.19 15.75 17.44
CA VAL C 218 30.36 16.61 17.66
C VAL C 218 30.21 17.92 16.90
N GLY C 219 29.92 17.81 15.60
CA GLY C 219 29.72 18.98 14.75
C GLY C 219 28.58 19.89 15.17
N LEU C 220 27.47 19.31 15.61
CA LEU C 220 26.30 20.12 16.00
C LEU C 220 26.42 20.74 17.39
N GLU C 221 27.16 20.10 18.29
CA GLU C 221 27.42 20.67 19.62
C GLU C 221 28.16 22.00 19.45
N HIS C 222 29.19 21.99 18.60
CA HIS C 222 30.01 23.18 18.36
C HIS C 222 29.37 24.24 17.51
N LEU C 223 28.45 23.84 16.61
CA LEU C 223 27.90 24.77 15.62
C LEU C 223 26.45 25.18 15.80
N MET C 224 25.60 24.25 16.26
CA MET C 224 24.17 24.52 16.43
C MET C 224 23.70 24.03 17.80
N PRO C 225 24.21 24.64 18.89
CA PRO C 225 24.05 24.05 20.22
C PRO C 225 22.61 24.05 20.76
N ASP C 226 21.75 24.90 20.21
CA ASP C 226 20.34 24.97 20.61
C ASP C 226 19.45 23.87 20.00
N VAL C 227 20.02 23.07 19.09
CA VAL C 227 19.26 22.06 18.36
C VAL C 227 19.43 20.67 18.99
N GLU C 228 18.30 20.00 19.22
CA GLU C 228 18.30 18.65 19.77
C GLU C 228 18.55 17.63 18.66
N LEU C 229 19.53 16.76 18.87
CA LEU C 229 19.83 15.69 17.91
C LEU C 229 19.34 14.33 18.40
N ILE C 230 18.47 13.72 17.61
CA ILE C 230 17.88 12.42 17.96
C ILE C 230 18.37 11.32 17.02
N GLY C 231 18.98 10.29 17.59
CA GLY C 231 19.35 9.11 16.83
C GLY C 231 18.31 8.01 17.04
N VAL C 232 17.72 7.55 15.95
CA VAL C 232 16.79 6.42 15.98
C VAL C 232 17.62 5.17 15.68
N THR C 233 17.71 4.27 16.66
CA THR C 233 18.55 3.09 16.49
C THR C 233 17.94 2.15 15.47
N VAL C 234 18.80 1.48 14.72
CA VAL C 234 18.37 0.57 13.66
C VAL C 234 18.81 -0.87 13.93
N SER C 235 19.58 -1.05 15.00
CA SER C 235 20.15 -2.38 15.29
C SER C 235 20.24 -2.74 16.77
N ARG C 236 20.27 -1.73 17.64
CA ARG C 236 20.53 -1.94 19.08
C ARG C 236 19.60 -1.17 20.00
N SER C 237 19.48 -1.65 21.24
CA SER C 237 18.80 -0.92 22.30
C SER C 237 19.61 0.32 22.71
N VAL C 238 18.95 1.25 23.38
CA VAL C 238 19.62 2.44 23.95
C VAL C 238 20.85 2.03 24.77
N ALA C 239 20.69 1.02 25.61
CA ALA C 239 21.75 0.53 26.50
C ALA C 239 22.96 -0.03 25.74
N GLU C 240 22.71 -0.68 24.61
CA GLU C 240 23.79 -1.22 23.78
C GLU C 240 24.44 -0.15 22.91
N GLN C 241 23.62 0.77 22.39
CA GLN C 241 24.08 1.76 21.42
C GLN C 241 24.76 2.98 22.02
N LYS C 242 24.27 3.43 23.17
CA LYS C 242 24.76 4.66 23.81
C LYS C 242 26.27 4.66 24.11
N PRO C 243 26.80 3.56 24.70
CA PRO C 243 28.25 3.50 24.89
C PRO C 243 29.02 3.65 23.58
N LYS C 244 28.60 2.92 22.55
CA LYS C 244 29.23 2.98 21.22
C LYS C 244 29.23 4.38 20.61
N VAL C 245 28.11 5.10 20.75
CA VAL C 245 27.99 6.46 20.22
C VAL C 245 28.81 7.47 21.01
N ILE C 246 28.88 7.27 22.32
CA ILE C 246 29.71 8.11 23.20
C ILE C 246 31.20 7.81 22.98
N ALA C 247 31.55 6.52 22.97
CA ALA C 247 32.93 6.08 22.73
C ALA C 247 33.50 6.59 21.40
N LEU C 248 32.63 6.70 20.39
CA LEU C 248 33.04 7.24 19.10
C LEU C 248 33.03 8.78 19.11
N GLN C 249 32.01 9.37 19.74
CA GLN C 249 31.91 10.81 19.93
C GLN C 249 33.17 11.36 20.60
N GLN C 250 33.65 10.63 21.61
CA GLN C 250 34.86 11.00 22.36
C GLN C 250 36.11 10.81 21.51
N ALA C 251 36.21 9.64 20.87
CA ALA C 251 37.31 9.34 19.96
C ALA C 251 37.46 10.42 18.89
N ILE C 252 36.33 10.85 18.31
CA ILE C 252 36.29 11.97 17.37
C ILE C 252 36.84 13.24 18.00
N ALA C 253 36.35 13.55 19.20
CA ALA C 253 36.79 14.73 19.96
C ALA C 253 38.31 14.71 20.17
N GLY C 254 38.84 13.56 20.56
CA GLY C 254 40.28 13.36 20.76
C GLY C 254 41.10 13.63 19.52
N GLN C 255 40.57 13.22 18.36
CA GLN C 255 41.24 13.41 17.07
C GLN C 255 41.30 14.89 16.67
N LEU C 256 40.26 15.63 17.05
CA LEU C 256 40.18 17.06 16.71
C LEU C 256 40.76 17.95 17.80
N ALA C 257 41.25 17.34 18.88
CA ALA C 257 41.68 18.06 20.08
C ALA C 257 40.53 18.93 20.59
N LEU C 258 39.38 18.29 20.81
CA LEU C 258 38.16 18.94 21.28
C LEU C 258 37.57 18.15 22.44
N THR C 259 36.58 18.75 23.11
CA THR C 259 35.83 18.04 24.14
C THR C 259 34.32 18.06 23.84
N ALA C 260 33.75 16.87 23.67
CA ALA C 260 32.33 16.73 23.38
C ALA C 260 31.59 16.32 24.65
N THR C 261 30.76 17.23 25.17
CA THR C 261 30.07 16.99 26.43
C THR C 261 28.58 16.65 26.25
N ALA C 262 27.99 17.10 25.15
CA ALA C 262 26.56 16.97 24.88
C ALA C 262 26.01 15.56 25.14
N ASP C 263 24.80 15.51 25.66
CA ASP C 263 24.11 14.24 25.87
C ASP C 263 23.71 13.60 24.55
N ILE C 264 23.98 12.31 24.41
CA ILE C 264 23.52 11.54 23.26
C ILE C 264 22.08 11.09 23.50
N HIS C 265 21.19 11.44 22.57
CA HIS C 265 19.78 11.05 22.64
C HIS C 265 19.48 9.94 21.66
N LEU C 266 18.85 8.88 22.16
CA LEU C 266 18.57 7.69 21.35
C LEU C 266 17.16 7.15 21.59
N TRP C 267 16.47 6.81 20.51
CA TRP C 267 15.17 6.14 20.59
C TRP C 267 15.26 4.79 19.93
N ASP C 268 14.98 3.74 20.69
CA ASP C 268 15.17 2.38 20.20
C ASP C 268 13.86 1.62 19.95
N ASP C 269 12.75 2.33 19.88
CA ASP C 269 11.42 1.72 19.74
C ASP C 269 11.03 1.33 18.31
N TYR C 270 11.92 1.56 17.35
CA TYR C 270 11.51 1.56 15.94
C TYR C 270 12.25 0.61 14.99
N PHE C 271 13.02 -0.32 15.54
CA PHE C 271 13.82 -1.22 14.69
C PHE C 271 13.44 -2.69 14.79
N ALA C 272 12.47 -3.02 15.65
CA ALA C 272 12.09 -4.43 15.89
C ALA C 272 11.61 -5.09 14.60
N PRO C 273 11.90 -6.39 14.41
CA PRO C 273 12.54 -7.33 15.34
C PRO C 273 14.06 -7.34 15.30
N GLY C 274 14.68 -6.40 14.59
CA GLY C 274 16.13 -6.31 14.55
C GLY C 274 16.72 -5.67 13.30
N TYR C 275 18.04 -5.57 13.28
CA TYR C 275 18.75 -5.00 12.14
C TYR C 275 18.44 -5.74 10.85
N GLY C 276 18.14 -4.98 9.80
CA GLY C 276 18.00 -5.51 8.46
C GLY C 276 16.69 -6.23 8.22
N VAL C 277 15.76 -6.12 9.16
CA VAL C 277 14.43 -6.68 8.96
C VAL C 277 13.45 -5.53 8.87
N PRO C 278 12.68 -5.46 7.77
CA PRO C 278 11.70 -4.37 7.65
C PRO C 278 10.60 -4.53 8.69
N ASN C 279 10.03 -3.42 9.12
CA ASN C 279 8.81 -3.47 9.92
C ASN C 279 7.74 -2.58 9.30
N ASP C 280 6.50 -2.73 9.74
CA ASP C 280 5.37 -2.04 9.13
C ASP C 280 5.46 -0.52 9.23
N ALA C 281 5.82 0.01 10.39
CA ALA C 281 5.94 1.45 10.57
C ALA C 281 6.97 2.06 9.61
N GLY C 282 8.09 1.37 9.47
CA GLY C 282 9.18 1.80 8.57
C GLY C 282 8.75 1.77 7.12
N MET C 283 8.10 0.68 6.71
CA MET C 283 7.60 0.55 5.34
C MET C 283 6.47 1.54 5.05
N GLU C 284 5.64 1.82 6.04
CA GLU C 284 4.62 2.86 5.90
C GLU C 284 5.23 4.26 5.86
N ALA C 285 6.35 4.46 6.55
CA ALA C 285 7.11 5.71 6.41
C ALA C 285 7.68 5.85 4.99
N VAL C 286 8.17 4.75 4.43
CA VAL C 286 8.63 4.70 3.03
C VAL C 286 7.50 5.13 2.09
N LYS C 287 6.31 4.54 2.27
CA LYS C 287 5.16 4.86 1.42
C LYS C 287 4.71 6.31 1.57
N LEU C 288 4.72 6.81 2.80
CA LEU C 288 4.28 8.18 3.08
C LEU C 288 5.18 9.20 2.39
N LEU C 289 6.50 8.99 2.45
CA LEU C 289 7.44 9.93 1.85
C LEU C 289 7.43 9.85 0.33
N ALA C 290 7.30 8.65 -0.21
CA ALA C 290 7.18 8.47 -1.65
C ALA C 290 5.92 9.13 -2.21
N SER C 291 4.76 8.83 -1.62
CA SER C 291 3.47 9.34 -2.10
C SER C 291 3.24 10.83 -1.85
N LEU C 292 3.81 11.37 -0.77
CA LEU C 292 3.63 12.79 -0.45
C LEU C 292 4.73 13.67 -1.04
N GLU C 293 5.95 13.17 -1.11
CA GLU C 293 7.08 14.01 -1.51
C GLU C 293 7.86 13.51 -2.74
N GLY C 294 7.54 12.31 -3.22
CA GLY C 294 8.33 11.69 -4.29
C GLY C 294 9.76 11.39 -3.86
N VAL C 295 9.93 11.18 -2.56
CA VAL C 295 11.23 10.91 -1.95
C VAL C 295 11.31 9.42 -1.59
N LEU C 296 12.44 8.79 -1.90
CA LEU C 296 12.60 7.36 -1.65
C LEU C 296 13.46 7.04 -0.43
N LEU C 297 12.82 6.52 0.61
CA LEU C 297 13.52 6.02 1.79
C LEU C 297 13.88 4.56 1.58
N ASP C 298 14.27 3.87 2.65
CA ASP C 298 14.67 2.47 2.55
C ASP C 298 14.18 1.62 3.73
N PRO C 299 14.11 0.28 3.56
CA PRO C 299 13.54 -0.61 4.59
C PRO C 299 14.38 -0.77 5.85
N VAL C 300 15.69 -0.55 5.74
CA VAL C 300 16.63 -0.88 6.83
C VAL C 300 16.90 0.31 7.75
N TYR C 301 17.12 1.48 7.15
CA TYR C 301 17.60 2.65 7.88
C TYR C 301 16.62 3.83 7.94
N THR C 302 16.43 4.50 6.80
CA THR C 302 15.68 5.77 6.78
C THR C 302 14.18 5.62 7.03
N GLY C 303 13.59 4.53 6.56
CA GLY C 303 12.18 4.23 6.84
C GLY C 303 11.94 4.11 8.34
N LYS C 304 12.80 3.37 9.02
CA LYS C 304 12.73 3.22 10.48
C LYS C 304 12.97 4.52 11.22
N ALA C 305 13.98 5.27 10.79
CA ALA C 305 14.28 6.58 11.36
C ALA C 305 13.12 7.56 11.17
N MET C 306 12.49 7.53 9.99
CA MET C 306 11.34 8.39 9.72
C MET C 306 10.12 7.99 10.53
N ALA C 307 9.93 6.69 10.73
CA ALA C 307 8.85 6.19 11.59
C ALA C 307 9.03 6.72 13.01
N GLY C 308 10.28 6.78 13.47
CA GLY C 308 10.62 7.36 14.76
C GLY C 308 10.31 8.84 14.86
N LEU C 309 10.57 9.58 13.78
CA LEU C 309 10.28 11.00 13.69
C LEU C 309 8.77 11.24 13.84
N ILE C 310 7.98 10.48 13.08
CA ILE C 310 6.54 10.60 13.09
C ILE C 310 6.00 10.27 14.48
N ASP C 311 6.47 9.18 15.06
CA ASP C 311 6.07 8.79 16.42
C ASP C 311 6.50 9.81 17.46
N GLY C 312 7.65 10.45 17.22
CA GLY C 312 8.13 11.54 18.07
C GLY C 312 7.13 12.70 18.14
N ILE C 313 6.51 13.00 17.01
CA ILE C 313 5.49 14.05 16.92
C ILE C 313 4.22 13.61 17.66
N SER C 314 3.77 12.40 17.39
CA SER C 314 2.55 11.86 18.00
C SER C 314 2.66 11.83 19.52
N GLN C 315 3.73 11.23 20.02
CA GLN C 315 3.94 11.05 21.45
C GLN C 315 4.65 12.22 22.12
N LYS C 316 4.86 13.29 21.35
CA LYS C 316 5.52 14.52 21.82
C LYS C 316 6.83 14.21 22.54
N ARG C 317 7.69 13.45 21.87
CA ARG C 317 8.97 13.04 22.44
C ARG C 317 10.04 14.11 22.22
N PHE C 318 9.79 15.03 21.30
CA PHE C 318 10.74 16.11 21.02
C PHE C 318 10.70 17.18 22.12
N ASN C 319 11.76 17.98 22.19
CA ASN C 319 11.87 19.09 23.13
C ASN C 319 10.73 20.11 23.01
N ASP C 320 10.35 20.45 21.78
CA ASP C 320 9.20 21.33 21.52
C ASP C 320 8.55 21.10 20.15
N ASP C 321 7.69 22.04 19.75
CA ASP C 321 6.89 21.94 18.53
C ASP C 321 7.57 22.53 17.29
N GLY C 322 8.86 22.85 17.40
CA GLY C 322 9.57 23.55 16.32
C GLY C 322 9.97 22.66 15.15
N PRO C 323 10.64 23.25 14.14
CA PRO C 323 11.01 22.54 12.91
C PRO C 323 11.96 21.39 13.14
N ILE C 324 11.77 20.32 12.37
CA ILE C 324 12.63 19.14 12.43
C ILE C 324 13.35 18.96 11.09
N LEU C 325 14.61 18.55 11.16
CA LEU C 325 15.39 18.21 9.98
C LEU C 325 15.68 16.70 9.96
N PHE C 326 15.16 16.02 8.96
CA PHE C 326 15.46 14.61 8.76
C PHE C 326 16.71 14.50 7.90
N ILE C 327 17.70 13.79 8.41
CA ILE C 327 18.90 13.51 7.62
C ILE C 327 18.63 12.30 6.75
N HIS C 328 18.53 12.52 5.43
CA HIS C 328 18.39 11.39 4.51
C HIS C 328 19.72 10.79 4.19
N THR C 329 20.01 9.67 4.84
CA THR C 329 21.31 9.01 4.71
C THR C 329 21.38 8.07 3.49
N GLY C 330 20.26 7.91 2.78
CA GLY C 330 20.20 7.11 1.56
C GLY C 330 19.53 5.75 1.71
N GLY C 331 20.15 4.72 1.14
CA GLY C 331 19.72 3.34 1.34
C GLY C 331 18.76 2.76 0.32
N ALA C 332 18.15 3.62 -0.50
CA ALA C 332 17.10 3.21 -1.44
C ALA C 332 17.39 2.00 -2.37
N PRO C 333 18.67 1.74 -2.74
CA PRO C 333 18.83 0.52 -3.54
C PRO C 333 18.36 -0.77 -2.85
N ALA C 334 18.35 -0.79 -1.52
CA ALA C 334 17.83 -1.94 -0.76
C ALA C 334 16.34 -2.24 -1.02
N LEU C 335 15.57 -1.22 -1.41
CA LEU C 335 14.15 -1.43 -1.74
C LEU C 335 13.98 -2.61 -2.69
N PHE C 336 14.85 -2.69 -3.69
CA PHE C 336 14.77 -3.72 -4.72
C PHE C 336 15.23 -5.10 -4.25
N ALA C 337 16.07 -5.12 -3.22
CA ALA C 337 16.54 -6.37 -2.64
C ALA C 337 15.52 -6.97 -1.67
N TYR C 338 14.77 -6.10 -0.99
CA TYR C 338 13.78 -6.52 0.01
C TYR C 338 12.40 -6.85 -0.58
N HIS C 339 12.18 -6.43 -1.82
CA HIS C 339 11.00 -6.80 -2.58
C HIS C 339 11.17 -8.19 -3.13
N PRO C 340 10.12 -9.05 -3.06
CA PRO C 340 8.80 -8.83 -2.47
C PRO C 340 8.77 -9.05 -0.97
N HIS C 341 9.62 -9.95 -0.49
CA HIS C 341 9.78 -10.22 0.93
C HIS C 341 11.12 -10.82 1.21
N VAL C 342 11.49 -10.77 2.48
N VAL C 342 11.51 -10.86 2.48
CA VAL C 342 12.65 -11.48 3.05
CA VAL C 342 12.68 -11.64 2.90
C VAL C 342 13.94 -11.26 2.28
C VAL C 342 12.24 -12.70 3.90
N MET D 15 22.73 34.48 -26.47
CA MET D 15 21.78 35.18 -27.39
C MET D 15 21.04 34.23 -28.36
N PRO D 16 21.76 33.27 -28.99
CA PRO D 16 21.09 32.44 -30.02
C PRO D 16 19.84 31.71 -29.52
N LEU D 17 19.91 31.17 -28.30
CA LEU D 17 18.81 30.41 -27.71
C LEU D 17 17.99 31.22 -26.72
N HIS D 18 17.89 32.54 -26.93
CA HIS D 18 17.23 33.43 -25.98
C HIS D 18 15.74 33.23 -25.83
N HIS D 19 15.10 32.72 -26.89
CA HIS D 19 13.64 32.46 -26.85
C HIS D 19 13.26 31.33 -25.92
N LEU D 20 14.26 30.65 -25.39
CA LEU D 20 14.06 29.61 -24.37
C LEU D 20 13.48 30.21 -23.08
N THR D 21 13.75 31.49 -22.83
CA THR D 21 13.26 32.21 -21.65
C THR D 21 11.73 32.34 -21.62
N ARG D 22 11.11 32.34 -22.79
CA ARG D 22 9.66 32.47 -22.93
C ARG D 22 8.88 31.35 -22.22
N PHE D 23 9.45 30.14 -22.23
CA PHE D 23 8.75 28.97 -21.72
C PHE D 23 8.83 28.86 -20.19
N PRO D 24 7.65 28.76 -19.53
CA PRO D 24 7.64 28.51 -18.10
C PRO D 24 8.30 27.16 -17.84
N ARG D 25 9.04 27.06 -16.74
CA ARG D 25 9.64 25.80 -16.34
C ARG D 25 9.68 25.70 -14.81
N LEU D 26 9.48 24.49 -14.31
CA LEU D 26 9.63 24.22 -12.89
C LEU D 26 11.09 23.87 -12.62
N GLU D 27 11.54 24.04 -11.39
CA GLU D 27 12.92 23.73 -11.03
C GLU D 27 13.01 22.40 -10.28
N PHE D 28 13.39 21.35 -10.99
CA PHE D 28 13.52 20.01 -10.42
C PHE D 28 14.98 19.62 -10.23
N ILE D 29 15.87 20.30 -10.93
CA ILE D 29 17.30 19.95 -10.88
C ILE D 29 18.12 21.00 -10.12
N GLY D 30 17.96 22.26 -10.51
CA GLY D 30 18.77 23.33 -9.93
C GLY D 30 20.07 23.51 -10.71
N ALA D 31 21.19 23.45 -10.00
CA ALA D 31 22.52 23.65 -10.59
C ALA D 31 22.80 22.70 -11.76
N PRO D 32 23.68 23.11 -12.70
CA PRO D 32 24.11 22.21 -13.78
C PRO D 32 24.57 20.87 -13.21
N THR D 33 24.25 19.79 -13.91
CA THR D 33 24.71 18.45 -13.53
C THR D 33 26.20 18.32 -13.89
N PRO D 34 26.94 17.42 -13.19
CA PRO D 34 28.37 17.32 -13.44
C PRO D 34 28.72 16.93 -14.86
N LEU D 35 29.84 17.46 -15.35
CA LEU D 35 30.46 16.94 -16.56
C LEU D 35 31.86 16.50 -16.16
N GLU D 36 32.11 15.19 -16.21
CA GLU D 36 33.32 14.60 -15.63
C GLU D 36 34.20 13.94 -16.68
N TYR D 37 35.50 13.97 -16.45
CA TYR D 37 36.45 13.19 -17.23
C TYR D 37 36.45 11.76 -16.71
N LEU D 38 36.57 10.79 -17.62
CA LEU D 38 36.64 9.39 -17.25
C LEU D 38 38.05 8.85 -17.57
N PRO D 39 39.01 9.06 -16.64
CA PRO D 39 40.41 8.75 -16.95
C PRO D 39 40.70 7.26 -17.19
N ARG D 40 40.03 6.38 -16.45
CA ARG D 40 40.27 4.94 -16.58
C ARG D 40 39.66 4.38 -17.86
N LEU D 41 38.43 4.81 -18.17
CA LEU D 41 37.79 4.41 -19.42
C LEU D 41 38.57 4.96 -20.62
N SER D 42 39.01 6.20 -20.50
CA SER D 42 39.77 6.88 -21.56
C SER D 42 41.07 6.16 -21.86
N ASP D 43 41.77 5.74 -20.80
CA ASP D 43 43.01 4.99 -20.93
C ASP D 43 42.78 3.67 -21.64
N TYR D 44 41.67 3.01 -21.31
CA TYR D 44 41.30 1.74 -21.93
C TYR D 44 40.92 1.91 -23.42
N LEU D 45 40.14 2.94 -23.73
CA LEU D 45 39.65 3.14 -25.11
C LEU D 45 40.66 3.84 -26.03
N GLY D 46 41.69 4.46 -25.43
CA GLY D 46 42.73 5.16 -26.19
C GLY D 46 42.31 6.52 -26.69
N ARG D 47 41.34 7.11 -26.01
CA ARG D 47 40.62 8.29 -26.47
C ARG D 47 40.11 8.99 -25.23
N GLU D 48 40.11 10.32 -25.22
CA GLU D 48 39.53 11.08 -24.12
C GLU D 48 38.00 10.94 -24.09
N ILE D 49 37.48 10.41 -22.98
CA ILE D 49 36.04 10.27 -22.78
C ILE D 49 35.55 11.09 -21.59
N TYR D 50 34.52 11.89 -21.83
CA TYR D 50 33.86 12.67 -20.81
C TYR D 50 32.41 12.20 -20.68
N ILE D 51 31.79 12.50 -19.54
CA ILE D 51 30.41 12.06 -19.28
C ILE D 51 29.58 13.21 -18.69
N LYS D 52 28.41 13.46 -19.27
CA LYS D 52 27.48 14.44 -18.72
C LYS D 52 26.52 13.67 -17.82
N ARG D 53 26.57 13.97 -16.54
CA ARG D 53 25.89 13.15 -15.54
C ARG D 53 24.45 13.60 -15.30
N ASP D 54 23.59 13.42 -16.30
CA ASP D 54 22.17 13.73 -16.14
C ASP D 54 21.45 12.63 -15.37
N ASP D 55 22.19 11.57 -15.04
CA ASP D 55 21.70 10.50 -14.17
C ASP D 55 21.69 10.94 -12.71
N VAL D 56 22.44 11.99 -12.40
CA VAL D 56 22.53 12.56 -11.06
C VAL D 56 21.63 13.79 -10.96
N THR D 57 20.35 13.55 -10.74
CA THR D 57 19.38 14.61 -10.47
C THR D 57 18.58 14.19 -9.23
N PRO D 58 18.08 15.16 -8.45
CA PRO D 58 17.64 14.83 -7.09
C PRO D 58 16.31 14.07 -6.94
N ILE D 59 15.54 13.94 -8.02
CA ILE D 59 14.21 13.34 -7.88
C ILE D 59 14.14 11.86 -8.24
N ALA D 60 13.82 11.05 -7.23
CA ALA D 60 13.52 9.62 -7.39
C ALA D 60 14.44 8.90 -8.38
N MET D 61 15.74 8.97 -8.10
CA MET D 61 16.79 8.22 -8.81
C MET D 61 17.18 8.76 -10.19
N GLY D 62 16.67 9.95 -10.52
CA GLY D 62 17.25 10.78 -11.59
C GLY D 62 16.95 10.37 -13.01
N GLY D 63 17.51 11.13 -13.96
CA GLY D 63 17.39 10.79 -15.38
C GLY D 63 17.07 11.97 -16.28
N ASN D 64 17.20 11.73 -17.59
CA ASN D 64 16.96 12.74 -18.61
C ASN D 64 15.52 13.24 -18.67
N1 LLP D 65 18.22 6.88 -21.59
C2 LLP D 65 17.32 6.74 -20.59
C2' LLP D 65 17.81 6.25 -19.25
C3 LLP D 65 15.99 7.07 -20.78
O3 LLP D 65 15.11 6.94 -19.74
C4 LLP D 65 15.56 7.53 -22.02
C4' LLP D 65 14.12 7.88 -22.19
C5 LLP D 65 16.50 7.65 -23.05
C6 LLP D 65 17.83 7.32 -22.80
C5' LLP D 65 16.17 8.13 -24.46
OP4 LLP D 65 15.72 9.49 -24.48
P LLP D 65 14.56 9.93 -25.52
OP1 LLP D 65 14.43 11.42 -25.28
OP2 LLP D 65 13.35 9.12 -25.10
OP3 LLP D 65 15.11 9.53 -26.87
N LLP D 65 14.58 12.36 -18.32
CA LLP D 65 13.15 12.68 -18.41
CB LLP D 65 12.30 11.43 -18.15
CG LLP D 65 12.66 10.23 -19.03
CD LLP D 65 12.54 10.49 -20.53
CE LLP D 65 12.32 9.24 -21.40
NZ LLP D 65 13.48 8.36 -21.22
C LLP D 65 12.79 13.85 -17.53
O LLP D 65 11.85 14.59 -17.81
N LEU D 66 13.56 14.04 -16.45
CA LEU D 66 13.30 15.13 -15.51
C LEU D 66 13.49 16.51 -16.14
N ARG D 67 14.47 16.64 -17.03
CA ARG D 67 14.69 17.88 -17.78
C ARG D 67 13.46 18.24 -18.61
N LYS D 68 12.84 17.25 -19.24
CA LYS D 68 11.64 17.46 -20.05
C LYS D 68 10.46 17.84 -19.18
N LEU D 69 10.32 17.13 -18.06
CA LEU D 69 9.22 17.33 -17.13
C LEU D 69 9.17 18.73 -16.53
N GLU D 70 10.32 19.36 -16.33
CA GLU D 70 10.39 20.76 -15.90
C GLU D 70 9.51 21.65 -16.80
N PHE D 71 9.60 21.45 -18.11
CA PHE D 71 8.79 22.21 -19.08
C PHE D 71 7.34 21.71 -19.21
N LEU D 72 7.17 20.39 -19.28
CA LEU D 72 5.86 19.78 -19.44
C LEU D 72 4.93 20.01 -18.25
N VAL D 73 5.45 19.83 -17.04
CA VAL D 73 4.62 19.99 -15.83
C VAL D 73 4.30 21.46 -15.55
N ALA D 74 5.23 22.36 -15.86
CA ALA D 74 4.94 23.80 -15.84
C ALA D 74 3.75 24.14 -16.73
N ASP D 75 3.72 23.53 -17.93
CA ASP D 75 2.61 23.68 -18.87
C ASP D 75 1.30 23.15 -18.28
N ALA D 76 1.36 21.97 -17.67
CA ALA D 76 0.19 21.37 -17.00
C ALA D 76 -0.39 22.31 -15.95
N LEU D 77 0.47 22.83 -15.08
CA LEU D 77 0.04 23.74 -14.01
C LEU D 77 -0.54 25.06 -14.55
N ARG D 78 0.08 25.62 -15.58
CA ARG D 78 -0.46 26.80 -16.27
C ARG D 78 -1.88 26.58 -16.78
N GLU D 79 -2.17 25.37 -17.23
CA GLU D 79 -3.50 25.00 -17.70
C GLU D 79 -4.47 24.63 -16.58
N GLY D 80 -3.98 24.61 -15.34
CA GLY D 80 -4.79 24.23 -14.19
C GLY D 80 -5.11 22.75 -14.12
N ALA D 81 -4.24 21.92 -14.69
CA ALA D 81 -4.41 20.47 -14.64
C ALA D 81 -4.07 19.93 -13.25
N ASP D 82 -4.76 18.87 -12.84
CA ASP D 82 -4.47 18.24 -11.55
C ASP D 82 -4.04 16.78 -11.68
N THR D 83 -3.94 16.31 -12.92
CA THR D 83 -3.64 14.91 -13.21
C THR D 83 -2.69 14.81 -14.40
N LEU D 84 -1.61 14.06 -14.24
CA LEU D 84 -0.69 13.78 -15.33
C LEU D 84 -0.97 12.37 -15.86
N ILE D 85 -1.16 12.28 -17.18
CA ILE D 85 -1.39 11.00 -17.84
C ILE D 85 -0.29 10.75 -18.87
N THR D 86 0.41 9.62 -18.75
CA THR D 86 1.46 9.26 -19.70
C THR D 86 1.50 7.74 -19.93
N ALA D 87 2.40 7.29 -20.81
CA ALA D 87 2.49 5.90 -21.22
C ALA D 87 3.95 5.45 -21.33
N GLY D 88 4.17 4.14 -21.25
CA GLY D 88 5.51 3.59 -21.38
C GLY D 88 5.55 2.10 -21.11
N ALA D 89 6.75 1.51 -21.21
CA ALA D 89 6.95 0.13 -20.80
C ALA D 89 6.79 0.02 -19.29
N ILE D 90 6.48 -1.18 -18.81
CA ILE D 90 6.41 -1.47 -17.38
C ILE D 90 7.61 -0.89 -16.63
N GLN D 91 8.79 -0.98 -17.25
CA GLN D 91 10.03 -0.46 -16.66
C GLN D 91 10.46 0.92 -17.15
N SER D 92 9.51 1.68 -17.69
CA SER D 92 9.77 3.04 -18.16
C SER D 92 10.41 3.92 -17.08
N ASN D 93 11.48 4.61 -17.44
CA ASN D 93 12.07 5.60 -16.56
C ASN D 93 11.22 6.86 -16.51
N HIS D 94 10.64 7.22 -17.65
CA HIS D 94 9.76 8.37 -17.79
C HIS D 94 8.53 8.29 -16.92
N VAL D 95 7.89 7.13 -16.88
CA VAL D 95 6.69 6.96 -16.04
C VAL D 95 7.05 7.10 -14.56
N ARG D 96 8.19 6.52 -14.16
CA ARG D 96 8.70 6.61 -12.79
C ARG D 96 8.98 8.06 -12.39
N GLN D 97 9.64 8.81 -13.27
CA GLN D 97 9.96 10.20 -12.99
CA GLN D 97 9.97 10.21 -13.04
C GLN D 97 8.72 11.09 -13.00
N THR D 98 7.77 10.77 -13.88
CA THR D 98 6.49 11.49 -13.94
C THR D 98 5.67 11.27 -12.66
N ALA D 99 5.64 10.02 -12.20
CA ALA D 99 4.89 9.67 -11.00
C ALA D 99 5.51 10.31 -9.76
N ALA D 100 6.84 10.41 -9.74
CA ALA D 100 7.58 11.03 -8.63
C ALA D 100 7.29 12.52 -8.53
N VAL D 101 7.29 13.19 -9.68
CA VAL D 101 7.01 14.62 -9.76
C VAL D 101 5.55 14.92 -9.40
N ALA D 102 4.64 14.09 -9.89
CA ALA D 102 3.21 14.20 -9.56
C ALA D 102 2.97 14.10 -8.05
N ALA D 103 3.62 13.12 -7.41
CA ALA D 103 3.55 12.97 -5.95
C ALA D 103 4.07 14.20 -5.23
N LYS D 104 5.25 14.67 -5.65
CA LYS D 104 5.87 15.87 -5.08
C LYS D 104 4.93 17.08 -5.14
N LEU D 105 4.20 17.21 -6.24
CA LEU D 105 3.37 18.40 -6.48
C LEU D 105 1.89 18.24 -6.13
N GLY D 106 1.54 17.10 -5.53
CA GLY D 106 0.16 16.79 -5.17
C GLY D 106 -0.76 16.61 -6.36
N LEU D 107 -0.21 16.13 -7.48
CA LEU D 107 -1.00 15.87 -8.68
C LEU D 107 -1.31 14.38 -8.76
N HIS D 108 -2.46 14.03 -9.32
CA HIS D 108 -2.73 12.64 -9.61
C HIS D 108 -1.90 12.19 -10.80
N CYS D 109 -1.63 10.89 -10.90
CA CYS D 109 -0.87 10.34 -12.03
C CYS D 109 -1.47 9.03 -12.51
N VAL D 110 -1.67 8.94 -13.82
CA VAL D 110 -2.21 7.74 -14.46
C VAL D 110 -1.25 7.29 -15.55
N ALA D 111 -0.86 6.02 -15.48
CA ALA D 111 0.15 5.46 -16.37
C ALA D 111 -0.43 4.30 -17.17
N LEU D 112 -0.35 4.43 -18.49
CA LEU D 112 -0.71 3.36 -19.40
C LEU D 112 0.57 2.57 -19.69
N LEU D 113 0.60 1.32 -19.23
CA LEU D 113 1.82 0.50 -19.35
C LEU D 113 1.65 -0.71 -20.26
N GLU D 114 2.73 -1.06 -20.96
CA GLU D 114 2.77 -2.27 -21.78
C GLU D 114 3.98 -3.13 -21.39
N ASN D 115 3.90 -4.42 -21.69
CA ASN D 115 5.05 -5.32 -21.59
C ASN D 115 5.66 -5.47 -22.98
N PRO D 116 6.77 -4.74 -23.26
CA PRO D 116 7.29 -4.64 -24.62
C PRO D 116 8.10 -5.84 -25.08
N ILE D 117 8.44 -6.74 -24.16
CA ILE D 117 9.34 -7.86 -24.46
C ILE D 117 8.71 -9.24 -24.23
N GLY D 118 7.45 -9.27 -23.79
CA GLY D 118 6.72 -10.52 -23.57
C GLY D 118 7.26 -11.39 -22.44
N THR D 119 8.00 -10.80 -21.52
CA THR D 119 8.57 -11.53 -20.40
C THR D 119 7.52 -11.85 -19.32
N THR D 120 7.75 -12.93 -18.58
CA THR D 120 6.96 -13.26 -17.40
C THR D 120 7.85 -13.28 -16.14
N ALA D 121 9.11 -12.86 -16.27
CA ALA D 121 10.03 -12.81 -15.13
C ALA D 121 9.52 -11.84 -14.06
N GLU D 122 9.48 -12.29 -12.82
CA GLU D 122 8.84 -11.50 -11.75
C GLU D 122 9.52 -10.16 -11.44
N ASN D 123 10.85 -10.13 -11.50
CA ASN D 123 11.58 -8.88 -11.30
C ASN D 123 11.28 -7.81 -12.35
N TYR D 124 11.15 -8.21 -13.62
CA TYR D 124 10.73 -7.25 -14.64
C TYR D 124 9.30 -6.77 -14.37
N LEU D 125 8.43 -7.70 -13.99
CA LEU D 125 7.01 -7.39 -13.80
C LEU D 125 6.72 -6.57 -12.55
N THR D 126 7.55 -6.72 -11.50
CA THR D 126 7.21 -6.15 -10.19
C THR D 126 8.31 -5.34 -9.46
N ASN D 127 9.56 -5.45 -9.92
CA ASN D 127 10.67 -4.78 -9.24
C ASN D 127 11.11 -3.51 -9.99
N GLY D 128 12.23 -2.90 -9.57
CA GLY D 128 12.78 -1.72 -10.25
C GLY D 128 11.81 -0.55 -10.35
N ASN D 129 11.72 0.04 -11.54
CA ASN D 129 10.83 1.18 -11.77
C ASN D 129 9.37 0.89 -11.45
N ARG D 130 8.91 -0.32 -11.77
CA ARG D 130 7.52 -0.72 -11.54
C ARG D 130 7.15 -0.72 -10.05
N LEU D 131 8.09 -1.16 -9.20
CA LEU D 131 7.91 -1.11 -7.76
C LEU D 131 7.74 0.33 -7.29
N LEU D 132 8.56 1.22 -7.82
CA LEU D 132 8.55 2.62 -7.44
C LEU D 132 7.21 3.29 -7.76
N LEU D 133 6.59 2.89 -8.87
CA LEU D 133 5.29 3.43 -9.27
C LEU D 133 4.21 3.24 -8.20
N ASP D 134 4.25 2.07 -7.53
CA ASP D 134 3.28 1.79 -6.48
C ASP D 134 3.53 2.66 -5.26
N LEU D 135 4.79 2.89 -4.94
CA LEU D 135 5.16 3.79 -3.84
C LEU D 135 4.66 5.22 -4.09
N PHE D 136 4.60 5.61 -5.36
CA PHE D 136 4.14 6.96 -5.73
C PHE D 136 2.63 7.05 -5.93
N ASN D 137 1.91 5.98 -5.60
CA ASN D 137 0.45 5.91 -5.80
C ASN D 137 0.00 6.15 -7.24
N THR D 138 0.79 5.67 -8.20
CA THR D 138 0.43 5.78 -9.61
C THR D 138 -0.77 4.89 -9.91
N GLN D 139 -1.80 5.44 -10.55
CA GLN D 139 -2.89 4.61 -11.03
C GLN D 139 -2.39 3.93 -12.30
N ILE D 140 -2.42 2.60 -12.29
CA ILE D 140 -1.91 1.78 -13.39
C ILE D 140 -3.03 1.35 -14.33
N GLU D 141 -2.78 1.52 -15.61
CA GLU D 141 -3.69 1.07 -16.65
C GLU D 141 -2.88 0.19 -17.60
N MET D 142 -3.08 -1.13 -17.52
CA MET D 142 -2.37 -2.05 -18.40
C MET D 142 -3.01 -2.09 -19.79
N CYS D 143 -2.19 -2.30 -20.80
CA CYS D 143 -2.68 -2.52 -22.17
C CYS D 143 -1.82 -3.57 -22.87
N ASP D 144 -2.40 -4.26 -23.84
CA ASP D 144 -1.68 -5.32 -24.55
C ASP D 144 -0.46 -4.81 -25.31
N ALA D 145 -0.61 -3.66 -25.97
CA ALA D 145 0.50 -3.01 -26.67
C ALA D 145 0.20 -1.54 -26.90
N LEU D 146 1.26 -0.73 -26.90
CA LEU D 146 1.15 0.68 -27.27
C LEU D 146 1.21 0.83 -28.79
N THR D 147 0.14 0.39 -29.46
CA THR D 147 0.08 0.40 -30.93
C THR D 147 -0.14 1.82 -31.48
N ASP D 148 -0.91 2.62 -30.74
CA ASP D 148 -1.15 4.01 -31.09
C ASP D 148 -1.24 4.83 -29.80
N PRO D 149 -0.06 5.17 -29.22
CA PRO D 149 0.03 5.82 -27.90
C PRO D 149 -0.81 7.09 -27.80
N ASP D 150 -0.72 7.98 -28.79
CA ASP D 150 -1.48 9.23 -28.79
C ASP D 150 -2.99 9.01 -28.71
N ALA D 151 -3.52 8.12 -29.54
CA ALA D 151 -4.94 7.77 -29.50
C ALA D 151 -5.32 7.09 -28.18
N GLN D 152 -4.48 6.16 -27.73
CA GLN D 152 -4.74 5.41 -26.50
C GLN D 152 -4.74 6.31 -25.26
N LEU D 153 -3.81 7.27 -25.23
CA LEU D 153 -3.74 8.26 -24.16
C LEU D 153 -4.94 9.22 -24.17
N GLN D 154 -5.45 9.54 -25.35
CA GLN D 154 -6.64 10.38 -25.47
C GLN D 154 -7.87 9.68 -24.93
N THR D 155 -8.02 8.39 -25.26
CA THR D 155 -9.10 7.57 -24.73
C THR D 155 -9.04 7.50 -23.20
N LEU D 156 -7.83 7.31 -22.66
CA LEU D 156 -7.63 7.24 -21.21
C LEU D 156 -7.97 8.58 -20.53
N ALA D 157 -7.53 9.67 -21.15
CA ALA D 157 -7.80 11.01 -20.63
C ALA D 157 -9.29 11.33 -20.56
N THR D 158 -10.05 10.87 -21.56
CA THR D 158 -11.50 11.05 -21.58
C THR D 158 -12.19 10.35 -20.39
N ARG D 159 -11.86 9.08 -20.17
CA ARG D 159 -12.36 8.32 -19.01
C ARG D 159 -12.01 8.98 -17.66
N ILE D 160 -10.76 9.42 -17.53
CA ILE D 160 -10.27 10.08 -16.32
C ILE D 160 -10.98 11.43 -16.13
N GLU D 161 -11.12 12.17 -17.22
CA GLU D 161 -11.86 13.43 -17.23
C GLU D 161 -13.30 13.24 -16.75
N ALA D 162 -13.92 12.13 -17.16
CA ALA D 162 -15.31 11.84 -16.79
C ALA D 162 -15.48 11.60 -15.29
N GLN D 163 -14.38 11.25 -14.61
CA GLN D 163 -14.37 11.14 -13.16
C GLN D 163 -14.25 12.50 -12.47
N GLY D 164 -14.04 13.55 -13.26
CA GLY D 164 -13.95 14.89 -12.71
C GLY D 164 -12.53 15.40 -12.52
N PHE D 165 -11.53 14.58 -12.87
CA PHE D 165 -10.15 15.03 -12.87
C PHE D 165 -9.92 16.00 -14.03
N ARG D 166 -8.86 16.80 -13.93
CA ARG D 166 -8.45 17.69 -15.03
C ARG D 166 -7.11 17.20 -15.58
N PRO D 167 -7.15 16.27 -16.55
CA PRO D 167 -5.91 15.62 -16.98
C PRO D 167 -5.05 16.42 -17.97
N TYR D 168 -3.74 16.18 -17.90
CA TYR D 168 -2.79 16.71 -18.88
C TYR D 168 -2.00 15.52 -19.42
N VAL D 169 -2.09 15.30 -20.73
CA VAL D 169 -1.43 14.16 -21.36
C VAL D 169 0.02 14.50 -21.69
N ILE D 170 0.94 13.67 -21.20
CA ILE D 170 2.34 13.77 -21.58
C ILE D 170 2.63 12.59 -22.53
N PRO D 171 3.14 12.90 -23.74
CA PRO D 171 3.44 11.84 -24.71
C PRO D 171 4.52 10.88 -24.19
N VAL D 172 4.60 9.71 -24.81
CA VAL D 172 5.63 8.71 -24.50
C VAL D 172 7.01 9.34 -24.44
N GLY D 173 7.75 9.03 -23.36
CA GLY D 173 9.11 9.53 -23.17
C GLY D 173 9.20 11.02 -22.89
N GLY D 174 8.05 11.69 -22.78
CA GLY D 174 7.98 13.14 -22.65
C GLY D 174 8.46 13.90 -23.88
N SER D 175 8.48 13.22 -25.02
CA SER D 175 9.09 13.78 -26.24
C SER D 175 8.14 14.57 -27.12
N SER D 176 7.93 15.83 -26.76
CA SER D 176 7.29 16.80 -27.62
C SER D 176 8.31 17.92 -27.78
N ALA D 177 8.04 18.87 -28.67
CA ALA D 177 8.92 20.03 -28.84
C ALA D 177 9.14 20.77 -27.51
N LEU D 178 8.06 20.94 -26.76
CA LEU D 178 8.13 21.56 -25.43
C LEU D 178 9.03 20.74 -24.48
N GLY D 179 8.76 19.44 -24.39
CA GLY D 179 9.57 18.55 -23.56
C GLY D 179 11.05 18.62 -23.90
N ALA D 180 11.35 18.56 -25.20
CA ALA D 180 12.73 18.61 -25.70
C ALA D 180 13.48 19.92 -25.41
N MET D 181 12.75 20.98 -25.01
CA MET D 181 13.38 22.22 -24.56
C MET D 181 14.34 21.98 -23.39
N GLY D 182 14.06 20.93 -22.60
CA GLY D 182 14.93 20.51 -21.50
C GLY D 182 16.33 20.17 -21.98
N TYR D 183 16.43 19.59 -23.16
CA TYR D 183 17.76 19.25 -23.71
C TYR D 183 18.42 20.33 -24.56
N VAL D 184 17.63 21.31 -25.00
CA VAL D 184 18.22 22.54 -25.51
C VAL D 184 18.94 23.21 -24.33
N GLU D 185 18.28 23.20 -23.18
CA GLU D 185 18.85 23.70 -21.93
C GLU D 185 20.12 22.96 -21.50
N SER D 186 20.10 21.64 -21.58
CA SER D 186 21.27 20.81 -21.27
C SER D 186 22.46 21.15 -22.19
N ALA D 187 22.14 21.48 -23.45
CA ALA D 187 23.15 21.88 -24.43
C ALA D 187 23.89 23.16 -24.02
N LEU D 188 23.15 24.12 -23.46
CA LEU D 188 23.75 25.33 -22.88
C LEU D 188 24.72 24.99 -21.76
N GLU D 189 24.35 24.03 -20.92
CA GLU D 189 25.20 23.58 -19.82
C GLU D 189 26.49 22.98 -20.37
N ILE D 190 26.33 22.12 -21.38
CA ILE D 190 27.44 21.40 -21.98
C ILE D 190 28.44 22.35 -22.64
N ALA D 191 27.93 23.31 -23.41
CA ALA D 191 28.78 24.30 -24.08
C ALA D 191 29.63 25.08 -23.07
N GLN D 192 29.01 25.50 -21.98
CA GLN D 192 29.69 26.22 -20.90
C GLN D 192 30.74 25.36 -20.20
N GLN D 193 30.38 24.11 -19.91
CA GLN D 193 31.28 23.18 -19.23
C GLN D 193 32.44 22.71 -20.12
N CYS D 194 32.23 22.70 -21.44
CA CYS D 194 33.26 22.24 -22.38
C CYS D 194 34.31 23.28 -22.74
N GLU D 195 34.21 24.47 -22.14
CA GLU D 195 35.27 25.48 -22.26
C GLU D 195 36.58 24.96 -21.66
N GLU D 196 36.48 23.92 -20.82
CA GLU D 196 37.63 23.26 -20.22
C GLU D 196 38.06 21.98 -20.96
N VAL D 197 37.37 21.65 -22.04
CA VAL D 197 37.67 20.44 -22.82
C VAL D 197 38.30 20.78 -24.16
N VAL D 198 39.54 20.31 -24.37
CA VAL D 198 40.30 20.64 -25.56
C VAL D 198 39.86 19.84 -26.79
N GLY D 199 39.17 20.52 -27.70
CA GLY D 199 38.83 19.97 -29.00
C GLY D 199 37.80 18.86 -28.99
N LEU D 200 36.71 19.04 -28.24
CA LEU D 200 35.61 18.07 -28.23
C LEU D 200 35.12 17.81 -29.65
N SER D 201 35.21 16.55 -30.09
CA SER D 201 34.85 16.18 -31.46
C SER D 201 33.44 15.63 -31.59
N SER D 202 33.02 14.84 -30.59
CA SER D 202 31.79 14.05 -30.69
C SER D 202 30.99 14.03 -29.40
N VAL D 203 29.69 13.80 -29.56
CA VAL D 203 28.76 13.60 -28.45
C VAL D 203 27.92 12.38 -28.78
N VAL D 204 27.75 11.48 -27.82
CA VAL D 204 26.94 10.28 -28.00
C VAL D 204 25.80 10.26 -26.99
N VAL D 205 24.60 9.98 -27.49
CA VAL D 205 23.41 9.85 -26.64
C VAL D 205 22.51 8.72 -27.16
N ALA D 206 21.80 8.06 -26.24
CA ALA D 206 20.79 7.08 -26.63
C ALA D 206 19.62 7.83 -27.28
N SER D 207 19.07 7.24 -28.33
CA SER D 207 18.01 7.89 -29.10
C SER D 207 16.80 6.96 -29.15
N GLY D 208 15.78 7.30 -28.36
CA GLY D 208 14.58 6.48 -28.20
C GLY D 208 13.35 7.22 -28.66
N SER D 209 12.61 7.82 -27.72
CA SER D 209 11.43 8.63 -28.08
C SER D 209 11.83 9.95 -28.75
N ALA D 210 13.14 10.21 -28.77
CA ALA D 210 13.79 11.19 -29.66
C ALA D 210 13.92 12.63 -29.15
N GLY D 211 13.19 12.98 -28.09
CA GLY D 211 13.25 14.32 -27.50
C GLY D 211 14.63 14.78 -27.05
N THR D 212 15.38 13.89 -26.42
CA THR D 212 16.73 14.21 -25.93
C THR D 212 17.68 14.53 -27.11
N HIS D 213 17.76 13.59 -28.06
CA HIS D 213 18.55 13.74 -29.28
C HIS D 213 18.21 15.02 -30.01
N ALA D 214 16.91 15.30 -30.16
CA ALA D 214 16.46 16.45 -30.95
C ALA D 214 16.76 17.78 -30.26
N GLY D 215 16.57 17.81 -28.95
CA GLY D 215 16.89 18.99 -28.14
C GLY D 215 18.37 19.31 -28.19
N LEU D 216 19.19 18.28 -28.02
CA LEU D 216 20.65 18.43 -28.11
C LEU D 216 21.07 18.83 -29.52
N ALA D 217 20.43 18.26 -30.53
CA ALA D 217 20.73 18.60 -31.92
C ALA D 217 20.60 20.10 -32.18
N VAL D 218 19.47 20.68 -31.78
CA VAL D 218 19.23 22.11 -31.98
C VAL D 218 20.21 22.96 -31.15
N GLY D 219 20.34 22.64 -29.87
CA GLY D 219 21.26 23.36 -28.99
C GLY D 219 22.69 23.33 -29.48
N LEU D 220 23.18 22.13 -29.82
CA LEU D 220 24.57 21.96 -30.24
C LEU D 220 24.86 22.56 -31.62
N GLU D 221 23.90 22.50 -32.54
CA GLU D 221 24.10 23.13 -33.86
C GLU D 221 24.46 24.60 -33.70
N HIS D 222 23.81 25.26 -32.74
CA HIS D 222 24.00 26.70 -32.54
C HIS D 222 25.13 27.07 -31.61
N LEU D 223 25.46 26.18 -30.68
CA LEU D 223 26.48 26.47 -29.67
C LEU D 223 27.84 25.84 -29.96
N MET D 224 27.82 24.65 -30.57
CA MET D 224 29.05 23.92 -30.87
C MET D 224 28.94 23.30 -32.26
N PRO D 225 28.85 24.15 -33.32
CA PRO D 225 28.51 23.69 -34.67
C PRO D 225 29.43 22.62 -35.26
N ASP D 226 30.68 22.57 -34.81
CA ASP D 226 31.66 21.62 -35.34
C ASP D 226 31.69 20.27 -34.60
N VAL D 227 30.89 20.16 -33.55
CA VAL D 227 30.80 18.92 -32.78
C VAL D 227 29.83 17.97 -33.49
N GLU D 228 30.23 16.70 -33.63
CA GLU D 228 29.37 15.68 -34.22
C GLU D 228 28.50 14.99 -33.17
N LEU D 229 27.18 15.17 -33.28
CA LEU D 229 26.23 14.52 -32.37
C LEU D 229 25.76 13.20 -32.95
N ILE D 230 26.03 12.12 -32.22
CA ILE D 230 25.64 10.77 -32.62
C ILE D 230 24.56 10.24 -31.69
N GLY D 231 23.42 9.85 -32.28
CA GLY D 231 22.36 9.18 -31.56
C GLY D 231 22.45 7.69 -31.81
N VAL D 232 22.56 6.91 -30.72
CA VAL D 232 22.55 5.46 -30.84
C VAL D 232 21.14 4.96 -30.57
N THR D 233 20.51 4.36 -31.58
CA THR D 233 19.11 3.97 -31.43
C THR D 233 18.96 2.83 -30.43
N VAL D 234 17.85 2.85 -29.71
CA VAL D 234 17.59 1.83 -28.69
C VAL D 234 16.34 1.02 -29.04
N SER D 235 15.62 1.44 -30.08
CA SER D 235 14.35 0.77 -30.42
C SER D 235 14.04 0.63 -31.91
N ARG D 236 14.68 1.42 -32.76
CA ARG D 236 14.32 1.47 -34.18
C ARG D 236 15.54 1.50 -35.09
N SER D 237 15.31 1.14 -36.35
CA SER D 237 16.30 1.34 -37.41
C SER D 237 16.48 2.83 -37.66
N VAL D 238 17.61 3.19 -38.28
CA VAL D 238 17.84 4.58 -38.73
C VAL D 238 16.65 5.10 -39.55
N ALA D 239 16.20 4.28 -40.52
CA ALA D 239 15.11 4.69 -41.41
C ALA D 239 13.84 5.06 -40.65
N GLU D 240 13.52 4.30 -39.60
CA GLU D 240 12.33 4.58 -38.80
C GLU D 240 12.56 5.67 -37.74
N GLN D 241 13.78 5.76 -37.22
CA GLN D 241 14.07 6.71 -36.14
C GLN D 241 14.33 8.14 -36.63
N LYS D 242 15.04 8.27 -37.75
CA LYS D 242 15.47 9.59 -38.24
C LYS D 242 14.33 10.62 -38.44
N PRO D 243 13.22 10.23 -39.09
CA PRO D 243 12.14 11.21 -39.25
C PRO D 243 11.57 11.70 -37.91
N LYS D 244 11.58 10.86 -36.88
CA LYS D 244 11.13 11.31 -35.55
C LYS D 244 12.04 12.39 -34.95
N VAL D 245 13.36 12.16 -35.02
CA VAL D 245 14.31 13.14 -34.49
C VAL D 245 14.23 14.45 -35.29
N ILE D 246 14.15 14.33 -36.62
CA ILE D 246 14.10 15.50 -37.50
C ILE D 246 12.84 16.34 -37.28
N ALA D 247 11.70 15.67 -37.16
CA ALA D 247 10.42 16.35 -36.92
C ALA D 247 10.52 17.21 -35.65
N LEU D 248 11.04 16.62 -34.58
CA LEU D 248 11.24 17.33 -33.33
C LEU D 248 12.27 18.45 -33.49
N GLN D 249 13.41 18.14 -34.11
CA GLN D 249 14.45 19.13 -34.40
C GLN D 249 13.87 20.39 -35.04
N GLN D 250 13.09 20.20 -36.10
CA GLN D 250 12.52 21.32 -36.84
C GLN D 250 11.47 22.08 -36.02
N ALA D 251 10.64 21.36 -35.28
CA ALA D 251 9.63 21.98 -34.42
C ALA D 251 10.27 22.81 -33.31
N ILE D 252 11.29 22.26 -32.66
CA ILE D 252 12.03 22.97 -31.63
C ILE D 252 12.66 24.26 -32.19
N ALA D 253 13.34 24.13 -33.33
CA ALA D 253 13.99 25.28 -33.98
C ALA D 253 13.00 26.41 -34.25
N GLY D 254 11.86 26.06 -34.84
CA GLY D 254 10.77 27.02 -35.09
C GLY D 254 10.25 27.71 -33.84
N GLN D 255 10.11 26.96 -32.76
CA GLN D 255 9.63 27.52 -31.49
CA GLN D 255 9.65 27.49 -31.47
C GLN D 255 10.63 28.49 -30.87
N LEU D 256 11.89 28.41 -31.29
CA LEU D 256 12.93 29.30 -30.80
C LEU D 256 13.33 30.34 -31.85
N ALA D 257 12.56 30.44 -32.92
CA ALA D 257 12.84 31.34 -34.06
C ALA D 257 14.25 31.12 -34.63
N LEU D 258 14.59 29.86 -34.83
CA LEU D 258 15.89 29.46 -35.37
C LEU D 258 15.70 28.52 -36.55
N THR D 259 16.72 28.39 -37.38
CA THR D 259 16.77 27.34 -38.38
C THR D 259 17.67 26.25 -37.85
N ALA D 260 17.44 25.02 -38.30
CA ALA D 260 18.32 23.90 -37.97
C ALA D 260 18.62 23.13 -39.25
N THR D 261 19.85 23.30 -39.75
CA THR D 261 20.25 22.71 -41.02
C THR D 261 21.12 21.46 -40.85
N ALA D 262 21.53 21.18 -39.61
CA ALA D 262 22.38 20.03 -39.34
C ALA D 262 21.69 18.73 -39.71
N ASP D 263 22.47 17.80 -40.26
CA ASP D 263 22.02 16.46 -40.55
C ASP D 263 21.99 15.71 -39.22
N ILE D 264 20.91 14.97 -38.97
CA ILE D 264 20.83 14.08 -37.82
C ILE D 264 21.68 12.83 -38.10
N HIS D 265 22.43 12.37 -37.11
CA HIS D 265 23.21 11.14 -37.25
C HIS D 265 22.74 10.10 -36.30
N LEU D 266 22.51 8.90 -36.83
CA LEU D 266 22.03 7.78 -36.05
C LEU D 266 22.78 6.50 -36.39
N TRP D 267 23.13 5.73 -35.36
CA TRP D 267 23.65 4.37 -35.53
C TRP D 267 22.67 3.42 -34.96
N ASP D 268 22.26 2.42 -35.75
CA ASP D 268 21.23 1.47 -35.30
C ASP D 268 21.73 0.05 -35.06
N ASP D 269 23.06 -0.10 -35.00
CA ASP D 269 23.68 -1.44 -34.93
C ASP D 269 23.73 -2.04 -33.53
N TYR D 270 23.20 -1.33 -32.54
CA TYR D 270 23.52 -1.65 -31.15
C TYR D 270 22.33 -1.95 -30.23
N PHE D 271 21.14 -2.14 -30.81
CA PHE D 271 19.94 -2.38 -29.99
C PHE D 271 19.30 -3.75 -30.19
N ALA D 272 19.75 -4.50 -31.20
CA ALA D 272 19.23 -5.83 -31.47
C ALA D 272 19.43 -6.73 -30.26
N PRO D 273 18.47 -7.65 -29.99
CA PRO D 273 17.30 -7.98 -30.83
C PRO D 273 16.04 -7.10 -30.67
N GLY D 274 16.13 -5.96 -30.00
CA GLY D 274 14.97 -5.08 -29.91
C GLY D 274 14.91 -4.23 -28.65
N TYR D 275 13.97 -3.29 -28.62
CA TYR D 275 13.78 -2.41 -27.47
C TYR D 275 13.54 -3.21 -26.20
N GLY D 276 14.31 -2.89 -25.16
CA GLY D 276 14.11 -3.52 -23.85
C GLY D 276 14.70 -4.90 -23.71
N VAL D 277 15.33 -5.40 -24.76
CA VAL D 277 16.03 -6.69 -24.70
C VAL D 277 17.52 -6.45 -24.54
N PRO D 278 18.12 -6.97 -23.45
CA PRO D 278 19.56 -6.79 -23.28
C PRO D 278 20.34 -7.53 -24.36
N ASN D 279 21.51 -7.02 -24.72
CA ASN D 279 22.41 -7.75 -25.61
C ASN D 279 23.80 -7.85 -24.99
N ASP D 280 24.65 -8.68 -25.55
CA ASP D 280 25.98 -8.94 -24.99
C ASP D 280 26.86 -7.71 -24.88
N ALA D 281 26.90 -6.91 -25.95
CA ALA D 281 27.72 -5.70 -25.99
C ALA D 281 27.22 -4.65 -24.97
N GLY D 282 25.90 -4.56 -24.83
CA GLY D 282 25.29 -3.67 -23.84
C GLY D 282 25.71 -4.01 -22.42
N MET D 283 25.61 -5.30 -22.07
CA MET D 283 25.97 -5.73 -20.71
C MET D 283 27.47 -5.61 -20.46
N GLU D 284 28.29 -5.90 -21.47
CA GLU D 284 29.73 -5.67 -21.39
C GLU D 284 30.08 -4.20 -21.15
N ALA D 285 29.34 -3.29 -21.80
CA ALA D 285 29.52 -1.85 -21.58
C ALA D 285 29.15 -1.45 -20.16
N VAL D 286 28.08 -2.07 -19.64
CA VAL D 286 27.64 -1.89 -18.25
C VAL D 286 28.73 -2.37 -17.28
N LYS D 287 29.22 -3.59 -17.49
CA LYS D 287 30.30 -4.15 -16.67
C LYS D 287 31.57 -3.29 -16.75
N LEU D 288 31.83 -2.73 -17.93
CA LEU D 288 33.03 -1.92 -18.15
C LEU D 288 32.99 -0.59 -17.41
N LEU D 289 31.86 0.11 -17.48
CA LEU D 289 31.76 1.42 -16.82
C LEU D 289 31.74 1.29 -15.30
N ALA D 290 31.08 0.23 -14.82
CA ALA D 290 31.05 -0.07 -13.39
C ALA D 290 32.44 -0.42 -12.83
N SER D 291 33.13 -1.32 -13.50
CA SER D 291 34.42 -1.81 -12.99
C SER D 291 35.55 -0.77 -13.15
N LEU D 292 35.49 0.03 -14.22
CA LEU D 292 36.52 1.04 -14.48
C LEU D 292 36.26 2.40 -13.86
N GLU D 293 34.99 2.80 -13.77
CA GLU D 293 34.68 4.16 -13.32
C GLU D 293 33.76 4.24 -12.11
N GLY D 294 33.19 3.10 -11.71
CA GLY D 294 32.18 3.07 -10.65
C GLY D 294 30.91 3.78 -11.06
N VAL D 295 30.66 3.82 -12.37
CA VAL D 295 29.48 4.47 -12.95
C VAL D 295 28.48 3.41 -13.39
N LEU D 296 27.21 3.60 -13.02
CA LEU D 296 26.17 2.63 -13.35
C LEU D 296 25.38 3.00 -14.61
N LEU D 297 25.45 2.15 -15.63
CA LEU D 297 24.62 2.30 -16.82
C LEU D 297 23.39 1.41 -16.70
N ASP D 298 22.70 1.16 -17.81
CA ASP D 298 21.49 0.34 -17.79
C ASP D 298 21.34 -0.54 -19.05
N PRO D 299 20.62 -1.67 -18.94
CA PRO D 299 20.55 -2.60 -20.08
C PRO D 299 19.71 -2.15 -21.27
N VAL D 300 18.80 -1.20 -21.07
CA VAL D 300 17.86 -0.79 -22.11
C VAL D 300 18.40 0.36 -22.96
N TYR D 301 18.97 1.37 -22.30
CA TYR D 301 19.39 2.60 -22.97
C TYR D 301 20.90 2.86 -22.97
N THR D 302 21.44 3.21 -21.81
CA THR D 302 22.83 3.71 -21.75
C THR D 302 23.88 2.63 -22.00
N GLY D 303 23.56 1.39 -21.65
CA GLY D 303 24.46 0.26 -21.92
C GLY D 303 24.65 0.10 -23.42
N LYS D 304 23.53 0.15 -24.14
CA LYS D 304 23.53 0.03 -25.60
C LYS D 304 24.17 1.23 -26.28
N ALA D 305 23.87 2.44 -25.78
CA ALA D 305 24.49 3.66 -26.28
C ALA D 305 26.01 3.65 -26.08
N MET D 306 26.45 3.24 -24.88
CA MET D 306 27.87 3.15 -24.58
C MET D 306 28.56 2.10 -25.45
N ALA D 307 27.87 0.98 -25.69
CA ALA D 307 28.36 -0.05 -26.60
C ALA D 307 28.54 0.51 -28.01
N GLY D 308 27.66 1.42 -28.40
CA GLY D 308 27.75 2.13 -29.68
C GLY D 308 28.96 3.03 -29.73
N LEU D 309 29.18 3.80 -28.65
CA LEU D 309 30.35 4.66 -28.53
C LEU D 309 31.64 3.86 -28.69
N ILE D 310 31.70 2.73 -27.98
CA ILE D 310 32.89 1.87 -27.95
C ILE D 310 33.20 1.29 -29.33
N ASP D 311 32.18 0.73 -29.97
CA ASP D 311 32.33 0.20 -31.33
C ASP D 311 32.65 1.30 -32.35
N GLY D 312 32.12 2.49 -32.11
CA GLY D 312 32.41 3.64 -32.96
C GLY D 312 33.90 3.98 -32.95
N ILE D 313 34.50 3.94 -31.77
CA ILE D 313 35.96 4.06 -31.63
C ILE D 313 36.62 2.90 -32.35
N SER D 314 36.16 1.68 -32.05
CA SER D 314 36.73 0.47 -32.62
C SER D 314 36.77 0.49 -34.16
N GLN D 315 35.70 0.99 -34.77
CA GLN D 315 35.54 0.96 -36.23
C GLN D 315 35.91 2.29 -36.88
N LYS D 316 36.39 3.23 -36.08
CA LYS D 316 36.63 4.61 -36.52
C LYS D 316 35.41 5.17 -37.29
N ARG D 317 34.25 5.10 -36.64
CA ARG D 317 32.99 5.56 -37.21
C ARG D 317 32.80 7.07 -37.07
N PHE D 318 33.45 7.66 -36.07
CA PHE D 318 33.30 9.10 -35.82
C PHE D 318 33.99 9.93 -36.92
N ASN D 319 33.50 11.15 -37.12
CA ASN D 319 34.03 12.07 -38.12
C ASN D 319 35.52 12.36 -37.91
N ASP D 320 35.90 12.63 -36.66
CA ASP D 320 37.31 12.60 -36.29
C ASP D 320 37.51 11.95 -34.93
N ASP D 321 38.78 11.68 -34.62
CA ASP D 321 39.20 10.85 -33.49
CA ASP D 321 39.11 10.83 -33.47
C ASP D 321 39.39 11.61 -32.17
N GLY D 322 38.83 12.81 -32.07
CA GLY D 322 38.97 13.64 -30.86
C GLY D 322 38.15 13.17 -29.66
N PRO D 323 38.15 13.97 -28.58
CA PRO D 323 37.39 13.62 -27.37
C PRO D 323 35.91 13.41 -27.64
N ILE D 324 35.31 12.49 -26.89
CA ILE D 324 33.89 12.19 -26.97
C ILE D 324 33.21 12.48 -25.63
N LEU D 325 32.05 13.12 -25.68
CA LEU D 325 31.19 13.29 -24.53
C LEU D 325 30.02 12.32 -24.60
N PHE D 326 29.89 11.48 -23.56
CA PHE D 326 28.75 10.59 -23.42
C PHE D 326 27.68 11.27 -22.56
N ILE D 327 26.44 11.28 -23.05
CA ILE D 327 25.35 11.84 -22.27
C ILE D 327 24.75 10.71 -21.44
N HIS D 328 25.02 10.73 -20.14
CA HIS D 328 24.42 9.72 -19.28
C HIS D 328 23.01 10.11 -18.96
N THR D 329 22.08 9.48 -19.66
CA THR D 329 20.66 9.78 -19.55
C THR D 329 19.95 9.08 -18.37
N GLY D 330 20.66 8.17 -17.70
CA GLY D 330 20.15 7.53 -16.48
C GLY D 330 19.83 6.06 -16.66
N GLY D 331 18.70 5.62 -16.08
CA GLY D 331 18.18 4.28 -16.32
C GLY D 331 18.54 3.17 -15.33
N ALA D 332 19.46 3.44 -14.41
CA ALA D 332 20.01 2.41 -13.51
C ALA D 332 19.00 1.58 -12.71
N PRO D 333 17.84 2.16 -12.32
CA PRO D 333 16.87 1.32 -11.60
C PRO D 333 16.40 0.09 -12.38
N ALA D 334 16.54 0.11 -13.70
CA ALA D 334 16.19 -1.06 -14.52
C ALA D 334 17.13 -2.26 -14.29
N LEU D 335 18.35 -2.00 -13.81
CA LEU D 335 19.28 -3.08 -13.49
C LEU D 335 18.64 -4.10 -12.55
N PHE D 336 17.88 -3.59 -11.57
CA PHE D 336 17.26 -4.45 -10.56
C PHE D 336 16.04 -5.19 -11.08
N ALA D 337 15.42 -4.63 -12.11
CA ALA D 337 14.30 -5.28 -12.77
C ALA D 337 14.76 -6.37 -13.73
N TYR D 338 15.91 -6.16 -14.37
CA TYR D 338 16.40 -7.08 -15.39
C TYR D 338 17.15 -8.27 -14.81
N HIS D 339 17.58 -8.15 -13.56
CA HIS D 339 18.27 -9.22 -12.86
C HIS D 339 17.27 -10.23 -12.33
N PRO D 340 17.57 -11.54 -12.45
CA PRO D 340 18.77 -12.15 -13.05
C PRO D 340 18.67 -12.30 -14.57
N HIS D 341 17.45 -12.41 -15.08
CA HIS D 341 17.20 -12.52 -16.52
C HIS D 341 15.80 -12.13 -16.88
N VAL D 342 15.64 -11.85 -18.17
N VAL D 342 15.55 -11.87 -18.16
CA VAL D 342 14.37 -11.55 -18.84
CA VAL D 342 14.21 -11.58 -18.63
C VAL D 342 13.39 -10.73 -18.00
C VAL D 342 13.71 -12.62 -19.64
CL CL E . -42.46 -24.85 -1.80
C1 BEN F . -38.39 -28.17 -2.04
C2 BEN F . -38.64 -28.52 -0.70
C3 BEN F . -37.66 -29.17 0.05
C4 BEN F . -36.42 -29.46 -0.52
C5 BEN F . -36.16 -29.10 -1.86
C6 BEN F . -37.15 -28.45 -2.61
C BEN F . -39.46 -27.47 -2.84
N1 BEN F . -39.60 -27.70 -4.07
N2 BEN F . -40.30 -26.61 -2.25
C PYR G . -9.75 -28.48 4.52
O PYR G . -8.97 -28.91 5.42
OXT PYR G . -10.48 -29.25 3.87
CA PYR G . -9.84 -27.07 4.17
O3 PYR G . -10.95 -26.55 4.16
CB PYR G . -8.60 -26.29 3.84
S SO4 H . -10.45 -21.32 5.08
O1 SO4 H . -8.97 -21.37 5.01
O2 SO4 H . -10.91 -22.63 5.58
O3 SO4 H . -10.90 -20.24 5.97
O4 SO4 H . -11.01 -21.05 3.74
C1 BEN I . -0.15 13.51 13.38
C2 BEN I . -0.74 13.74 12.13
C3 BEN I . -0.72 12.75 11.15
C4 BEN I . -0.11 11.52 11.42
C5 BEN I . 0.48 11.29 12.66
C6 BEN I . 0.46 12.28 13.64
C BEN I . -0.18 14.58 14.43
N1 BEN I . -0.45 14.30 15.63
N2 BEN I . 0.08 15.84 14.10
C1 EDO J . -16.96 26.21 1.35
O1 EDO J . -16.21 25.59 0.30
C2 EDO J . -18.06 27.08 0.75
O2 EDO J . -18.94 26.27 -0.04
S SO4 K . -25.51 5.14 -1.05
O1 SO4 K . -24.19 4.74 -1.57
O2 SO4 K . -25.90 4.19 0.00
O3 SO4 K . -26.52 5.13 -2.14
O4 SO4 K . -25.46 6.50 -0.49
C1 EDO L . 9.59 -6.40 2.86
O1 EDO L . 10.78 -7.18 2.76
C2 EDO L . 9.90 -4.95 2.51
O2 EDO L . 10.14 -4.87 1.10
S SO4 M . 25.68 -0.42 5.89
O1 SO4 M . 24.40 -1.08 5.52
O2 SO4 M . 26.77 -1.42 5.97
O3 SO4 M . 25.56 0.22 7.21
O4 SO4 M . 25.98 0.62 4.88
C PYR N . 26.27 -1.97 12.67
O PYR N . 26.65 -2.46 11.59
OXT PYR N . 27.02 -1.89 13.68
CA PYR N . 24.90 -1.46 12.79
O3 PYR N . 24.48 -1.10 13.87
CB PYR N . 24.04 -1.40 11.57
C1 BEN O . 39.31 -1.32 -27.02
C2 BEN O . 39.52 0.02 -27.36
C3 BEN O . 38.56 0.72 -28.09
C4 BEN O . 37.37 0.10 -28.47
C5 BEN O . 37.16 -1.24 -28.13
C6 BEN O . 38.12 -1.95 -27.42
C BEN O . 40.35 -2.09 -26.24
N1 BEN O . 40.41 -3.40 -26.36
N2 BEN O . 41.16 -1.48 -25.49
C PYR P . 11.32 4.07 -27.34
O PYR P . 12.41 4.30 -26.79
OXT PYR P . 11.21 3.96 -28.57
CA PYR P . 10.14 3.92 -26.50
O3 PYR P . 9.75 4.89 -25.88
CB PYR P . 9.47 2.59 -26.41
S SO4 Q . 11.14 5.51 -21.12
O1 SO4 Q . 11.64 6.04 -22.41
O2 SO4 Q . 11.78 4.22 -20.77
O3 SO4 Q . 9.68 5.34 -21.25
O4 SO4 Q . 11.49 6.43 -20.03
#